data_6PIS
#
_entry.id   6PIS
#
_cell.length_a   72.450
_cell.length_b   154.510
_cell.length_c   202.850
_cell.angle_alpha   90.00
_cell.angle_beta   90.00
_cell.angle_gamma   90.00
#
_symmetry.space_group_name_H-M   'P 21 21 21'
#
loop_
_entity.id
_entity.type
_entity.pdbx_description
1 polymer 'Potassium channel subfamily K member 4'
2 polymer 'ANTIBODY FAB FRAGMENT LIGHT CHAIN'
3 polymer 'ANTIBODY FAB FRAGMENT HEAVY CHAIN'
4 non-polymer 'POTASSIUM ION'
#
loop_
_entity_poly.entity_id
_entity_poly.type
_entity_poly.pdbx_seq_one_letter_code
_entity_poly.pdbx_strand_id
1 'polypeptide(L)'
;MTTAPQEPPARPLQAGSGAGPAPGRAMRSTTLLALLALVLLYLVSGALVFQALEQPHEQQAQKKMDHGRDQFLRDHPCVS
QKSLEDFIKLLVEALGGGANPETSWTQSSQHSSAWNLGSAFFFSGTIITTIGYGNIVLHTDAGRLFCIFYALVGIPLFGM
LLAGVGDRLGSSLRRGIGHIEAIFLKWHVPPGLVRSLSAVLFLLIGCLLFVLTPTFVFSYMESWSKLEAIYFVIVTLTTV
GFGDYVPGDGTGQNSPAYQPLVWFWILFGLAYFASVLTTIGNWLRAVSRRTRAEMGGLTAQSNSLEVLFQ
;
A,B
2 'polypeptide(L)'
;DIQLTQLPSFLSVSPGDKVTITCKASQNINQYLHWYQQKPEEAPKLLIYGASNLQTGIPSRFSGSGYGTDFSLTINSLDS
EDVGTYFCQQGYTPRTFGPGTKLEIKRADAKPTVSIFPPSSEQLGTGSATLVCFVNNFYPKDINVKWKVDGSEKRDGVLQ
SVTDQDSKDSTYSLSSTLSLTKADYERHNLYTCEVTHKTSTAAIVKTLNRNEC
;
L,M
3 'polypeptide(L)'
;QLQLQESGPGLVKPSQSLSLACSVTGFSLSTGGYQWTWIRQFPGKKLEWMGYISYAGGITYNPSLKSRISITRDTSKNQF
FLQLNTVTTEDTATHYCARVQYSGYGNAYFDVWGQGIQVTVSSATTTAPSVYPLAPACDSTTSTTNTVTLGCLVKGYFPE
PVTVSWNSGALTSGVHTFPSVLHSGLYSLSSSVTVPSSTWPSQTVTCNVAHPASSTKVDKKIVP
;
H,I
#
loop_
_chem_comp.id
_chem_comp.type
_chem_comp.name
_chem_comp.formula
K non-polymer 'POTASSIUM ION' 'K 1'
#
# COMPACT_ATOMS: atom_id res chain seq x y z
N ARG A 28 -3.72 41.60 39.70
CA ARG A 28 -4.92 42.45 40.03
C ARG A 28 -6.20 41.71 39.60
N SER A 29 -6.93 41.17 40.60
CA SER A 29 -7.79 39.98 40.43
C SER A 29 -9.03 40.26 39.58
N THR A 30 -9.39 41.54 39.42
CA THR A 30 -10.45 41.96 38.50
C THR A 30 -9.92 41.95 37.05
N THR A 31 -8.67 42.40 36.88
CA THR A 31 -8.04 42.54 35.56
C THR A 31 -7.82 41.14 34.94
N LEU A 32 -7.54 40.13 35.77
CA LEU A 32 -7.21 38.77 35.31
C LEU A 32 -8.47 38.02 34.85
N LEU A 33 -9.60 38.24 35.51
CA LEU A 33 -10.89 37.75 35.04
C LEU A 33 -11.24 38.41 33.70
N ALA A 34 -10.88 39.69 33.54
CA ALA A 34 -11.09 40.42 32.28
C ALA A 34 -10.25 39.81 31.15
N LEU A 35 -9.04 39.33 31.49
CA LEU A 35 -8.14 38.70 30.53
C LEU A 35 -8.71 37.34 30.10
N LEU A 36 -9.04 36.50 31.07
CA LEU A 36 -9.66 35.18 30.85
C LEU A 36 -10.79 35.28 29.81
N ALA A 37 -11.69 36.24 30.01
CA ALA A 37 -12.85 36.45 29.14
C ALA A 37 -12.41 36.82 27.72
N LEU A 38 -11.32 37.59 27.63
CA LEU A 38 -10.68 37.97 26.35
C LEU A 38 -10.11 36.71 25.67
N VAL A 39 -9.34 35.93 26.43
CA VAL A 39 -8.76 34.66 25.97
C VAL A 39 -9.89 33.75 25.45
N LEU A 40 -10.97 33.60 26.24
CA LEU A 40 -12.07 32.70 25.90
C LEU A 40 -12.77 33.16 24.61
N LEU A 41 -12.93 34.48 24.45
CA LEU A 41 -13.48 35.06 23.21
C LEU A 41 -12.49 34.90 22.04
N TYR A 42 -11.19 34.91 22.36
CA TYR A 42 -10.13 34.76 21.35
C TYR A 42 -10.10 33.34 20.80
N LEU A 43 -10.07 32.36 21.72
CA LEU A 43 -10.16 30.94 21.38
C LEU A 43 -11.36 30.70 20.47
N VAL A 44 -12.54 31.15 20.90
CA VAL A 44 -13.75 31.04 20.12
C VAL A 44 -13.52 31.68 18.74
N SER A 45 -13.15 32.96 18.71
CA SER A 45 -13.02 33.71 17.45
C SER A 45 -12.02 33.01 16.51
N GLY A 46 -10.95 32.45 17.09
CA GLY A 46 -10.05 31.51 16.40
C GLY A 46 -10.80 30.35 15.77
N ALA A 47 -11.41 29.52 16.62
CA ALA A 47 -12.01 28.22 16.24
C ALA A 47 -13.00 28.38 15.08
N LEU A 48 -13.64 29.55 15.02
CA LEU A 48 -14.58 29.88 13.97
C LEU A 48 -13.84 30.11 12.65
N VAL A 49 -12.62 30.65 12.74
CA VAL A 49 -11.77 30.88 11.56
C VAL A 49 -11.21 29.54 11.08
N PHE A 50 -10.67 28.75 12.02
CA PHE A 50 -10.11 27.46 11.67
C PHE A 50 -11.18 26.58 11.03
N GLN A 51 -12.32 26.43 11.72
CA GLN A 51 -13.46 25.67 11.22
C GLN A 51 -13.81 26.12 9.79
N ALA A 52 -13.97 27.43 9.60
CA ALA A 52 -14.45 27.96 8.34
C ALA A 52 -13.48 27.57 7.21
N LEU A 53 -12.19 27.44 7.54
CA LEU A 53 -11.15 27.19 6.57
C LEU A 53 -10.99 25.69 6.30
N GLU A 54 -11.19 24.87 7.33
CA GLU A 54 -10.78 23.46 7.31
C GLU A 54 -11.98 22.55 7.07
N GLN A 55 -13.10 22.79 7.76
CA GLN A 55 -14.26 21.90 7.76
C GLN A 55 -14.59 21.45 6.34
N PRO A 56 -14.50 22.31 5.31
CA PRO A 56 -14.72 21.90 3.91
C PRO A 56 -13.85 20.75 3.38
N HIS A 57 -12.72 20.48 4.03
CA HIS A 57 -11.76 19.43 3.64
C HIS A 57 -11.62 18.35 4.72
N GLU A 58 -12.67 18.12 5.52
CA GLU A 58 -12.71 17.01 6.45
C GLU A 58 -12.57 15.72 5.66
N GLN A 59 -13.49 15.50 4.71
CA GLN A 59 -13.74 14.17 4.11
C GLN A 59 -12.77 13.90 2.97
N GLN A 60 -11.97 14.93 2.63
CA GLN A 60 -10.88 14.85 1.68
C GLN A 60 -10.11 13.54 1.87
N ALA A 61 -9.53 13.35 3.07
CA ALA A 61 -8.61 12.25 3.33
C ALA A 61 -9.26 10.91 2.97
N GLN A 62 -10.53 10.73 3.35
CA GLN A 62 -11.22 9.46 3.18
C GLN A 62 -11.56 9.25 1.69
N LYS A 63 -11.79 10.34 0.96
CA LYS A 63 -12.09 10.22 -0.46
C LYS A 63 -10.87 9.70 -1.21
N LYS A 64 -9.68 10.18 -0.81
CA LYS A 64 -8.42 9.76 -1.40
C LYS A 64 -8.27 8.24 -1.25
N MET A 65 -8.40 7.77 -0.01
CA MET A 65 -8.19 6.39 0.28
C MET A 65 -9.18 5.57 -0.55
N ASP A 66 -10.47 5.82 -0.31
CA ASP A 66 -11.52 5.01 -0.86
C ASP A 66 -11.29 4.86 -2.37
N HIS A 67 -10.91 5.97 -3.02
CA HIS A 67 -10.67 6.00 -4.46
C HIS A 67 -9.44 5.16 -4.83
N GLY A 68 -8.36 5.34 -4.06
CA GLY A 68 -7.11 4.61 -4.29
C GLY A 68 -7.26 3.11 -4.14
N ARG A 69 -7.95 2.68 -3.08
CA ARG A 69 -8.29 1.28 -2.88
C ARG A 69 -8.91 0.72 -4.16
N ASP A 70 -9.94 1.40 -4.69
CA ASP A 70 -10.77 0.87 -5.75
C ASP A 70 -9.99 0.78 -7.06
N GLN A 71 -9.10 1.75 -7.29
CA GLN A 71 -8.30 1.77 -8.48
C GLN A 71 -7.36 0.56 -8.47
N PHE A 72 -6.79 0.28 -7.30
CA PHE A 72 -5.83 -0.79 -7.15
C PHE A 72 -6.49 -2.14 -7.46
N LEU A 73 -7.73 -2.33 -7.00
CA LEU A 73 -8.53 -3.52 -7.29
C LEU A 73 -8.81 -3.61 -8.80
N ARG A 74 -9.25 -2.49 -9.40
CA ARG A 74 -9.57 -2.42 -10.83
C ARG A 74 -8.29 -2.70 -11.63
N ASP A 75 -7.17 -2.13 -11.18
CA ASP A 75 -5.90 -2.20 -11.88
C ASP A 75 -5.32 -3.63 -11.81
N HIS A 76 -5.64 -4.39 -10.74
CA HIS A 76 -5.10 -5.75 -10.54
C HIS A 76 -6.25 -6.74 -10.38
N PRO A 77 -6.67 -7.43 -11.47
CA PRO A 77 -7.78 -8.36 -11.37
C PRO A 77 -7.43 -9.65 -10.59
N CYS A 78 -6.13 -9.98 -10.49
CA CYS A 78 -5.73 -11.20 -9.73
C CYS A 78 -5.86 -10.99 -8.22
N VAL A 79 -5.98 -9.73 -7.77
CA VAL A 79 -6.24 -9.36 -6.36
C VAL A 79 -7.75 -9.34 -6.06
N SER A 80 -8.12 -9.91 -4.91
CA SER A 80 -9.51 -9.95 -4.45
C SER A 80 -9.70 -8.98 -3.29
N GLN A 81 -10.95 -8.50 -3.12
CA GLN A 81 -11.29 -7.46 -2.16
C GLN A 81 -10.88 -7.93 -0.76
N LYS A 82 -11.24 -9.18 -0.44
CA LYS A 82 -11.20 -9.68 0.92
C LYS A 82 -9.76 -10.11 1.25
N SER A 83 -8.94 -10.30 0.22
CA SER A 83 -7.50 -10.44 0.39
C SER A 83 -6.88 -9.09 0.77
N LEU A 84 -7.13 -8.06 -0.04
CA LEU A 84 -6.52 -6.73 0.11
C LEU A 84 -6.96 -6.10 1.44
N GLU A 85 -8.22 -6.33 1.81
CA GLU A 85 -8.83 -5.76 3.01
C GLU A 85 -8.03 -6.18 4.24
N ASP A 86 -7.50 -7.42 4.23
CA ASP A 86 -6.64 -7.95 5.31
C ASP A 86 -5.33 -7.16 5.35
N PHE A 87 -4.68 -7.08 4.19
CA PHE A 87 -3.40 -6.45 4.09
C PHE A 87 -3.45 -5.06 4.74
N ILE A 88 -4.49 -4.29 4.43
CA ILE A 88 -4.65 -2.97 5.01
C ILE A 88 -4.67 -3.08 6.54
N LYS A 89 -5.45 -4.03 7.07
CA LYS A 89 -5.60 -4.20 8.52
C LYS A 89 -4.23 -4.41 9.14
N LEU A 90 -3.33 -5.07 8.41
CA LEU A 90 -1.96 -5.23 8.86
C LEU A 90 -1.27 -3.86 8.94
N LEU A 91 -1.37 -3.08 7.87
CA LEU A 91 -0.70 -1.79 7.79
C LEU A 91 -1.04 -0.94 9.02
N VAL A 92 -2.34 -0.78 9.26
CA VAL A 92 -2.81 0.01 10.36
C VAL A 92 -2.14 -0.50 11.64
N GLU A 93 -2.15 -1.83 11.84
CA GLU A 93 -1.60 -2.46 13.03
C GLU A 93 -0.08 -2.22 13.10
N ALA A 94 0.59 -2.28 11.95
CA ALA A 94 2.04 -2.14 11.91
C ALA A 94 2.43 -0.68 12.13
N LEU A 95 1.65 0.24 11.57
CA LEU A 95 1.93 1.66 11.70
C LEU A 95 1.69 2.08 13.14
N GLY A 96 0.59 1.57 13.72
CA GLY A 96 0.30 1.67 15.15
C GLY A 96 1.40 1.07 16.00
N GLY A 97 2.00 -0.03 15.54
CA GLY A 97 3.13 -0.67 16.21
C GLY A 97 4.42 0.13 16.07
N GLY A 98 4.51 0.88 14.97
CA GLY A 98 5.56 1.87 14.73
C GLY A 98 6.61 1.36 13.76
N ALA A 99 6.15 0.82 12.61
CA ALA A 99 7.00 0.52 11.48
C ALA A 99 6.79 1.61 10.42
N ASN A 100 7.69 1.65 9.43
CA ASN A 100 7.60 2.61 8.34
C ASN A 100 7.84 1.88 7.04
N PRO A 101 6.79 1.67 6.22
CA PRO A 101 7.00 1.33 4.81
C PRO A 101 7.60 2.47 3.98
N SER A 113 16.05 2.68 9.94
CA SER A 113 15.64 2.40 11.33
C SER A 113 15.20 3.69 12.02
N ALA A 114 14.06 3.64 12.70
CA ALA A 114 13.43 4.83 13.29
C ALA A 114 14.01 5.12 14.68
N TRP A 115 14.57 4.07 15.31
CA TRP A 115 15.18 4.16 16.64
C TRP A 115 16.68 3.83 16.55
N ASN A 116 17.34 4.30 15.49
CA ASN A 116 18.78 4.34 15.46
C ASN A 116 19.23 5.39 16.47
N LEU A 117 20.54 5.64 16.52
CA LEU A 117 21.18 6.58 17.44
C LEU A 117 20.77 8.01 17.04
N GLY A 118 20.85 8.31 15.74
CA GLY A 118 20.76 9.66 15.18
C GLY A 118 19.37 10.26 15.29
N SER A 119 18.35 9.40 15.13
CA SER A 119 16.96 9.77 15.34
C SER A 119 16.67 9.92 16.84
N ALA A 120 17.25 9.01 17.64
CA ALA A 120 16.99 8.93 19.07
C ALA A 120 17.42 10.23 19.73
N PHE A 121 18.64 10.66 19.44
CA PHE A 121 19.15 11.95 19.89
C PHE A 121 18.11 13.02 19.61
N PHE A 122 17.76 13.16 18.33
CA PHE A 122 16.84 14.17 17.87
C PHE A 122 15.55 14.11 18.69
N PHE A 123 15.02 12.90 18.87
CA PHE A 123 13.85 12.65 19.70
C PHE A 123 14.09 13.18 21.12
N SER A 124 15.16 12.70 21.75
CA SER A 124 15.56 13.14 23.09
C SER A 124 15.51 14.67 23.16
N GLY A 125 16.00 15.31 22.09
CA GLY A 125 16.00 16.77 21.96
C GLY A 125 14.60 17.35 22.00
N THR A 126 13.65 16.71 21.32
CA THR A 126 12.29 17.23 21.19
C THR A 126 11.61 17.30 22.56
N ILE A 127 12.08 16.48 23.50
CA ILE A 127 11.47 16.37 24.81
C ILE A 127 11.84 17.59 25.66
N ILE A 128 13.14 17.82 25.83
CA ILE A 128 13.64 18.86 26.75
C ILE A 128 13.22 20.24 26.23
N THR A 129 13.19 20.38 24.91
CA THR A 129 12.82 21.63 24.24
C THR A 129 11.30 21.85 24.28
N THR A 130 10.56 20.84 24.73
CA THR A 130 9.10 20.90 24.88
C THR A 130 8.46 21.23 23.52
N ILE A 131 9.00 20.64 22.44
CA ILE A 131 8.47 20.81 21.10
C ILE A 131 7.58 19.61 20.77
N GLY A 132 8.12 18.41 21.01
CA GLY A 132 7.33 17.17 21.10
C GLY A 132 6.50 16.93 19.84
N TYR A 133 7.19 16.90 18.70
CA TYR A 133 6.58 16.66 17.39
C TYR A 133 5.60 15.49 17.46
N GLY A 134 5.99 14.43 18.18
CA GLY A 134 5.30 13.14 18.12
C GLY A 134 5.44 12.50 16.75
N ASN A 135 6.49 12.89 16.04
CA ASN A 135 6.91 12.31 14.80
C ASN A 135 7.12 10.81 14.99
N ILE A 136 7.84 10.45 16.07
CA ILE A 136 7.88 9.07 16.53
C ILE A 136 7.36 9.06 17.97
N VAL A 137 6.89 7.88 18.41
CA VAL A 137 6.11 7.76 19.63
C VAL A 137 6.61 6.54 20.41
N LEU A 138 6.54 6.65 21.73
CA LEU A 138 6.97 5.60 22.64
C LEU A 138 5.84 4.57 22.76
N HIS A 139 6.13 3.34 22.32
CA HIS A 139 5.17 2.26 22.34
C HIS A 139 5.23 1.56 23.70
N THR A 140 6.45 1.21 24.14
CA THR A 140 6.70 0.44 25.36
C THR A 140 6.35 1.30 26.59
N ASP A 141 6.05 0.62 27.71
CA ASP A 141 5.68 1.27 28.94
C ASP A 141 6.95 1.79 29.64
N ALA A 142 7.91 0.87 29.82
CA ALA A 142 9.28 1.20 30.19
C ALA A 142 9.65 2.59 29.67
N GLY A 143 9.58 2.74 28.33
CA GLY A 143 10.01 3.97 27.65
C GLY A 143 9.22 5.18 28.07
N ARG A 144 7.90 4.98 28.22
CA ARG A 144 7.01 6.02 28.69
C ARG A 144 7.44 6.45 30.08
N LEU A 145 7.66 5.47 30.95
CA LEU A 145 8.02 5.70 32.34
C LEU A 145 9.31 6.53 32.41
N PHE A 146 10.36 6.05 31.74
CA PHE A 146 11.65 6.73 31.69
C PHE A 146 11.48 8.14 31.10
N CYS A 147 10.63 8.24 30.07
CA CYS A 147 10.34 9.49 29.39
C CYS A 147 9.87 10.55 30.40
N ILE A 148 9.13 10.12 31.42
CA ILE A 148 8.61 11.01 32.46
C ILE A 148 9.78 11.67 33.20
N PHE A 149 10.62 10.86 33.86
CA PHE A 149 11.72 11.35 34.69
C PHE A 149 12.68 12.19 33.84
N TYR A 150 12.92 11.73 32.60
CA TYR A 150 13.84 12.36 31.64
C TYR A 150 13.39 13.80 31.30
N ALA A 151 12.07 14.01 31.25
CA ALA A 151 11.47 15.29 30.93
C ALA A 151 11.65 16.25 32.11
N LEU A 152 11.36 15.75 33.31
CA LEU A 152 11.23 16.55 34.52
C LEU A 152 12.59 17.18 34.85
N VAL A 153 13.65 16.39 34.68
CA VAL A 153 15.02 16.83 34.82
C VAL A 153 15.39 17.70 33.61
N GLY A 154 15.17 17.16 32.41
CA GLY A 154 15.75 17.67 31.17
C GLY A 154 15.28 19.08 30.86
N ILE A 155 13.98 19.31 31.00
CA ILE A 155 13.38 20.58 30.59
C ILE A 155 14.05 21.72 31.34
N PRO A 156 14.01 21.75 32.70
CA PRO A 156 14.59 22.86 33.43
C PRO A 156 16.09 23.02 33.15
N LEU A 157 16.81 21.90 32.97
CA LEU A 157 18.22 21.91 32.56
C LEU A 157 18.38 22.68 31.24
N PHE A 158 17.46 22.44 30.31
CA PHE A 158 17.44 23.17 29.05
C PHE A 158 17.01 24.63 29.31
N GLY A 159 15.96 24.80 30.12
CA GLY A 159 15.40 26.12 30.45
C GLY A 159 16.46 27.06 31.02
N MET A 160 17.35 26.50 31.84
CA MET A 160 18.53 27.20 32.35
C MET A 160 19.43 27.62 31.18
N LEU A 161 19.87 26.63 30.39
CA LEU A 161 20.81 26.86 29.28
C LEU A 161 20.28 27.96 28.34
N LEU A 162 18.98 27.90 28.03
CA LEU A 162 18.34 28.86 27.11
C LEU A 162 18.31 30.26 27.75
N ALA A 163 18.10 30.31 29.07
CA ALA A 163 18.11 31.56 29.82
C ALA A 163 19.51 32.17 29.82
N GLY A 164 20.53 31.30 29.90
CA GLY A 164 21.94 31.69 29.84
C GLY A 164 22.34 32.22 28.47
N VAL A 165 21.90 31.51 27.42
CA VAL A 165 22.17 31.88 26.02
C VAL A 165 21.40 33.18 25.69
N GLY A 166 20.23 33.38 26.31
CA GLY A 166 19.37 34.55 26.08
C GLY A 166 19.86 35.80 26.78
N ASP A 167 20.80 35.63 27.73
CA ASP A 167 21.54 36.73 28.38
C ASP A 167 22.79 37.08 27.56
N ARG A 168 23.53 36.06 27.12
CA ARG A 168 24.79 36.25 26.40
C ARG A 168 24.51 36.66 24.95
N LEU A 169 23.52 36.01 24.31
CA LEU A 169 23.02 36.43 22.98
C LEU A 169 22.32 37.80 23.11
N GLY A 170 21.75 38.07 24.30
CA GLY A 170 21.24 39.38 24.68
C GLY A 170 22.32 40.45 24.68
N SER A 171 23.43 40.18 25.38
CA SER A 171 24.56 41.11 25.51
C SER A 171 25.44 41.08 24.25
N SER A 172 25.29 40.04 23.41
CA SER A 172 26.01 39.89 22.13
C SER A 172 25.46 40.87 21.09
N LEU A 173 24.14 40.87 20.91
CA LEU A 173 23.44 41.71 19.93
C LEU A 173 23.47 43.18 20.39
N ARG A 174 23.49 43.40 21.72
CA ARG A 174 23.55 44.75 22.33
C ARG A 174 24.88 45.43 22.00
N ARG A 175 25.98 44.66 22.07
CA ARG A 175 27.34 45.13 21.79
C ARG A 175 27.59 45.13 20.27
N GLY A 176 26.86 44.27 19.54
CA GLY A 176 26.88 44.26 18.07
C GLY A 176 26.28 45.52 17.47
N ILE A 177 25.00 45.75 17.76
CA ILE A 177 24.24 46.92 17.25
C ILE A 177 24.69 48.19 18.00
N GLY A 178 25.36 48.00 19.14
CA GLY A 178 26.04 49.07 19.89
C GLY A 178 27.04 49.86 19.05
N HIS A 179 27.66 49.20 18.06
CA HIS A 179 28.61 49.84 17.11
C HIS A 179 27.86 50.74 16.12
N ILE A 180 26.67 50.31 15.69
CA ILE A 180 25.85 51.01 14.66
C ILE A 180 24.99 52.10 15.33
N GLU A 181 24.93 52.11 16.68
CA GLU A 181 24.25 53.16 17.47
C GLU A 181 24.97 54.50 17.32
N ALA A 182 26.28 54.46 17.08
CA ALA A 182 27.12 55.65 16.91
C ALA A 182 26.75 56.41 15.63
N ILE A 183 26.33 55.67 14.59
CA ILE A 183 25.96 56.24 13.27
C ILE A 183 24.53 56.81 13.33
N PHE A 184 23.67 56.22 14.18
CA PHE A 184 22.27 56.65 14.36
C PHE A 184 22.21 58.02 15.05
N LEU A 185 22.99 58.19 16.11
CA LEU A 185 23.08 59.42 16.93
C LEU A 185 23.49 60.63 16.08
N LYS A 186 24.37 60.41 15.08
CA LYS A 186 25.00 61.49 14.27
C LYS A 186 24.01 62.05 13.25
N TRP A 187 23.06 61.21 12.80
CA TRP A 187 22.16 61.53 11.68
C TRP A 187 20.81 62.04 12.21
N HIS A 188 20.85 63.10 13.03
CA HIS A 188 19.65 63.82 13.48
C HIS A 188 18.67 62.86 14.19
N VAL A 189 19.19 62.12 15.19
CA VAL A 189 18.43 61.17 16.01
C VAL A 189 18.91 61.31 17.45
N PRO A 190 18.02 61.61 18.43
CA PRO A 190 18.41 61.66 19.85
C PRO A 190 18.72 60.28 20.43
N PRO A 191 19.37 60.19 21.63
CA PRO A 191 19.70 58.89 22.23
C PRO A 191 18.54 58.15 22.92
N GLY A 192 17.37 58.81 23.02
CA GLY A 192 16.11 58.17 23.44
C GLY A 192 15.40 57.42 22.32
N LEU A 193 15.62 57.84 21.07
CA LEU A 193 14.97 57.26 19.88
C LEU A 193 15.80 56.10 19.29
N VAL A 194 17.11 56.07 19.57
CA VAL A 194 18.03 55.04 19.04
C VAL A 194 17.75 53.68 19.72
N ARG A 195 17.12 53.71 20.90
CA ARG A 195 16.77 52.50 21.67
C ARG A 195 15.60 51.74 21.01
N SER A 196 14.81 52.43 20.17
CA SER A 196 13.71 51.83 19.41
C SER A 196 14.20 51.34 18.03
N LEU A 197 15.16 52.07 17.44
CA LEU A 197 15.73 51.74 16.12
C LEU A 197 16.61 50.49 16.22
N SER A 198 17.42 50.41 17.29
CA SER A 198 18.29 49.27 17.55
C SER A 198 17.47 48.06 18.03
N ALA A 199 16.37 48.31 18.74
CA ALA A 199 15.43 47.25 19.14
C ALA A 199 14.79 46.60 17.91
N VAL A 200 14.49 47.41 16.88
CA VAL A 200 13.96 46.96 15.59
C VAL A 200 15.02 46.10 14.87
N LEU A 201 16.28 46.53 14.94
CA LEU A 201 17.37 45.93 14.17
C LEU A 201 17.90 44.67 14.86
N PHE A 202 17.83 44.62 16.20
CA PHE A 202 18.01 43.38 16.99
C PHE A 202 17.13 42.27 16.40
N LEU A 203 15.89 42.63 16.06
CA LEU A 203 14.88 41.73 15.55
C LEU A 203 15.12 41.49 14.05
N LEU A 204 15.19 42.57 13.25
CA LEU A 204 15.21 42.46 11.79
C LEU A 204 16.44 41.69 11.29
N ILE A 205 17.54 41.80 12.05
CA ILE A 205 18.76 41.05 11.77
C ILE A 205 18.59 39.60 12.24
N GLY A 206 18.15 39.42 13.49
CA GLY A 206 17.91 38.11 14.06
C GLY A 206 16.89 37.36 13.23
N CYS A 207 15.77 38.03 12.98
CA CYS A 207 14.73 37.61 12.05
C CYS A 207 15.36 37.11 10.74
N LEU A 208 16.19 37.94 10.10
CA LEU A 208 16.81 37.59 8.83
C LEU A 208 17.55 36.26 8.97
N LEU A 209 18.31 36.10 10.06
CA LEU A 209 19.18 34.94 10.24
C LEU A 209 18.35 33.71 10.59
N PHE A 210 17.31 33.91 11.42
CA PHE A 210 16.70 32.84 12.21
C PHE A 210 15.32 32.47 11.68
N VAL A 211 14.80 33.24 10.71
CA VAL A 211 13.48 32.98 10.11
C VAL A 211 13.63 32.97 8.59
N LEU A 212 13.94 34.14 8.01
CA LEU A 212 14.00 34.32 6.55
C LEU A 212 14.97 33.30 5.95
N THR A 213 16.18 33.19 6.53
CA THR A 213 17.23 32.35 5.98
C THR A 213 16.79 30.89 6.03
N PRO A 214 16.45 30.33 7.22
CA PRO A 214 16.04 28.93 7.33
C PRO A 214 14.92 28.53 6.37
N THR A 215 13.97 29.45 6.13
CA THR A 215 12.79 29.16 5.30
C THR A 215 13.23 28.76 3.88
N PHE A 216 14.17 29.52 3.32
CA PHE A 216 14.76 29.17 2.04
C PHE A 216 15.40 27.78 2.16
N VAL A 217 16.20 27.62 3.23
CA VAL A 217 17.05 26.44 3.45
C VAL A 217 16.20 25.17 3.36
N PHE A 218 15.11 25.15 4.13
CA PHE A 218 14.23 23.99 4.24
C PHE A 218 13.41 23.82 2.97
N SER A 219 12.78 24.92 2.52
CA SER A 219 12.07 24.97 1.26
C SER A 219 12.90 24.30 0.16
N TYR A 220 14.18 24.67 0.10
CA TYR A 220 15.12 24.03 -0.79
C TYR A 220 15.31 22.57 -0.36
N MET A 221 15.88 22.38 0.84
CA MET A 221 16.38 21.09 1.30
C MET A 221 15.26 20.04 1.21
N GLU A 222 14.19 20.23 1.98
CA GLU A 222 13.11 19.25 2.11
C GLU A 222 12.02 19.51 1.08
N SER A 223 12.28 20.44 0.15
CA SER A 223 11.47 20.58 -1.07
C SER A 223 10.03 20.97 -0.71
N TRP A 224 9.88 21.77 0.34
CA TRP A 224 8.61 22.39 0.73
C TRP A 224 8.43 23.71 -0.01
N SER A 225 7.20 24.27 0.06
CA SER A 225 6.93 25.63 -0.36
C SER A 225 7.53 26.60 0.67
N LYS A 226 7.70 27.85 0.25
CA LYS A 226 8.18 28.90 1.12
C LYS A 226 7.18 29.09 2.26
N LEU A 227 5.89 29.11 1.92
CA LEU A 227 4.81 29.22 2.89
C LEU A 227 4.96 28.14 3.97
N GLU A 228 5.15 26.91 3.52
CA GLU A 228 5.29 25.74 4.38
C GLU A 228 6.53 25.88 5.27
N ALA A 229 7.67 26.19 4.63
CA ALA A 229 8.90 26.46 5.34
C ALA A 229 8.62 27.43 6.51
N ILE A 230 8.05 28.60 6.19
CA ILE A 230 7.71 29.63 7.18
C ILE A 230 6.88 28.99 8.31
N TYR A 231 5.74 28.41 7.91
CA TYR A 231 4.77 27.77 8.81
C TYR A 231 5.49 26.80 9.74
N PHE A 232 6.33 25.94 9.16
CA PHE A 232 7.15 25.00 9.90
C PHE A 232 8.09 25.76 10.84
N VAL A 233 8.79 26.75 10.29
CA VAL A 233 9.81 27.49 11.00
C VAL A 233 9.20 28.03 12.30
N ILE A 234 8.07 28.71 12.17
CA ILE A 234 7.44 29.43 13.27
C ILE A 234 6.84 28.43 14.27
N VAL A 235 6.19 27.38 13.75
CA VAL A 235 5.59 26.32 14.58
C VAL A 235 6.69 25.69 15.45
N THR A 236 7.87 25.51 14.85
CA THR A 236 8.98 24.87 15.53
C THR A 236 9.45 25.78 16.67
N LEU A 237 9.58 27.08 16.38
CA LEU A 237 10.28 28.02 17.26
C LEU A 237 9.38 28.46 18.41
N THR A 238 8.06 28.42 18.20
CA THR A 238 7.07 28.68 19.26
C THR A 238 6.90 27.45 20.15
N THR A 239 7.65 26.37 19.86
CA THR A 239 7.67 25.11 20.63
C THR A 239 6.28 24.46 20.67
N VAL A 240 5.51 24.63 19.58
CA VAL A 240 4.21 23.99 19.41
C VAL A 240 4.43 22.57 18.90
N GLY A 241 5.09 22.47 17.73
CA GLY A 241 5.54 21.20 17.18
C GLY A 241 4.39 20.24 16.94
N PHE A 242 3.49 20.63 16.04
CA PHE A 242 2.47 19.72 15.54
C PHE A 242 3.14 18.41 15.15
N GLY A 243 4.20 18.51 14.35
CA GLY A 243 4.82 17.36 13.69
C GLY A 243 4.15 17.02 12.37
N ASP A 244 3.28 17.90 11.89
CA ASP A 244 2.82 17.87 10.50
C ASP A 244 4.04 17.96 9.58
N TYR A 245 5.03 18.78 9.97
CA TYR A 245 6.27 18.96 9.23
C TYR A 245 7.48 18.68 10.14
N VAL A 246 8.45 17.93 9.60
CA VAL A 246 9.73 17.60 10.25
C VAL A 246 10.78 17.46 9.17
N PRO A 247 12.07 17.78 9.44
CA PRO A 247 13.17 17.28 8.63
C PRO A 247 13.71 15.93 9.10
N GLN A 259 22.81 19.28 8.42
CA GLN A 259 22.15 18.16 9.09
C GLN A 259 22.38 18.28 10.59
N PRO A 260 23.64 18.39 11.08
CA PRO A 260 23.89 18.88 12.44
C PRO A 260 23.74 20.39 12.61
N LEU A 261 23.87 21.15 11.52
CA LEU A 261 23.76 22.62 11.55
C LEU A 261 22.35 23.04 11.99
N VAL A 262 21.36 22.17 11.77
CA VAL A 262 19.98 22.45 12.16
C VAL A 262 19.86 22.42 13.70
N TRP A 263 20.48 21.42 14.34
CA TRP A 263 20.43 21.27 15.81
C TRP A 263 20.95 22.55 16.48
N PHE A 264 22.07 23.08 15.99
CA PHE A 264 22.62 24.37 16.42
C PHE A 264 21.55 25.45 16.24
N TRP A 265 21.09 25.64 14.99
CA TRP A 265 20.16 26.71 14.60
C TRP A 265 18.99 26.81 15.58
N ILE A 266 18.49 25.66 16.01
CA ILE A 266 17.36 25.60 16.94
C ILE A 266 17.72 26.42 18.19
N LEU A 267 18.85 26.06 18.81
CA LEU A 267 19.21 26.57 20.14
C LEU A 267 19.21 28.11 20.14
N PHE A 268 19.88 28.70 19.14
CA PHE A 268 20.08 30.14 19.03
C PHE A 268 18.77 30.83 18.63
N GLY A 269 18.02 30.20 17.72
CA GLY A 269 16.73 30.69 17.27
C GLY A 269 15.74 30.80 18.42
N LEU A 270 15.74 29.79 19.31
CA LEU A 270 14.84 29.73 20.45
C LEU A 270 15.13 30.90 21.39
N ALA A 271 16.42 31.05 21.74
CA ALA A 271 16.91 32.18 22.50
C ALA A 271 16.37 33.48 21.89
N TYR A 272 16.47 33.61 20.56
CA TYR A 272 16.01 34.79 19.81
C TYR A 272 14.51 35.00 20.03
N PHE A 273 13.74 33.91 19.99
CA PHE A 273 12.29 33.96 19.94
C PHE A 273 11.70 34.10 21.35
N ALA A 274 12.43 33.57 22.35
CA ALA A 274 12.13 33.84 23.77
C ALA A 274 11.88 35.35 23.97
N SER A 275 12.77 36.16 23.38
CA SER A 275 12.72 37.62 23.49
C SER A 275 11.59 38.20 22.63
N VAL A 276 11.36 37.60 21.45
CA VAL A 276 10.37 38.09 20.49
C VAL A 276 8.96 37.99 21.09
N LEU A 277 8.73 36.97 21.92
CA LEU A 277 7.41 36.73 22.54
C LEU A 277 7.17 37.78 23.64
N THR A 278 8.18 37.95 24.48
CA THR A 278 8.11 38.83 25.63
C THR A 278 7.85 40.28 25.16
N THR A 279 8.49 40.68 24.05
CA THR A 279 8.33 42.03 23.44
C THR A 279 6.88 42.26 23.00
N ILE A 280 6.21 41.19 22.56
CA ILE A 280 4.82 41.25 22.13
C ILE A 280 3.92 41.35 23.37
N GLY A 281 4.30 40.65 24.45
CA GLY A 281 3.61 40.70 25.75
C GLY A 281 3.48 42.12 26.29
N ASN A 282 4.56 42.90 26.15
CA ASN A 282 4.61 44.33 26.51
C ASN A 282 3.78 45.14 25.52
N TRP A 283 4.13 44.99 24.24
CA TRP A 283 3.45 45.62 23.13
C TRP A 283 1.93 45.55 23.32
N LEU A 284 1.46 44.43 23.88
CA LEU A 284 0.05 44.23 24.30
C LEU A 284 -0.08 44.52 25.80
N ARG B 28 29.80 34.57 31.89
CA ARG B 28 29.99 33.27 32.61
C ARG B 28 30.47 32.21 31.62
N SER B 29 31.24 32.63 30.61
CA SER B 29 31.26 32.00 29.27
C SER B 29 31.98 30.63 29.31
N THR B 30 32.77 30.38 30.36
CA THR B 30 33.35 29.04 30.61
C THR B 30 32.28 28.10 31.18
N THR B 31 31.44 28.63 32.09
CA THR B 31 30.41 27.84 32.79
C THR B 31 29.34 27.35 31.80
N LEU B 32 29.05 28.16 30.76
CA LEU B 32 27.97 27.87 29.78
C LEU B 32 28.40 26.77 28.81
N LEU B 33 29.68 26.78 28.41
CA LEU B 33 30.26 25.67 27.64
C LEU B 33 30.24 24.38 28.47
N ALA B 34 30.44 24.50 29.79
CA ALA B 34 30.37 23.36 30.72
C ALA B 34 28.95 22.79 30.78
N LEU B 35 27.95 23.67 30.68
CA LEU B 35 26.54 23.28 30.69
C LEU B 35 26.21 22.53 29.39
N LEU B 36 26.52 23.17 28.26
CA LEU B 36 26.31 22.61 26.92
C LEU B 36 26.79 21.15 26.88
N ALA B 37 28.02 20.92 27.35
CA ALA B 37 28.65 19.59 27.34
C ALA B 37 27.83 18.60 28.19
N LEU B 38 27.29 19.10 29.31
CA LEU B 38 26.41 18.33 30.18
C LEU B 38 25.11 17.99 29.46
N VAL B 39 24.48 19.00 28.87
CA VAL B 39 23.27 18.85 28.05
C VAL B 39 23.52 17.80 26.95
N LEU B 40 24.64 17.95 26.22
CA LEU B 40 24.95 17.09 25.09
C LEU B 40 25.15 15.64 25.56
N LEU B 41 25.79 15.47 26.72
CA LEU B 41 25.96 14.14 27.33
C LEU B 41 24.61 13.61 27.85
N TYR B 42 23.72 14.52 28.27
CA TYR B 42 22.40 14.16 28.75
C TYR B 42 21.52 13.64 27.60
N LEU B 43 21.44 14.44 26.52
CA LEU B 43 20.74 14.06 25.30
C LEU B 43 21.20 12.68 24.84
N VAL B 44 22.52 12.52 24.70
CA VAL B 44 23.12 11.27 24.33
C VAL B 44 22.64 10.17 25.29
N SER B 45 22.90 10.35 26.59
CA SER B 45 22.62 9.32 27.61
C SER B 45 21.14 8.94 27.58
N GLY B 46 20.28 9.94 27.33
CA GLY B 46 18.86 9.73 27.02
C GLY B 46 18.67 8.79 25.85
N ALA B 47 19.12 9.23 24.66
CA ALA B 47 18.86 8.58 23.37
C ALA B 47 19.25 7.10 23.41
N LEU B 48 20.29 6.80 24.19
CA LEU B 48 20.78 5.44 24.34
C LEU B 48 19.79 4.62 25.16
N VAL B 49 19.11 5.27 26.11
CA VAL B 49 18.10 4.61 26.94
C VAL B 49 16.82 4.41 26.12
N PHE B 50 16.39 5.46 25.41
CA PHE B 50 15.20 5.37 24.58
C PHE B 50 15.38 4.26 23.53
N GLN B 51 16.49 4.33 22.78
CA GLN B 51 16.84 3.32 21.77
C GLN B 51 16.76 1.93 22.39
N ALA B 52 17.44 1.74 23.52
CA ALA B 52 17.58 0.42 24.13
C ALA B 52 16.21 -0.14 24.50
N LEU B 53 15.26 0.76 24.80
CA LEU B 53 13.93 0.37 25.26
C LEU B 53 12.99 0.11 24.08
N GLU B 54 13.14 0.88 23.00
CA GLU B 54 12.15 0.94 21.93
C GLU B 54 12.58 0.07 20.74
N GLN B 55 13.83 0.24 20.29
CA GLN B 55 14.30 -0.30 19.02
C GLN B 55 13.87 -1.75 18.88
N PRO B 56 13.97 -2.60 19.93
CA PRO B 56 13.65 -4.02 19.77
C PRO B 56 12.16 -4.29 19.49
N HIS B 57 11.30 -3.41 19.97
CA HIS B 57 9.87 -3.59 19.78
C HIS B 57 9.44 -3.00 18.43
N GLU B 58 10.00 -1.84 18.08
CA GLU B 58 9.91 -1.31 16.73
C GLU B 58 10.37 -2.38 15.74
N GLN B 59 11.56 -2.94 15.97
CA GLN B 59 12.14 -3.94 15.11
C GLN B 59 11.19 -5.12 15.00
N GLN B 60 10.59 -5.53 16.11
CA GLN B 60 9.60 -6.61 16.08
C GLN B 60 8.47 -6.23 15.11
N ALA B 61 7.90 -5.05 15.35
CA ALA B 61 6.80 -4.53 14.56
C ALA B 61 7.17 -4.52 13.08
N GLN B 62 8.40 -4.10 12.77
CA GLN B 62 8.82 -3.93 11.37
C GLN B 62 9.03 -5.29 10.72
N LYS B 63 9.40 -6.32 11.49
CA LYS B 63 9.57 -7.65 10.93
C LYS B 63 8.21 -8.18 10.45
N LYS B 64 7.16 -7.91 11.22
CA LYS B 64 5.79 -8.28 10.86
C LYS B 64 5.44 -7.71 9.48
N MET B 65 5.60 -6.39 9.36
CA MET B 65 5.23 -5.67 8.17
C MET B 65 6.02 -6.25 7.00
N ASP B 66 7.35 -6.18 7.11
CA ASP B 66 8.24 -6.53 6.03
C ASP B 66 7.83 -7.90 5.48
N HIS B 67 7.52 -8.84 6.40
CA HIS B 67 7.11 -10.19 6.04
C HIS B 67 5.77 -10.19 5.29
N GLY B 68 4.80 -9.44 5.83
CA GLY B 68 3.45 -9.33 5.25
C GLY B 68 3.49 -8.77 3.83
N ARG B 69 4.23 -7.67 3.65
CA ARG B 69 4.42 -7.07 2.35
C ARG B 69 4.87 -8.13 1.34
N ASP B 70 5.91 -8.90 1.69
CA ASP B 70 6.59 -9.83 0.77
C ASP B 70 5.66 -10.97 0.36
N GLN B 71 4.86 -11.44 1.32
CA GLN B 71 3.96 -12.52 1.07
C GLN B 71 2.90 -12.07 0.05
N PHE B 72 2.41 -10.83 0.23
CA PHE B 72 1.39 -10.27 -0.62
C PHE B 72 1.86 -10.21 -2.07
N LEU B 73 3.12 -9.79 -2.25
CA LEU B 73 3.76 -9.72 -3.58
C LEU B 73 3.88 -11.12 -4.18
N ARG B 74 4.37 -12.06 -3.37
CA ARG B 74 4.55 -13.45 -3.80
C ARG B 74 3.19 -14.04 -4.14
N ASP B 75 2.19 -13.74 -3.31
CA ASP B 75 0.86 -14.33 -3.41
C ASP B 75 0.12 -13.78 -4.63
N HIS B 76 0.47 -12.57 -5.09
CA HIS B 76 -0.17 -11.93 -6.25
C HIS B 76 0.88 -11.60 -7.32
N PRO B 77 1.11 -12.49 -8.30
CA PRO B 77 2.16 -12.25 -9.28
C PRO B 77 1.82 -11.12 -10.26
N CYS B 78 0.52 -10.81 -10.45
CA CYS B 78 0.11 -9.75 -11.38
C CYS B 78 0.45 -8.36 -10.80
N VAL B 79 0.70 -8.28 -9.48
CA VAL B 79 1.12 -7.05 -8.78
C VAL B 79 2.64 -6.91 -8.82
N SER B 80 3.10 -5.69 -9.06
CA SER B 80 4.51 -5.36 -9.11
C SER B 80 4.90 -4.56 -7.87
N GLN B 81 6.17 -4.66 -7.48
CA GLN B 81 6.63 -4.08 -6.23
C GLN B 81 6.48 -2.56 -6.27
N LYS B 82 6.79 -1.96 -7.43
CA LYS B 82 6.89 -0.51 -7.56
C LYS B 82 5.49 0.10 -7.67
N SER B 83 4.52 -0.73 -8.09
CA SER B 83 3.10 -0.41 -8.01
C SER B 83 2.65 -0.38 -6.55
N LEU B 84 2.86 -1.49 -5.83
CA LEU B 84 2.35 -1.68 -4.46
C LEU B 84 2.97 -0.65 -3.52
N GLU B 85 4.26 -0.35 -3.74
CA GLU B 85 5.02 0.55 -2.89
C GLU B 85 4.33 1.91 -2.85
N ASP B 86 3.75 2.33 -3.99
CA ASP B 86 3.00 3.59 -4.10
C ASP B 86 1.73 3.52 -3.26
N PHE B 87 0.98 2.44 -3.46
CA PHE B 87 -0.28 2.25 -2.78
C PHE B 87 -0.09 2.47 -1.28
N ILE B 88 0.96 1.85 -0.72
CA ILE B 88 1.25 1.99 0.69
C ILE B 88 1.43 3.47 1.03
N LYS B 89 2.22 4.19 0.23
CA LYS B 89 2.53 5.60 0.48
C LYS B 89 1.22 6.37 0.60
N LEU B 90 0.21 5.97 -0.19
CA LEU B 90 -1.09 6.60 -0.09
C LEU B 90 -1.69 6.34 1.29
N LEU B 91 -1.73 5.07 1.68
CA LEU B 91 -2.43 4.68 2.87
C LEU B 91 -1.86 5.43 4.07
N VAL B 92 -0.54 5.42 4.20
CA VAL B 92 0.07 6.07 5.34
C VAL B 92 -0.36 7.55 5.34
N GLU B 93 -0.33 8.19 4.16
CA GLU B 93 -0.69 9.61 4.02
C GLU B 93 -2.17 9.80 4.39
N ALA B 94 -3.02 8.87 3.96
CA ALA B 94 -4.45 9.00 4.17
C ALA B 94 -4.78 8.73 5.64
N LEU B 95 -4.12 7.72 6.23
CA LEU B 95 -4.38 7.34 7.60
C LEU B 95 -3.89 8.44 8.54
N GLY B 96 -2.71 8.98 8.23
CA GLY B 96 -2.18 10.20 8.84
C GLY B 96 -3.10 11.39 8.68
N GLY B 97 -3.75 11.49 7.52
CA GLY B 97 -4.75 12.54 7.23
C GLY B 97 -6.04 12.30 7.98
N GLY B 98 -6.32 11.03 8.30
CA GLY B 98 -7.40 10.64 9.20
C GLY B 98 -8.56 10.02 8.44
N ALA B 99 -8.24 9.01 7.64
CA ALA B 99 -9.24 8.17 6.99
C ALA B 99 -9.30 6.83 7.73
N ASN B 100 -10.35 6.07 7.46
CA ASN B 100 -10.79 5.03 8.35
C ASN B 100 -11.21 3.82 7.53
N PRO B 101 -10.41 2.73 7.54
CA PRO B 101 -10.83 1.49 6.89
C PRO B 101 -11.90 0.77 7.70
N SER B 112 -19.31 12.38 13.01
CA SER B 112 -18.10 12.57 13.83
C SER B 112 -17.05 13.39 13.04
N SER B 113 -17.26 14.71 13.02
CA SER B 113 -16.49 15.63 12.19
C SER B 113 -15.32 16.21 13.00
N ALA B 114 -14.16 16.30 12.36
CA ALA B 114 -12.89 16.60 13.04
C ALA B 114 -12.71 18.11 13.17
N TRP B 115 -13.38 18.89 12.31
CA TRP B 115 -13.35 20.34 12.31
C TRP B 115 -14.74 20.91 12.58
N ASN B 116 -15.48 20.29 13.51
CA ASN B 116 -16.63 20.94 14.10
C ASN B 116 -16.12 22.10 14.97
N LEU B 117 -17.05 22.77 15.66
CA LEU B 117 -16.74 23.93 16.49
C LEU B 117 -15.96 23.48 17.72
N GLY B 118 -16.39 22.37 18.34
CA GLY B 118 -15.91 21.92 19.64
C GLY B 118 -14.49 21.40 19.61
N SER B 119 -14.12 20.75 18.50
CA SER B 119 -12.76 20.31 18.24
C SER B 119 -11.89 21.51 17.85
N ALA B 120 -12.45 22.44 17.08
CA ALA B 120 -11.72 23.59 16.57
C ALA B 120 -11.22 24.44 17.74
N PHE B 121 -12.14 24.74 18.67
CA PHE B 121 -11.80 25.42 19.91
C PHE B 121 -10.59 24.73 20.53
N PHE B 122 -10.75 23.42 20.81
CA PHE B 122 -9.73 22.63 21.46
C PHE B 122 -8.40 22.78 20.73
N PHE B 123 -8.44 22.68 19.40
CA PHE B 123 -7.27 22.89 18.55
C PHE B 123 -6.68 24.28 18.81
N SER B 124 -7.52 25.31 18.65
CA SER B 124 -7.12 26.68 18.89
C SER B 124 -6.39 26.78 20.24
N GLY B 125 -6.92 26.06 21.24
CA GLY B 125 -6.34 25.97 22.58
C GLY B 125 -4.93 25.41 22.58
N THR B 126 -4.70 24.36 21.77
CA THR B 126 -3.42 23.66 21.76
C THR B 126 -2.31 24.60 21.28
N ILE B 127 -2.69 25.64 20.53
CA ILE B 127 -1.74 26.54 19.91
C ILE B 127 -1.17 27.47 20.98
N ILE B 128 -2.05 28.22 21.66
CA ILE B 128 -1.64 29.29 22.59
C ILE B 128 -0.89 28.66 23.78
N THR B 129 -1.32 27.46 24.17
CA THR B 129 -0.73 26.72 25.28
C THR B 129 0.61 26.11 24.88
N THR B 130 0.95 26.16 23.60
CA THR B 130 2.23 25.64 23.09
C THR B 130 2.35 24.15 23.42
N ILE B 131 1.24 23.42 23.32
CA ILE B 131 1.24 21.98 23.54
C ILE B 131 1.28 21.27 22.18
N GLY B 132 0.42 21.73 21.26
CA GLY B 132 0.56 21.46 19.82
C GLY B 132 0.58 19.96 19.52
N TYR B 133 -0.46 19.27 20.00
CA TYR B 133 -0.61 17.83 19.83
C TYR B 133 -0.33 17.45 18.37
N GLY B 134 -0.81 18.26 17.43
CA GLY B 134 -0.87 17.90 16.00
C GLY B 134 -1.82 16.74 15.78
N ASN B 135 -2.80 16.66 16.68
CA ASN B 135 -3.86 15.69 16.65
C ASN B 135 -4.59 15.79 15.31
N ILE B 136 -4.89 17.00 14.89
CA ILE B 136 -5.37 17.27 13.54
C ILE B 136 -4.40 18.24 12.88
N VAL B 137 -4.50 18.39 11.56
CA VAL B 137 -3.50 19.07 10.77
C VAL B 137 -4.20 20.03 9.81
N LEU B 138 -3.56 21.17 9.61
CA LEU B 138 -4.04 22.21 8.73
C LEU B 138 -3.64 21.85 7.30
N HIS B 139 -4.64 21.65 6.45
CA HIS B 139 -4.44 21.26 5.06
C HIS B 139 -4.22 22.51 4.20
N THR B 140 -5.12 23.49 4.33
CA THR B 140 -5.12 24.69 3.51
C THR B 140 -3.93 25.59 3.90
N ASP B 141 -3.52 26.45 2.96
CA ASP B 141 -2.40 27.36 3.18
C ASP B 141 -2.89 28.55 4.01
N ALA B 142 -3.97 29.18 3.54
CA ALA B 142 -4.78 30.11 4.33
C ALA B 142 -4.65 29.78 5.82
N GLY B 143 -5.04 28.57 6.21
CA GLY B 143 -5.10 28.14 7.61
C GLY B 143 -3.72 28.15 8.27
N ARG B 144 -2.71 27.70 7.52
CA ARG B 144 -1.34 27.73 7.97
C ARG B 144 -0.93 29.17 8.25
N LEU B 145 -1.22 30.04 7.29
CA LEU B 145 -0.87 31.45 7.36
C LEU B 145 -1.50 32.10 8.59
N PHE B 146 -2.83 31.97 8.73
CA PHE B 146 -3.59 32.48 9.89
C PHE B 146 -3.04 31.89 11.18
N CYS B 147 -2.67 30.61 11.14
CA CYS B 147 -2.13 29.90 12.28
C CYS B 147 -0.90 30.64 12.83
N ILE B 148 -0.11 31.24 11.94
CA ILE B 148 1.09 31.98 12.30
C ILE B 148 0.73 33.16 13.20
N PHE B 149 -0.08 34.08 12.66
CA PHE B 149 -0.44 35.33 13.34
C PHE B 149 -1.14 35.01 14.67
N TYR B 150 -2.01 33.99 14.63
CA TYR B 150 -2.83 33.56 15.77
C TYR B 150 -1.95 33.12 16.95
N ALA B 151 -0.80 32.50 16.63
CA ALA B 151 0.14 31.99 17.62
C ALA B 151 0.87 33.15 18.29
N LEU B 152 1.34 34.09 17.46
CA LEU B 152 2.26 35.14 17.85
C LEU B 152 1.59 36.05 18.89
N VAL B 153 0.31 36.33 18.63
CA VAL B 153 -0.54 37.09 19.52
C VAL B 153 -0.92 36.19 20.72
N GLY B 154 -1.46 35.00 20.42
CA GLY B 154 -2.18 34.18 21.37
C GLY B 154 -1.30 33.73 22.54
N ILE B 155 -0.10 33.27 22.21
CA ILE B 155 0.80 32.67 23.20
C ILE B 155 1.07 33.69 24.32
N PRO B 156 1.64 34.87 24.03
CA PRO B 156 1.96 35.83 25.09
C PRO B 156 0.73 36.25 25.89
N LEU B 157 -0.42 36.38 25.21
CA LEU B 157 -1.71 36.65 25.86
C LEU B 157 -2.01 35.56 26.89
N PHE B 158 -1.75 34.30 26.52
CA PHE B 158 -1.89 33.19 27.44
C PHE B 158 -0.81 33.26 28.53
N GLY B 159 0.43 33.53 28.13
CA GLY B 159 1.58 33.61 29.04
C GLY B 159 1.36 34.62 30.16
N MET B 160 0.71 35.74 29.82
CA MET B 160 0.28 36.73 30.79
C MET B 160 -0.75 36.12 31.75
N LEU B 161 -1.84 35.56 31.20
CA LEU B 161 -2.94 35.01 32.00
C LEU B 161 -2.41 33.96 32.99
N LEU B 162 -1.49 33.10 32.53
CA LEU B 162 -0.91 32.04 33.36
C LEU B 162 -0.05 32.64 34.48
N ALA B 163 0.65 33.74 34.18
CA ALA B 163 1.45 34.46 35.15
C ALA B 163 0.54 35.09 36.22
N GLY B 164 -0.62 35.58 35.78
CA GLY B 164 -1.66 36.12 36.66
C GLY B 164 -2.29 35.07 37.57
N VAL B 165 -2.62 33.91 36.98
CA VAL B 165 -3.19 32.77 37.71
C VAL B 165 -2.15 32.19 38.67
N GLY B 166 -0.86 32.27 38.31
CA GLY B 166 0.26 31.77 39.14
C GLY B 166 0.59 32.68 40.32
N ASP B 167 0.06 33.91 40.28
CA ASP B 167 0.10 34.88 41.39
C ASP B 167 -1.10 34.67 42.33
N ARG B 168 -2.29 34.50 41.74
CA ARG B 168 -3.53 34.32 42.49
C ARG B 168 -3.60 32.91 43.07
N LEU B 169 -3.18 31.89 42.30
CA LEU B 169 -3.01 30.53 42.82
C LEU B 169 -1.84 30.48 43.82
N GLY B 170 -0.87 31.39 43.64
CA GLY B 170 0.19 31.66 44.62
C GLY B 170 -0.37 32.16 45.95
N SER B 171 -1.22 33.19 45.89
CA SER B 171 -1.82 33.81 47.09
C SER B 171 -3.00 32.98 47.61
N SER B 172 -3.52 32.07 46.77
CA SER B 172 -4.59 31.12 47.14
C SER B 172 -4.08 30.04 48.09
N LEU B 173 -2.97 29.39 47.71
CA LEU B 173 -2.37 28.29 48.50
C LEU B 173 -1.68 28.84 49.75
N ARG B 174 -1.21 30.10 49.69
CA ARG B 174 -0.58 30.80 50.83
C ARG B 174 -1.60 31.04 51.96
N ARG B 175 -2.82 31.45 51.57
CA ARG B 175 -3.92 31.73 52.49
C ARG B 175 -4.65 30.43 52.87
N GLY B 176 -4.52 29.40 52.02
CA GLY B 176 -5.13 28.09 52.20
C GLY B 176 -4.60 27.36 53.42
N ILE B 177 -3.27 27.15 53.47
CA ILE B 177 -2.61 26.44 54.57
C ILE B 177 -2.61 27.33 55.84
N GLY B 178 -2.82 28.64 55.66
CA GLY B 178 -2.58 29.67 56.68
C GLY B 178 -3.34 29.46 57.98
N HIS B 179 -4.56 28.92 57.90
CA HIS B 179 -5.40 28.65 59.09
C HIS B 179 -4.86 27.43 59.85
N ILE B 180 -4.37 26.42 59.10
CA ILE B 180 -3.92 25.13 59.65
C ILE B 180 -2.44 25.24 60.07
N GLU B 181 -1.77 26.36 59.73
CA GLU B 181 -0.39 26.67 60.16
C GLU B 181 -0.31 26.86 61.68
N ALA B 182 -1.41 27.31 62.29
CA ALA B 182 -1.54 27.52 63.73
C ALA B 182 -1.41 26.20 64.50
N ILE B 183 -1.93 25.10 63.91
CA ILE B 183 -1.96 23.76 64.53
C ILE B 183 -0.60 23.06 64.33
N PHE B 184 0.10 23.39 63.23
CA PHE B 184 1.42 22.81 62.89
C PHE B 184 2.47 23.29 63.89
N LEU B 185 2.50 24.61 64.14
CA LEU B 185 3.53 25.27 64.96
C LEU B 185 3.37 24.83 66.43
N LYS B 186 2.14 24.50 66.84
CA LYS B 186 1.77 24.19 68.25
C LYS B 186 2.23 22.78 68.63
N TRP B 187 2.35 21.87 67.64
CA TRP B 187 2.74 20.48 67.87
C TRP B 187 4.26 20.30 67.67
N HIS B 188 5.05 21.07 68.42
CA HIS B 188 6.48 20.82 68.63
C HIS B 188 7.21 20.77 67.27
N VAL B 189 7.13 21.88 66.52
CA VAL B 189 7.84 22.05 65.23
C VAL B 189 8.52 23.42 65.20
N PRO B 190 9.86 23.49 65.00
CA PRO B 190 10.58 24.76 64.87
C PRO B 190 10.22 25.57 63.62
N PRO B 191 10.51 26.89 63.57
CA PRO B 191 10.06 27.74 62.46
C PRO B 191 10.91 27.66 61.18
N GLY B 192 12.04 26.94 61.25
CA GLY B 192 12.85 26.59 60.07
C GLY B 192 12.31 25.36 59.34
N LEU B 193 11.65 24.46 60.09
CA LEU B 193 11.23 23.14 59.60
C LEU B 193 9.84 23.20 58.96
N VAL B 194 8.99 24.15 59.37
CA VAL B 194 7.58 24.26 58.90
C VAL B 194 7.56 24.71 57.42
N ARG B 195 8.62 25.42 57.00
CA ARG B 195 8.75 25.98 55.64
C ARG B 195 9.03 24.89 54.61
N SER B 196 9.55 23.73 55.07
CA SER B 196 9.80 22.56 54.21
C SER B 196 8.57 21.64 54.18
N LEU B 197 7.85 21.55 55.30
CA LEU B 197 6.66 20.69 55.43
C LEU B 197 5.50 21.26 54.62
N SER B 198 5.31 22.60 54.70
CA SER B 198 4.26 23.32 53.99
C SER B 198 4.59 23.41 52.49
N ALA B 199 5.89 23.50 52.16
CA ALA B 199 6.37 23.48 50.77
C ALA B 199 6.04 22.13 50.12
N VAL B 200 6.18 21.03 50.90
CA VAL B 200 5.85 19.67 50.46
C VAL B 200 4.33 19.55 50.23
N LEU B 201 3.54 20.16 51.12
CA LEU B 201 2.08 20.01 51.12
C LEU B 201 1.43 20.93 50.07
N PHE B 202 2.04 22.09 49.80
CA PHE B 202 1.70 22.92 48.61
C PHE B 202 1.69 22.04 47.34
N LEU B 203 2.69 21.17 47.25
CA LEU B 203 2.90 20.28 46.12
C LEU B 203 1.98 19.06 46.24
N LEU B 204 2.05 18.35 47.37
CA LEU B 204 1.39 17.04 47.52
C LEU B 204 -0.12 17.19 47.41
N ILE B 205 -0.66 18.36 47.80
CA ILE B 205 -2.08 18.67 47.64
C ILE B 205 -2.35 19.04 46.17
N GLY B 206 -1.56 19.97 45.62
CA GLY B 206 -1.71 20.38 44.22
C GLY B 206 -1.53 19.19 43.30
N CYS B 207 -0.43 18.46 43.54
CA CYS B 207 -0.15 17.17 42.93
C CYS B 207 -1.39 16.27 42.96
N LEU B 208 -1.95 16.07 44.16
CA LEU B 208 -3.11 15.20 44.33
C LEU B 208 -4.23 15.64 43.39
N LEU B 209 -4.48 16.96 43.33
CA LEU B 209 -5.60 17.51 42.56
C LEU B 209 -5.32 17.42 41.07
N PHE B 210 -4.06 17.70 40.69
CA PHE B 210 -3.72 18.13 39.33
C PHE B 210 -2.99 17.01 38.55
N VAL B 211 -2.61 15.93 39.25
CA VAL B 211 -1.91 14.80 38.64
C VAL B 211 -2.64 13.51 39.01
N LEU B 212 -2.61 13.15 40.31
CA LEU B 212 -3.15 11.88 40.80
C LEU B 212 -4.62 11.74 40.39
N THR B 213 -5.41 12.80 40.62
CA THR B 213 -6.84 12.77 40.39
C THR B 213 -7.09 12.59 38.89
N PRO B 214 -6.58 13.48 38.01
CA PRO B 214 -6.83 13.36 36.57
C PRO B 214 -6.49 11.98 36.00
N THR B 215 -5.43 11.34 36.52
CA THR B 215 -4.96 10.06 36.00
C THR B 215 -6.06 8.99 36.12
N PHE B 216 -6.71 8.94 37.30
CA PHE B 216 -7.86 8.09 37.48
C PHE B 216 -8.92 8.46 36.45
N VAL B 217 -9.22 9.76 36.37
CA VAL B 217 -10.31 10.33 35.58
C VAL B 217 -10.23 9.81 34.14
N PHE B 218 -9.05 9.99 33.53
CA PHE B 218 -8.80 9.65 32.13
C PHE B 218 -8.75 8.14 31.96
N SER B 219 -7.94 7.48 32.81
CA SER B 219 -7.85 6.04 32.89
C SER B 219 -9.26 5.43 32.86
N TYR B 220 -10.15 5.98 33.68
CA TYR B 220 -11.55 5.61 33.67
C TYR B 220 -12.17 6.03 32.34
N MET B 221 -12.22 7.35 32.09
CA MET B 221 -13.00 7.95 31.01
C MET B 221 -12.62 7.29 29.67
N GLU B 222 -11.36 7.48 29.26
CA GLU B 222 -10.90 7.06 27.94
C GLU B 222 -10.32 5.63 28.02
N SER B 223 -10.49 4.97 29.17
CA SER B 223 -10.25 3.53 29.30
C SER B 223 -8.78 3.21 29.00
N TRP B 224 -7.89 4.11 29.42
CA TRP B 224 -6.45 3.91 29.38
C TRP B 224 -6.00 3.18 30.66
N SER B 225 -4.76 2.69 30.64
CA SER B 225 -4.09 2.21 31.83
C SER B 225 -3.73 3.42 32.71
N LYS B 226 -3.45 3.12 33.98
CA LYS B 226 -3.02 4.12 34.93
C LYS B 226 -1.69 4.71 34.43
N LEU B 227 -0.77 3.83 34.02
CA LEU B 227 0.53 4.19 33.47
C LEU B 227 0.34 5.21 32.34
N GLU B 228 -0.55 4.88 31.40
CA GLU B 228 -0.84 5.70 30.23
C GLU B 228 -1.40 7.05 30.65
N ALA B 229 -2.42 7.02 31.50
CA ALA B 229 -2.99 8.21 32.07
C ALA B 229 -1.87 9.14 32.57
N ILE B 230 -1.02 8.61 33.46
CA ILE B 230 0.11 9.35 34.06
C ILE B 230 0.96 9.95 32.93
N TYR B 231 1.45 9.06 32.04
CA TYR B 231 2.31 9.41 30.92
C TYR B 231 1.67 10.56 30.12
N PHE B 232 0.39 10.40 29.80
CA PHE B 232 -0.37 11.44 29.10
C PHE B 232 -0.39 12.72 29.94
N VAL B 233 -0.74 12.56 31.22
CA VAL B 233 -0.93 13.67 32.13
C VAL B 233 0.33 14.54 32.09
N ILE B 234 1.48 13.91 32.30
CA ILE B 234 2.75 14.61 32.45
C ILE B 234 3.18 15.22 31.12
N VAL B 235 3.02 14.46 30.03
CA VAL B 235 3.36 14.92 28.68
C VAL B 235 2.55 16.19 28.37
N THR B 236 1.29 16.19 28.79
CA THR B 236 0.39 17.30 28.51
C THR B 236 0.87 18.54 29.27
N LEU B 237 1.23 18.35 30.55
CA LEU B 237 1.45 19.45 31.49
C LEU B 237 2.83 20.09 31.27
N THR B 238 3.79 19.30 30.77
CA THR B 238 5.11 19.80 30.41
C THR B 238 5.06 20.50 29.04
N THR B 239 3.87 20.55 28.43
CA THR B 239 3.58 21.23 27.14
C THR B 239 4.43 20.65 26.02
N VAL B 240 4.71 19.34 26.09
CA VAL B 240 5.40 18.59 25.05
C VAL B 240 4.38 18.20 23.98
N GLY B 241 3.34 17.47 24.39
CA GLY B 241 2.18 17.18 23.57
C GLY B 241 2.57 16.46 22.29
N PHE B 242 3.10 15.24 22.45
CA PHE B 242 3.32 14.36 21.33
C PHE B 242 2.03 14.30 20.52
N GLY B 243 0.91 14.05 21.19
CA GLY B 243 -0.37 13.73 20.56
C GLY B 243 -0.50 12.24 20.27
N ASP B 244 0.40 11.45 20.86
CA ASP B 244 0.24 10.01 20.99
C ASP B 244 -1.09 9.70 21.69
N TYR B 245 -1.42 10.51 22.71
CA TYR B 245 -2.66 10.39 23.48
C TYR B 245 -3.37 11.75 23.50
N VAL B 246 -4.69 11.71 23.33
CA VAL B 246 -5.60 12.86 23.41
C VAL B 246 -6.94 12.36 23.96
N PRO B 247 -7.75 13.23 24.62
CA PRO B 247 -9.17 12.93 24.83
C PRO B 247 -10.10 13.42 23.71
N PRO B 256 -21.15 14.08 29.70
CA PRO B 256 -21.44 15.43 29.25
C PRO B 256 -20.75 16.51 30.12
N ALA B 257 -20.54 16.21 31.40
CA ALA B 257 -19.79 17.07 32.32
C ALA B 257 -18.28 17.00 32.01
N TYR B 258 -17.86 15.91 31.35
CA TYR B 258 -16.44 15.56 31.15
C TYR B 258 -15.82 16.43 30.03
N GLN B 259 -16.67 16.97 29.16
CA GLN B 259 -16.30 17.64 27.91
C GLN B 259 -15.63 18.98 28.24
N PRO B 260 -16.29 19.90 28.98
CA PRO B 260 -15.68 21.19 29.29
C PRO B 260 -14.66 21.16 30.45
N LEU B 261 -14.79 20.17 31.34
CA LEU B 261 -14.04 20.09 32.61
C LEU B 261 -12.52 20.11 32.34
N VAL B 262 -12.14 19.52 31.20
CA VAL B 262 -10.75 19.32 30.85
C VAL B 262 -10.11 20.69 30.56
N TRP B 263 -10.81 21.54 29.79
CA TRP B 263 -10.29 22.87 29.39
C TRP B 263 -9.86 23.66 30.63
N PHE B 264 -10.75 23.68 31.63
CA PHE B 264 -10.49 24.30 32.93
C PHE B 264 -9.23 23.67 33.54
N TRP B 265 -9.27 22.34 33.74
CA TRP B 265 -8.22 21.59 34.45
C TRP B 265 -6.83 21.96 33.93
N ILE B 266 -6.72 22.12 32.60
CA ILE B 266 -5.45 22.45 31.98
C ILE B 266 -4.90 23.73 32.61
N LEU B 267 -5.72 24.80 32.59
CA LEU B 267 -5.28 26.14 32.92
C LEU B 267 -4.64 26.17 34.32
N PHE B 268 -5.34 25.57 35.29
CA PHE B 268 -4.93 25.59 36.71
C PHE B 268 -3.74 24.65 36.94
N GLY B 269 -3.77 23.49 36.26
CA GLY B 269 -2.67 22.52 36.31
C GLY B 269 -1.34 23.12 35.85
N LEU B 270 -1.42 23.89 34.75
CA LEU B 270 -0.26 24.53 34.15
C LEU B 270 0.35 25.53 35.12
N ALA B 271 -0.50 26.40 35.67
CA ALA B 271 -0.14 27.33 36.72
C ALA B 271 0.64 26.59 37.82
N TYR B 272 0.10 25.44 38.23
CA TYR B 272 0.70 24.62 39.30
C TYR B 272 2.11 24.14 38.89
N PHE B 273 2.24 23.75 37.62
CA PHE B 273 3.43 23.08 37.14
C PHE B 273 4.51 24.10 36.72
N ALA B 274 4.06 25.30 36.32
CA ALA B 274 4.96 26.45 36.13
C ALA B 274 5.90 26.58 37.34
N SER B 275 5.34 26.43 38.55
CA SER B 275 6.08 26.55 39.81
C SER B 275 6.96 25.31 40.04
N VAL B 276 6.44 24.14 39.68
CA VAL B 276 7.11 22.85 39.93
C VAL B 276 8.42 22.79 39.12
N LEU B 277 8.43 23.41 37.93
CA LEU B 277 9.60 23.40 37.05
C LEU B 277 10.68 24.34 37.61
N THR B 278 10.25 25.54 38.01
CA THR B 278 11.17 26.57 38.49
C THR B 278 11.91 26.08 39.75
N THR B 279 11.20 25.33 40.60
CA THR B 279 11.78 24.75 41.85
C THR B 279 12.91 23.76 41.51
N ILE B 280 12.75 23.05 40.38
CA ILE B 280 13.75 22.10 39.89
C ILE B 280 14.93 22.88 39.27
N GLY B 281 14.64 24.00 38.63
CA GLY B 281 15.65 24.94 38.09
C GLY B 281 16.67 25.38 39.14
N ASN B 282 16.18 25.66 40.36
CA ASN B 282 17.02 25.98 41.53
C ASN B 282 17.76 24.71 42.00
N TRP B 283 16.98 23.65 42.28
CA TRP B 283 17.49 22.34 42.65
C TRP B 283 18.71 21.97 41.79
N LEU B 284 18.68 22.39 40.51
CA LEU B 284 19.82 22.25 39.58
C LEU B 284 20.76 23.46 39.64
N ASP C 1 16.17 -21.05 8.88
CA ASP C 1 15.01 -21.70 9.56
C ASP C 1 14.95 -21.18 11.01
N ILE C 2 13.73 -20.94 11.48
CA ILE C 2 13.46 -20.61 12.87
C ILE C 2 13.13 -21.91 13.59
N GLN C 3 13.84 -22.18 14.69
CA GLN C 3 13.79 -23.48 15.40
C GLN C 3 12.75 -23.41 16.51
N LEU C 4 11.82 -24.38 16.50
CA LEU C 4 10.84 -24.58 17.55
C LEU C 4 11.21 -25.85 18.32
N THR C 5 11.63 -25.68 19.59
CA THR C 5 11.66 -26.83 20.53
C THR C 5 10.47 -26.76 21.49
N GLN C 6 10.01 -27.95 21.83
CA GLN C 6 8.77 -28.16 22.49
C GLN C 6 9.09 -29.10 23.66
N LEU C 7 8.59 -28.75 24.86
CA LEU C 7 8.69 -29.64 26.04
C LEU C 7 7.31 -29.81 26.67
N PRO C 8 7.08 -30.94 27.37
CA PRO C 8 8.01 -32.08 27.40
C PRO C 8 7.84 -33.07 26.23
N SER C 9 8.77 -34.02 26.10
CA SER C 9 8.79 -35.01 25.00
C SER C 9 7.65 -36.01 25.16
N PHE C 10 7.58 -36.62 26.35
CA PHE C 10 6.58 -37.60 26.73
C PHE C 10 5.98 -37.19 28.08
N LEU C 11 4.73 -37.57 28.31
CA LEU C 11 4.14 -37.54 29.63
C LEU C 11 2.83 -38.35 29.60
N SER C 12 2.38 -38.82 30.78
CA SER C 12 1.06 -39.44 30.94
C SER C 12 0.33 -38.81 32.14
N VAL C 13 -0.97 -38.63 31.99
CA VAL C 13 -1.78 -37.88 32.95
C VAL C 13 -3.16 -38.53 33.02
N SER C 14 -3.83 -38.42 34.18
CA SER C 14 -5.14 -39.01 34.36
C SER C 14 -6.20 -38.11 33.75
N PRO C 15 -7.31 -38.69 33.23
CA PRO C 15 -8.44 -37.89 32.77
C PRO C 15 -9.07 -37.07 33.92
N GLY C 16 -9.61 -35.89 33.59
CA GLY C 16 -10.08 -34.91 34.56
C GLY C 16 -9.02 -33.86 34.90
N ASP C 17 -7.75 -34.22 34.71
CA ASP C 17 -6.61 -33.39 35.10
C ASP C 17 -6.47 -32.22 34.12
N LYS C 18 -5.67 -31.23 34.51
CA LYS C 18 -5.25 -30.14 33.64
C LYS C 18 -3.80 -30.39 33.19
N VAL C 19 -3.49 -30.01 31.95
CA VAL C 19 -2.20 -30.28 31.31
C VAL C 19 -1.76 -29.06 30.50
N THR C 20 -0.44 -28.83 30.49
CA THR C 20 0.16 -27.63 29.91
C THR C 20 1.49 -27.99 29.21
N ILE C 21 1.59 -27.63 27.93
CA ILE C 21 2.76 -27.91 27.11
C ILE C 21 3.42 -26.58 26.70
N THR C 22 4.74 -26.65 26.54
CA THR C 22 5.56 -25.51 26.14
C THR C 22 6.02 -25.70 24.69
N CYS C 23 6.01 -24.58 23.95
CA CYS C 23 6.78 -24.39 22.72
C CYS C 23 7.68 -23.17 22.89
N LYS C 24 8.96 -23.36 22.59
CA LYS C 24 9.98 -22.35 22.75
C LYS C 24 10.64 -22.12 21.39
N ALA C 25 10.69 -20.84 20.99
CA ALA C 25 11.14 -20.44 19.67
C ALA C 25 12.53 -19.79 19.77
N SER C 26 13.33 -19.98 18.71
CA SER C 26 14.72 -19.54 18.68
C SER C 26 14.82 -18.02 18.44
N GLN C 27 13.84 -17.44 17.73
CA GLN C 27 13.75 -15.99 17.52
C GLN C 27 12.41 -15.50 18.08
N ASN C 28 12.19 -14.19 18.05
CA ASN C 28 10.95 -13.60 18.55
C ASN C 28 9.88 -13.67 17.46
N ILE C 29 8.75 -14.32 17.77
CA ILE C 29 7.76 -14.76 16.78
C ILE C 29 6.48 -13.92 16.88
N ASN C 30 6.35 -13.17 17.97
CA ASN C 30 5.44 -12.01 18.12
C ASN C 30 3.99 -12.44 17.85
N GLN C 31 3.70 -13.65 18.33
CA GLN C 31 2.34 -14.17 18.51
C GLN C 31 1.85 -14.86 17.22
N TYR C 32 2.78 -15.39 16.42
CA TYR C 32 2.47 -16.03 15.12
C TYR C 32 2.74 -17.54 15.23
N LEU C 33 2.13 -18.18 16.23
CA LEU C 33 2.40 -19.56 16.54
C LEU C 33 1.07 -20.29 16.67
N HIS C 34 0.99 -21.52 16.15
CA HIS C 34 -0.22 -22.31 16.14
C HIS C 34 0.03 -23.73 16.67
N TRP C 35 -1.05 -24.34 17.17
CA TRP C 35 -1.01 -25.62 17.87
C TRP C 35 -1.95 -26.63 17.18
N TYR C 36 -1.46 -27.87 17.06
CA TYR C 36 -2.16 -28.96 16.38
C TYR C 36 -2.16 -30.20 17.29
N GLN C 37 -3.23 -31.01 17.18
CA GLN C 37 -3.29 -32.37 17.77
C GLN C 37 -3.36 -33.41 16.64
N GLN C 38 -2.40 -34.33 16.62
CA GLN C 38 -2.43 -35.47 15.71
C GLN C 38 -2.70 -36.74 16.54
N LYS C 39 -3.75 -37.48 16.16
CA LYS C 39 -4.00 -38.82 16.67
C LYS C 39 -3.31 -39.83 15.76
N PRO C 40 -3.11 -41.08 16.22
CA PRO C 40 -2.45 -42.09 15.37
C PRO C 40 -3.25 -42.40 14.11
N GLU C 41 -2.53 -42.51 12.98
CA GLU C 41 -3.05 -42.91 11.67
C GLU C 41 -4.07 -41.87 11.16
N GLU C 42 -3.72 -40.60 11.39
CA GLU C 42 -4.58 -39.45 11.10
C GLU C 42 -3.69 -38.26 10.75
N ALA C 43 -4.24 -37.32 9.99
CA ALA C 43 -3.56 -36.04 9.76
C ALA C 43 -3.87 -35.11 10.92
N PRO C 44 -2.99 -34.10 11.17
CA PRO C 44 -3.20 -33.14 12.24
C PRO C 44 -4.53 -32.38 12.18
N LYS C 45 -5.00 -31.94 13.34
CA LYS C 45 -6.15 -31.03 13.48
C LYS C 45 -5.67 -29.70 14.06
N LEU C 46 -6.29 -28.61 13.61
CA LEU C 46 -5.97 -27.29 14.12
C LEU C 46 -6.74 -27.05 15.42
N LEU C 47 -6.00 -26.82 16.52
CA LEU C 47 -6.59 -26.45 17.81
C LEU C 47 -6.63 -24.93 17.96
N ILE C 48 -5.44 -24.30 17.94
CA ILE C 48 -5.25 -22.90 18.28
C ILE C 48 -4.50 -22.21 17.15
N TYR C 49 -5.04 -21.06 16.72
CA TYR C 49 -4.40 -20.21 15.75
C TYR C 49 -4.12 -18.86 16.41
N GLY C 50 -3.06 -18.21 15.95
CA GLY C 50 -2.66 -16.92 16.43
C GLY C 50 -2.39 -16.93 17.92
N ALA C 51 -1.73 -18.00 18.38
CA ALA C 51 -1.17 -18.13 19.74
C ALA C 51 -2.28 -18.47 20.76
N SER C 52 -3.38 -17.70 20.71
CA SER C 52 -4.40 -17.73 21.77
C SER C 52 -5.81 -18.00 21.23
N ASN C 53 -6.08 -17.73 19.95
CA ASN C 53 -7.44 -17.82 19.42
C ASN C 53 -7.80 -19.30 19.27
N LEU C 54 -8.99 -19.66 19.75
CA LEU C 54 -9.45 -21.04 19.70
C LEU C 54 -10.18 -21.27 18.37
N GLN C 55 -9.76 -22.33 17.67
CA GLN C 55 -10.40 -22.71 16.43
C GLN C 55 -11.86 -23.09 16.72
N THR C 56 -12.75 -22.69 15.82
CA THR C 56 -14.16 -23.07 15.84
C THR C 56 -14.30 -24.60 15.91
N GLY C 57 -15.28 -25.05 16.68
CA GLY C 57 -15.68 -26.46 16.72
C GLY C 57 -14.70 -27.31 17.53
N ILE C 58 -13.90 -26.66 18.38
CA ILE C 58 -13.00 -27.35 19.29
C ILE C 58 -13.24 -26.83 20.70
N PRO C 59 -13.42 -27.73 21.69
CA PRO C 59 -13.99 -27.36 22.98
C PRO C 59 -13.08 -26.43 23.78
N SER C 60 -13.71 -25.64 24.66
CA SER C 60 -13.07 -24.50 25.27
C SER C 60 -12.03 -24.96 26.31
N ARG C 61 -12.04 -26.25 26.65
CA ARG C 61 -11.05 -26.82 27.59
C ARG C 61 -9.63 -26.66 27.02
N PHE C 62 -9.51 -26.56 25.69
CA PHE C 62 -8.28 -26.16 25.04
C PHE C 62 -8.15 -24.63 25.08
N SER C 63 -6.96 -24.15 25.46
CA SER C 63 -6.65 -22.74 25.42
C SER C 63 -5.14 -22.54 25.42
N GLY C 64 -4.69 -21.61 24.59
CA GLY C 64 -3.29 -21.29 24.37
C GLY C 64 -2.99 -19.86 24.77
N SER C 65 -1.70 -19.61 25.04
CA SER C 65 -1.23 -18.30 25.36
C SER C 65 0.29 -18.22 25.10
N GLY C 66 0.81 -17.00 25.25
CA GLY C 66 2.20 -16.67 24.96
C GLY C 66 2.31 -15.50 24.01
N TYR C 67 3.54 -14.98 23.92
CA TYR C 67 3.94 -13.92 23.02
C TYR C 67 5.47 -13.95 22.91
N GLY C 68 5.98 -13.79 21.70
CA GLY C 68 7.42 -13.65 21.49
C GLY C 68 8.07 -14.98 21.20
N THR C 69 8.71 -15.55 22.23
CA THR C 69 9.48 -16.80 22.10
C THR C 69 8.74 -17.95 22.78
N ASP C 70 8.11 -17.67 23.93
CA ASP C 70 7.60 -18.71 24.85
C ASP C 70 6.07 -18.74 24.84
N PHE C 71 5.54 -19.88 24.40
CA PHE C 71 4.12 -20.15 24.33
C PHE C 71 3.80 -21.42 25.11
N SER C 72 2.50 -21.65 25.31
CA SER C 72 2.01 -22.73 26.13
C SER C 72 0.54 -23.01 25.78
N LEU C 73 0.25 -24.30 25.61
CA LEU C 73 -1.09 -24.80 25.36
C LEU C 73 -1.57 -25.57 26.60
N THR C 74 -2.79 -25.28 27.05
CA THR C 74 -3.37 -25.86 28.26
C THR C 74 -4.68 -26.59 27.90
N ILE C 75 -4.79 -27.83 28.38
CA ILE C 75 -6.01 -28.60 28.33
C ILE C 75 -6.58 -28.71 29.76
N ASN C 76 -7.82 -28.24 29.94
CA ASN C 76 -8.60 -28.51 31.13
C ASN C 76 -9.28 -29.88 30.96
N SER C 77 -9.63 -30.51 32.07
CA SER C 77 -10.37 -31.77 32.08
C SER C 77 -10.05 -32.59 30.82
N LEU C 78 -8.93 -33.33 30.87
CA LEU C 78 -8.59 -34.33 29.84
C LEU C 78 -9.75 -35.34 29.72
N ASP C 79 -10.31 -35.46 28.52
CA ASP C 79 -11.07 -36.64 28.15
C ASP C 79 -10.09 -37.67 27.60
N SER C 80 -10.58 -38.90 27.47
CA SER C 80 -9.79 -40.05 27.00
C SER C 80 -9.37 -39.84 25.54
N GLU C 81 -10.10 -38.97 24.84
CA GLU C 81 -9.96 -38.79 23.38
C GLU C 81 -8.82 -37.83 23.05
N ASP C 82 -8.24 -37.20 24.09
CA ASP C 82 -7.23 -36.15 23.96
C ASP C 82 -5.84 -36.76 23.74
N VAL C 83 -5.73 -38.09 23.74
CA VAL C 83 -4.48 -38.79 23.41
C VAL C 83 -3.98 -38.29 22.05
N GLY C 84 -2.65 -38.23 21.90
CA GLY C 84 -2.00 -37.98 20.62
C GLY C 84 -0.63 -37.35 20.82
N THR C 85 0.04 -37.04 19.70
CA THR C 85 1.23 -36.18 19.67
C THR C 85 0.78 -34.74 19.30
N TYR C 86 1.36 -33.74 19.96
CA TYR C 86 0.99 -32.34 19.72
C TYR C 86 2.16 -31.59 19.08
N PHE C 87 1.85 -30.64 18.18
CA PHE C 87 2.86 -29.85 17.49
C PHE C 87 2.54 -28.35 17.58
N CYS C 88 3.60 -27.54 17.60
CA CYS C 88 3.49 -26.11 17.37
C CYS C 88 4.14 -25.78 16.01
N GLN C 89 3.57 -24.83 15.28
CA GLN C 89 4.21 -24.35 14.04
C GLN C 89 4.13 -22.83 13.96
N GLN C 90 5.15 -22.24 13.34
CA GLN C 90 5.34 -20.78 13.30
C GLN C 90 5.02 -20.26 11.90
N GLY C 91 4.69 -18.97 11.83
CA GLY C 91 3.99 -18.39 10.69
C GLY C 91 4.95 -17.88 9.63
N TYR C 92 6.10 -17.39 10.08
CA TYR C 92 7.11 -16.77 9.24
C TYR C 92 7.75 -17.87 8.38
N THR C 93 8.20 -17.48 7.18
CA THR C 93 8.87 -18.39 6.26
C THR C 93 10.33 -18.54 6.66
N PRO C 94 10.90 -19.72 6.39
CA PRO C 94 10.15 -20.93 6.16
C PRO C 94 9.39 -21.34 7.43
N ARG C 95 8.17 -21.86 7.23
CA ARG C 95 7.30 -22.25 8.33
C ARG C 95 7.82 -23.58 8.84
N THR C 96 8.14 -23.61 10.14
CA THR C 96 8.72 -24.77 10.81
C THR C 96 7.71 -25.26 11.84
N PHE C 97 7.84 -26.54 12.21
CA PHE C 97 6.98 -27.18 13.20
C PHE C 97 7.79 -27.51 14.46
N GLY C 98 7.08 -27.85 15.53
CA GLY C 98 7.67 -28.44 16.73
C GLY C 98 8.06 -29.89 16.48
N PRO C 99 8.91 -30.49 17.35
CA PRO C 99 9.38 -31.86 17.18
C PRO C 99 8.29 -32.88 17.54
N GLY C 100 7.28 -32.44 18.29
CA GLY C 100 6.20 -33.28 18.80
C GLY C 100 6.24 -33.42 20.30
N THR C 101 5.09 -33.75 20.89
CA THR C 101 4.93 -33.88 22.33
C THR C 101 3.83 -34.90 22.58
N LYS C 102 4.22 -36.09 23.06
CA LYS C 102 3.30 -37.20 23.18
C LYS C 102 2.63 -37.15 24.56
N LEU C 103 1.30 -37.30 24.53
CA LEU C 103 0.46 -37.23 25.70
C LEU C 103 -0.29 -38.56 25.84
N GLU C 104 0.15 -39.38 26.80
CA GLU C 104 -0.55 -40.61 27.16
C GLU C 104 -1.53 -40.30 28.29
N ILE C 105 -2.67 -41.01 28.28
CA ILE C 105 -3.67 -40.86 29.32
C ILE C 105 -3.65 -42.11 30.19
N LYS C 106 -3.38 -41.91 31.49
CA LYS C 106 -3.38 -42.98 32.49
C LYS C 106 -4.81 -43.39 32.82
N ARG C 107 -4.94 -44.63 33.32
CA ARG C 107 -6.20 -45.23 33.70
C ARG C 107 -5.95 -46.41 34.64
N ALA C 108 -7.04 -46.95 35.19
CA ALA C 108 -7.04 -48.21 35.94
C ALA C 108 -6.47 -49.32 35.04
N ASP C 109 -5.53 -50.10 35.60
CA ASP C 109 -4.98 -51.28 34.93
C ASP C 109 -6.14 -52.14 34.38
N ALA C 110 -5.92 -52.71 33.19
CA ALA C 110 -6.88 -53.56 32.51
C ALA C 110 -6.19 -54.87 32.10
N LYS C 111 -6.96 -55.95 32.11
CA LYS C 111 -6.46 -57.31 31.86
C LYS C 111 -6.49 -57.61 30.37
N PRO C 112 -5.39 -58.13 29.76
CA PRO C 112 -5.35 -58.42 28.33
C PRO C 112 -6.36 -59.51 27.95
N THR C 113 -6.51 -59.78 26.65
CA THR C 113 -7.39 -60.84 26.17
C THR C 113 -6.68 -61.61 25.05
N VAL C 114 -6.02 -62.71 25.45
CA VAL C 114 -5.19 -63.46 24.54
C VAL C 114 -6.08 -64.45 23.77
N SER C 115 -5.87 -64.49 22.45
CA SER C 115 -6.44 -65.49 21.57
C SER C 115 -5.37 -65.88 20.54
N ILE C 116 -5.20 -67.19 20.35
CA ILE C 116 -4.14 -67.74 19.51
C ILE C 116 -4.79 -68.38 18.27
N PHE C 117 -4.04 -68.39 17.16
CA PHE C 117 -4.53 -68.80 15.85
C PHE C 117 -3.50 -69.67 15.16
N PRO C 118 -3.93 -70.71 14.43
CA PRO C 118 -3.05 -71.51 13.58
C PRO C 118 -2.69 -70.83 12.26
N PRO C 119 -1.78 -71.43 11.46
CA PRO C 119 -1.62 -71.03 10.06
C PRO C 119 -2.85 -71.51 9.27
N SER C 120 -3.33 -70.67 8.35
CA SER C 120 -4.41 -71.06 7.45
C SER C 120 -3.99 -72.26 6.61
N SER C 121 -4.98 -73.02 6.13
CA SER C 121 -4.75 -74.05 5.12
C SER C 121 -4.07 -73.43 3.89
N GLU C 122 -4.60 -72.27 3.46
CA GLU C 122 -4.16 -71.58 2.23
C GLU C 122 -2.66 -71.26 2.32
N GLN C 123 -2.28 -70.66 3.45
CA GLN C 123 -0.90 -70.39 3.76
C GLN C 123 -0.09 -71.67 3.65
N LEU C 124 -0.49 -72.69 4.43
CA LEU C 124 0.20 -73.98 4.46
C LEU C 124 0.47 -74.44 3.03
N GLY C 125 -0.50 -74.20 2.13
CA GLY C 125 -0.37 -74.42 0.69
C GLY C 125 0.91 -73.87 0.12
N THR C 126 1.25 -72.63 0.49
CA THR C 126 2.36 -71.87 -0.09
C THR C 126 3.72 -72.44 0.33
N GLY C 127 3.73 -73.26 1.39
CA GLY C 127 4.96 -73.88 1.91
C GLY C 127 5.49 -73.13 3.11
N SER C 128 4.72 -72.13 3.61
CA SER C 128 5.00 -71.39 4.82
C SER C 128 3.90 -71.65 5.86
N ALA C 129 4.20 -71.32 7.12
CA ALA C 129 3.31 -71.54 8.26
C ALA C 129 3.63 -70.50 9.34
N THR C 130 2.70 -69.55 9.52
CA THR C 130 2.82 -68.44 10.45
C THR C 130 1.64 -68.49 11.42
N LEU C 131 1.94 -68.43 12.70
CA LEU C 131 0.95 -68.47 13.76
C LEU C 131 0.86 -67.09 14.40
N VAL C 132 -0.35 -66.71 14.81
CA VAL C 132 -0.66 -65.35 15.24
C VAL C 132 -1.23 -65.40 16.65
N CYS C 133 -0.95 -64.36 17.44
CA CYS C 133 -1.38 -64.25 18.81
C CYS C 133 -1.73 -62.79 19.11
N PHE C 134 -3.01 -62.54 19.40
CA PHE C 134 -3.52 -61.20 19.69
C PHE C 134 -3.69 -61.04 21.21
N VAL C 135 -2.97 -60.07 21.78
CA VAL C 135 -3.12 -59.67 23.16
C VAL C 135 -3.70 -58.24 23.20
N ASN C 136 -5.01 -58.14 23.40
CA ASN C 136 -5.77 -56.90 23.13
C ASN C 136 -6.25 -56.28 24.44
N ASN C 137 -6.09 -54.95 24.54
CA ASN C 137 -6.85 -54.10 25.47
C ASN C 137 -6.37 -54.33 26.90
N PHE C 138 -5.21 -53.76 27.24
CA PHE C 138 -4.61 -53.91 28.55
C PHE C 138 -4.01 -52.58 28.97
N TYR C 139 -3.54 -52.51 30.21
CA TYR C 139 -2.87 -51.34 30.74
C TYR C 139 -2.13 -51.75 32.01
N PRO C 140 -0.86 -51.34 32.24
CA PRO C 140 -0.20 -50.32 31.43
C PRO C 140 0.36 -50.88 30.13
N LYS C 141 1.10 -50.03 29.42
CA LYS C 141 1.76 -50.40 28.18
C LYS C 141 2.67 -51.61 28.42
N ASP C 142 3.42 -51.58 29.52
CA ASP C 142 4.51 -52.51 29.75
C ASP C 142 3.96 -53.95 29.85
N ILE C 143 4.56 -54.86 29.07
CA ILE C 143 4.11 -56.26 28.92
C ILE C 143 5.20 -57.08 28.20
N ASN C 144 5.23 -58.40 28.44
CA ASN C 144 6.12 -59.33 27.76
C ASN C 144 5.30 -60.52 27.24
N VAL C 145 5.62 -60.95 26.02
CA VAL C 145 5.01 -62.09 25.36
C VAL C 145 6.15 -63.01 24.90
N LYS C 146 5.92 -64.33 25.01
CA LYS C 146 6.89 -65.35 24.61
C LYS C 146 6.16 -66.45 23.84
N TRP C 147 6.86 -67.05 22.87
CA TRP C 147 6.36 -68.21 22.16
C TRP C 147 7.03 -69.47 22.76
N LYS C 148 6.33 -70.60 22.66
CA LYS C 148 6.80 -71.87 23.17
C LYS C 148 6.33 -73.00 22.23
N VAL C 149 7.32 -73.70 21.67
CA VAL C 149 7.09 -74.91 20.91
C VAL C 149 7.45 -76.11 21.80
N ASP C 150 6.43 -76.92 22.11
CA ASP C 150 6.58 -78.15 22.91
C ASP C 150 7.20 -77.79 24.27
N GLY C 151 6.73 -76.68 24.86
CA GLY C 151 7.15 -76.23 26.19
C GLY C 151 8.57 -75.64 26.22
N SER C 152 9.10 -75.32 25.04
CA SER C 152 10.45 -74.80 24.91
C SER C 152 10.43 -73.44 24.20
N GLU C 153 11.02 -72.44 24.86
CA GLU C 153 10.97 -71.07 24.38
C GLU C 153 11.50 -71.02 22.94
N LYS C 154 10.91 -70.12 22.16
CA LYS C 154 11.22 -69.90 20.75
C LYS C 154 11.26 -68.37 20.51
N ARG C 155 12.30 -67.90 19.82
CA ARG C 155 12.46 -66.47 19.50
C ARG C 155 12.98 -66.26 18.07
N ASP C 156 12.85 -67.28 17.22
CA ASP C 156 13.32 -67.25 15.83
C ASP C 156 12.11 -67.25 14.88
N GLY C 157 11.94 -66.11 14.18
CA GLY C 157 10.78 -65.85 13.38
C GLY C 157 9.61 -65.45 14.24
N VAL C 158 9.90 -64.82 15.38
CA VAL C 158 8.94 -64.07 16.17
C VAL C 158 9.03 -62.60 15.78
N LEU C 159 7.88 -61.98 15.48
CA LEU C 159 7.80 -60.54 15.26
C LEU C 159 6.46 -60.02 15.79
N GLN C 160 6.49 -58.86 16.44
CA GLN C 160 5.29 -58.25 17.01
C GLN C 160 5.29 -56.75 16.75
N SER C 161 4.08 -56.18 16.68
CA SER C 161 3.89 -54.76 16.82
C SER C 161 2.80 -54.52 17.85
N VAL C 162 2.58 -53.24 18.17
CA VAL C 162 1.69 -52.81 19.24
C VAL C 162 1.07 -51.48 18.84
N THR C 163 -0.24 -51.37 19.10
CA THR C 163 -0.99 -50.19 18.72
C THR C 163 -0.71 -49.09 19.73
N ASP C 164 -1.01 -47.85 19.33
CA ASP C 164 -0.94 -46.71 20.22
C ASP C 164 -2.20 -46.65 21.08
N GLN C 165 -2.09 -45.92 22.19
CA GLN C 165 -3.12 -45.84 23.19
C GLN C 165 -4.43 -45.47 22.51
N ASP C 166 -5.42 -46.36 22.57
CA ASP C 166 -6.70 -46.15 21.93
C ASP C 166 -7.35 -44.88 22.47
N SER C 167 -8.03 -44.15 21.58
CA SER C 167 -8.63 -42.85 21.91
C SER C 167 -9.77 -43.06 22.92
N LYS C 168 -10.56 -44.11 22.71
CA LYS C 168 -11.79 -44.33 23.45
C LYS C 168 -11.48 -44.77 24.89
N ASP C 169 -10.75 -45.88 25.04
CA ASP C 169 -10.62 -46.59 26.33
C ASP C 169 -9.16 -46.53 26.84
N SER C 170 -8.31 -45.74 26.17
CA SER C 170 -6.88 -45.60 26.51
C SER C 170 -6.29 -46.94 26.95
N THR C 171 -6.44 -47.96 26.09
CA THR C 171 -5.73 -49.23 26.22
C THR C 171 -4.78 -49.44 25.04
N TYR C 172 -3.87 -50.41 25.20
CA TYR C 172 -2.93 -50.86 24.17
C TYR C 172 -3.34 -52.25 23.69
N SER C 173 -2.74 -52.68 22.57
CA SER C 173 -2.85 -54.06 22.06
C SER C 173 -1.53 -54.47 21.43
N LEU C 174 -1.31 -55.79 21.34
CA LEU C 174 -0.11 -56.38 20.76
C LEU C 174 -0.51 -57.47 19.76
N SER C 175 0.35 -57.71 18.77
CA SER C 175 0.21 -58.86 17.88
C SER C 175 1.59 -59.45 17.62
N SER C 176 1.86 -60.59 18.26
CA SER C 176 3.05 -61.39 18.02
C SER C 176 2.71 -62.53 17.05
N THR C 177 3.64 -62.77 16.13
CA THR C 177 3.54 -63.80 15.10
C THR C 177 4.75 -64.72 15.19
N LEU C 178 4.58 -65.93 14.66
CA LEU C 178 5.61 -66.92 14.64
C LEU C 178 5.68 -67.53 13.24
N SER C 179 6.76 -67.24 12.52
CA SER C 179 6.91 -67.61 11.13
C SER C 179 7.84 -68.83 11.00
N LEU C 180 7.35 -69.87 10.32
CA LEU C 180 8.03 -71.15 10.18
C LEU C 180 7.84 -71.66 8.74
N THR C 181 8.71 -72.59 8.34
CA THR C 181 8.47 -73.42 7.16
C THR C 181 7.35 -74.42 7.47
N LYS C 182 6.64 -74.86 6.43
CA LYS C 182 5.65 -75.93 6.53
C LYS C 182 6.27 -77.15 7.22
N ALA C 183 7.51 -77.47 6.82
CA ALA C 183 8.24 -78.66 7.27
C ALA C 183 8.49 -78.59 8.80
N ASP C 184 8.97 -77.43 9.26
CA ASP C 184 9.36 -77.21 10.67
C ASP C 184 8.13 -77.05 11.55
N TYR C 185 7.01 -76.64 10.95
CA TYR C 185 5.72 -76.61 11.61
C TYR C 185 5.24 -78.03 11.90
N GLU C 186 5.28 -78.89 10.87
CA GLU C 186 4.74 -80.21 10.95
C GLU C 186 5.57 -81.06 11.94
N ARG C 187 6.87 -80.78 12.00
CA ARG C 187 7.81 -81.56 12.83
C ARG C 187 7.36 -81.55 14.30
N HIS C 188 7.03 -80.37 14.84
CA HIS C 188 6.61 -80.21 16.25
C HIS C 188 5.08 -80.25 16.37
N ASN C 189 4.61 -80.35 17.62
CA ASN C 189 3.23 -80.64 17.95
C ASN C 189 2.56 -79.38 18.49
N LEU C 190 2.95 -78.95 19.71
CA LEU C 190 2.15 -78.04 20.56
C LEU C 190 2.79 -76.65 20.64
N TYR C 191 2.00 -75.63 20.30
CA TYR C 191 2.44 -74.24 20.14
C TYR C 191 1.72 -73.34 21.16
N THR C 192 2.49 -72.47 21.82
CA THR C 192 2.09 -71.85 23.11
C THR C 192 2.50 -70.37 23.12
N CYS C 193 1.55 -69.52 23.55
CA CYS C 193 1.68 -68.08 23.51
C CYS C 193 1.59 -67.56 24.96
N GLU C 194 2.75 -67.23 25.53
CA GLU C 194 2.88 -67.03 26.98
C GLU C 194 3.11 -65.54 27.26
N VAL C 195 2.25 -64.98 28.12
CA VAL C 195 2.07 -63.53 28.27
C VAL C 195 2.25 -63.16 29.74
N THR C 196 3.17 -62.24 30.00
CA THR C 196 3.46 -61.72 31.33
C THR C 196 2.96 -60.28 31.44
N HIS C 197 1.97 -60.04 32.31
CA HIS C 197 1.47 -58.69 32.56
C HIS C 197 1.29 -58.42 34.07
N LYS C 198 1.30 -57.14 34.42
CA LYS C 198 1.16 -56.62 35.78
C LYS C 198 -0.14 -57.12 36.43
N THR C 199 -1.19 -57.36 35.64
CA THR C 199 -2.56 -57.53 36.14
C THR C 199 -2.74 -58.91 36.81
N SER C 200 -2.48 -59.99 36.06
CA SER C 200 -2.44 -61.35 36.60
C SER C 200 -1.07 -61.61 37.23
N THR C 201 -1.05 -62.49 38.25
CA THR C 201 0.18 -62.82 39.01
C THR C 201 1.02 -63.87 38.24
N ALA C 202 0.33 -64.89 37.71
CA ALA C 202 0.91 -65.87 36.79
C ALA C 202 0.59 -65.52 35.34
N ALA C 203 1.41 -66.08 34.42
CA ALA C 203 1.41 -65.75 32.99
C ALA C 203 0.14 -66.31 32.33
N ILE C 204 -0.50 -65.48 31.50
CA ILE C 204 -1.70 -65.86 30.74
C ILE C 204 -1.24 -66.62 29.49
N VAL C 205 -1.76 -67.84 29.33
CA VAL C 205 -1.24 -68.79 28.34
C VAL C 205 -2.43 -69.37 27.55
N LYS C 206 -2.34 -69.28 26.22
CA LYS C 206 -3.17 -70.08 25.31
C LYS C 206 -2.25 -70.98 24.49
N THR C 207 -2.77 -72.15 24.13
CA THR C 207 -1.99 -73.23 23.52
C THR C 207 -2.73 -73.74 22.29
N LEU C 208 -1.99 -74.36 21.36
CA LEU C 208 -2.54 -74.89 20.12
C LEU C 208 -2.17 -76.37 20.00
N ASN C 209 -3.18 -77.25 20.07
CA ASN C 209 -3.03 -78.65 19.66
C ASN C 209 -3.11 -78.70 18.13
N ARG C 210 -1.96 -78.88 17.49
CA ARG C 210 -1.85 -79.03 16.03
C ARG C 210 -2.52 -80.33 15.58
N ASN C 211 -2.35 -81.38 16.40
CA ASN C 211 -2.87 -82.74 16.18
C ASN C 211 -4.18 -82.90 16.96
N GLN D 1 -19.24 -29.63 1.56
CA GLN D 1 -18.21 -29.11 2.52
C GLN D 1 -16.83 -29.21 1.87
N LEU D 2 -15.83 -28.56 2.48
CA LEU D 2 -14.48 -28.53 1.94
C LEU D 2 -13.78 -29.86 2.24
N GLN D 3 -13.25 -30.50 1.19
CA GLN D 3 -12.48 -31.73 1.29
C GLN D 3 -11.25 -31.65 0.39
N LEU D 4 -10.13 -32.18 0.87
CA LEU D 4 -8.86 -32.30 0.14
C LEU D 4 -8.45 -33.76 0.08
N GLN D 5 -8.00 -34.24 -1.08
CA GLN D 5 -7.64 -35.65 -1.23
C GLN D 5 -6.44 -35.76 -2.18
N GLU D 6 -5.35 -36.31 -1.65
CA GLU D 6 -4.07 -36.47 -2.35
C GLU D 6 -4.19 -37.58 -3.39
N SER D 7 -3.23 -37.62 -4.32
CA SER D 7 -3.26 -38.54 -5.45
C SER D 7 -1.85 -38.71 -5.99
N GLY D 8 -1.52 -39.95 -6.40
CA GLY D 8 -0.35 -40.22 -7.22
C GLY D 8 0.36 -41.52 -6.80
N PRO D 9 1.59 -41.77 -7.32
CA PRO D 9 2.29 -43.04 -7.10
C PRO D 9 2.83 -43.20 -5.67
N GLY D 10 2.60 -44.40 -5.10
CA GLY D 10 3.07 -44.78 -3.78
C GLY D 10 4.57 -45.02 -3.72
N LEU D 11 5.19 -45.36 -4.86
CA LEU D 11 6.62 -45.70 -4.91
C LEU D 11 7.30 -44.83 -5.96
N VAL D 12 8.53 -44.41 -5.65
CA VAL D 12 9.36 -43.63 -6.56
C VAL D 12 10.79 -44.16 -6.47
N LYS D 13 11.46 -44.19 -7.62
CA LYS D 13 12.82 -44.71 -7.70
C LYS D 13 13.79 -43.55 -7.54
N PRO D 14 14.94 -43.74 -6.86
CA PRO D 14 15.91 -42.67 -6.66
C PRO D 14 16.33 -42.02 -7.98
N SER D 15 16.70 -40.73 -7.90
CA SER D 15 17.08 -39.93 -9.07
C SER D 15 15.92 -39.90 -10.08
N GLN D 16 14.70 -39.83 -9.58
CA GLN D 16 13.51 -39.56 -10.39
C GLN D 16 12.80 -38.33 -9.81
N SER D 17 11.68 -37.97 -10.44
CA SER D 17 10.83 -36.90 -9.95
C SER D 17 9.57 -37.53 -9.33
N LEU D 18 9.32 -37.19 -8.06
CA LEU D 18 8.07 -37.50 -7.39
C LEU D 18 7.02 -36.51 -7.86
N SER D 19 5.81 -37.00 -8.16
CA SER D 19 4.75 -36.12 -8.57
C SER D 19 3.42 -36.56 -7.95
N LEU D 20 2.73 -35.64 -7.30
CA LEU D 20 1.45 -35.89 -6.65
C LEU D 20 0.45 -34.80 -7.06
N ALA D 21 -0.81 -34.99 -6.68
CA ALA D 21 -1.91 -34.11 -7.03
C ALA D 21 -2.98 -34.14 -5.93
N CYS D 22 -3.62 -32.99 -5.72
CA CYS D 22 -4.61 -32.85 -4.68
C CYS D 22 -5.91 -32.35 -5.29
N SER D 23 -7.02 -32.96 -4.88
CA SER D 23 -8.32 -32.67 -5.43
C SER D 23 -9.20 -32.03 -4.37
N VAL D 24 -9.55 -30.77 -4.63
CA VAL D 24 -10.38 -29.98 -3.76
C VAL D 24 -11.83 -30.11 -4.22
N THR D 25 -12.71 -30.38 -3.26
CA THR D 25 -14.15 -30.41 -3.49
C THR D 25 -14.81 -29.52 -2.43
N GLY D 26 -15.90 -28.84 -2.82
CA GLY D 26 -16.67 -27.96 -1.94
C GLY D 26 -16.02 -26.60 -1.73
N PHE D 27 -15.03 -26.26 -2.56
CA PHE D 27 -14.31 -24.98 -2.47
C PHE D 27 -13.46 -24.72 -3.71
N SER D 28 -13.16 -23.44 -3.98
CA SER D 28 -12.47 -23.04 -5.19
C SER D 28 -11.01 -22.70 -4.87
N LEU D 29 -10.08 -23.26 -5.66
CA LEU D 29 -8.67 -22.88 -5.65
C LEU D 29 -8.53 -21.35 -5.64
N SER D 30 -9.15 -20.72 -6.64
CA SER D 30 -9.09 -19.27 -6.87
C SER D 30 -10.23 -18.56 -6.13
N THR D 31 -10.11 -18.51 -4.79
CA THR D 31 -10.97 -17.70 -3.95
C THR D 31 -10.08 -16.89 -3.01
N GLY D 32 -10.42 -15.62 -2.81
CA GLY D 32 -9.50 -14.65 -2.27
C GLY D 32 -9.41 -14.79 -0.76
N GLY D 33 -8.18 -15.09 -0.28
CA GLY D 33 -7.85 -15.09 1.14
C GLY D 33 -7.30 -16.43 1.60
N TYR D 34 -7.55 -17.49 0.82
CA TYR D 34 -7.10 -18.83 1.15
C TYR D 34 -6.07 -19.27 0.11
N GLN D 35 -4.91 -19.74 0.60
CA GLN D 35 -3.80 -20.29 -0.20
C GLN D 35 -3.79 -21.82 -0.04
N TRP D 36 -2.89 -22.51 -0.76
CA TRP D 36 -2.85 -23.99 -0.73
C TRP D 36 -1.40 -24.49 -0.70
N THR D 37 -1.19 -25.63 -0.02
CA THR D 37 0.13 -26.02 0.47
C THR D 37 0.31 -27.54 0.42
N TRP D 38 1.59 -27.96 0.41
CA TRP D 38 1.99 -29.33 0.56
C TRP D 38 2.97 -29.44 1.73
N ILE D 39 2.70 -30.39 2.64
CA ILE D 39 3.48 -30.67 3.85
C ILE D 39 3.74 -32.17 3.91
N ARG D 40 4.92 -32.57 4.38
CA ARG D 40 5.28 -33.97 4.48
C ARG D 40 5.70 -34.28 5.91
N GLN D 41 5.44 -35.53 6.33
CA GLN D 41 5.77 -36.07 7.64
C GLN D 41 6.68 -37.29 7.47
N PHE D 42 7.90 -37.19 8.01
CA PHE D 42 8.87 -38.25 7.90
C PHE D 42 8.46 -39.42 8.79
N PRO D 43 9.02 -40.63 8.56
CA PRO D 43 9.05 -41.66 9.60
C PRO D 43 9.81 -41.12 10.83
N GLY D 44 9.13 -41.17 11.98
CA GLY D 44 9.51 -40.44 13.19
C GLY D 44 8.68 -39.19 13.38
N LYS D 45 7.71 -38.98 12.48
CA LYS D 45 6.61 -38.07 12.69
C LYS D 45 7.13 -36.64 12.88
N LYS D 46 8.07 -36.21 12.04
CA LYS D 46 8.58 -34.84 12.05
C LYS D 46 8.15 -34.17 10.74
N LEU D 47 7.52 -33.00 10.87
CA LEU D 47 6.79 -32.34 9.78
C LEU D 47 7.69 -31.25 9.16
N GLU D 48 7.76 -31.25 7.83
CA GLU D 48 8.42 -30.21 7.06
C GLU D 48 7.39 -29.68 6.07
N TRP D 49 7.09 -28.38 6.18
CA TRP D 49 6.33 -27.63 5.17
C TRP D 49 7.23 -27.43 3.94
N MET D 50 6.72 -27.84 2.78
CA MET D 50 7.49 -27.85 1.55
C MET D 50 7.26 -26.55 0.78
N GLY D 51 6.01 -26.34 0.36
CA GLY D 51 5.63 -25.26 -0.53
C GLY D 51 4.18 -24.89 -0.37
N TYR D 52 3.71 -23.98 -1.23
CA TYR D 52 2.53 -23.20 -0.95
C TYR D 52 2.27 -22.24 -2.12
N ILE D 53 1.00 -22.20 -2.55
CA ILE D 53 0.55 -21.51 -3.73
C ILE D 53 -0.73 -20.75 -3.41
N SER D 54 -0.87 -19.57 -4.01
CA SER D 54 -1.94 -18.66 -3.71
C SER D 54 -3.22 -19.06 -4.46
N TYR D 55 -4.30 -18.35 -4.16
CA TYR D 55 -5.48 -18.41 -4.97
C TYR D 55 -5.17 -17.81 -6.34
N ALA D 56 -4.31 -16.80 -6.36
CA ALA D 56 -4.00 -16.04 -7.57
C ALA D 56 -2.88 -16.72 -8.37
N GLY D 57 -2.16 -17.66 -7.75
CA GLY D 57 -1.19 -18.51 -8.47
C GLY D 57 0.25 -18.17 -8.15
N GLY D 58 0.46 -17.34 -7.12
CA GLY D 58 1.76 -17.02 -6.60
C GLY D 58 2.25 -18.05 -5.61
N ILE D 59 3.58 -18.23 -5.60
CA ILE D 59 4.24 -19.40 -5.06
C ILE D 59 5.19 -18.93 -3.98
N THR D 60 5.30 -19.74 -2.92
CA THR D 60 6.34 -19.62 -1.92
C THR D 60 6.86 -21.02 -1.57
N TYR D 61 8.17 -21.13 -1.34
CA TYR D 61 8.87 -22.42 -1.16
C TYR D 61 9.78 -22.40 0.08
N ASN D 62 9.91 -23.58 0.71
CA ASN D 62 10.94 -23.84 1.72
C ASN D 62 12.30 -23.80 1.04
N PRO D 63 13.16 -22.81 1.36
CA PRO D 63 14.46 -22.67 0.70
C PRO D 63 15.36 -23.91 0.85
N SER D 64 15.23 -24.61 1.97
CA SER D 64 15.90 -25.90 2.21
C SER D 64 15.66 -26.84 1.03
N LEU D 65 14.46 -26.75 0.44
CA LEU D 65 13.96 -27.73 -0.50
C LEU D 65 13.65 -27.07 -1.85
N LYS D 66 14.22 -25.88 -2.08
CA LYS D 66 14.08 -25.19 -3.35
C LYS D 66 14.95 -25.91 -4.38
N SER D 67 14.77 -25.55 -5.66
CA SER D 67 15.63 -26.01 -6.73
C SER D 67 15.40 -27.50 -7.00
N ARG D 68 14.37 -28.07 -6.37
CA ARG D 68 13.90 -29.40 -6.72
C ARG D 68 12.36 -29.40 -6.85
N ILE D 69 11.68 -28.48 -6.16
CA ILE D 69 10.21 -28.47 -6.17
C ILE D 69 9.71 -27.68 -7.38
N SER D 70 8.53 -28.06 -7.86
CA SER D 70 7.64 -27.15 -8.56
C SER D 70 6.19 -27.51 -8.22
N ILE D 71 5.48 -26.53 -7.67
CA ILE D 71 4.06 -26.62 -7.46
C ILE D 71 3.36 -25.84 -8.57
N THR D 72 2.28 -26.45 -9.07
CA THR D 72 1.49 -25.95 -10.15
C THR D 72 0.03 -26.17 -9.79
N ARG D 73 -0.88 -25.64 -10.59
CA ARG D 73 -2.28 -25.83 -10.34
C ARG D 73 -3.05 -25.82 -11.65
N ASP D 74 -4.28 -26.33 -11.55
CA ASP D 74 -5.20 -26.39 -12.64
C ASP D 74 -6.57 -25.98 -12.12
N THR D 75 -6.93 -24.73 -12.43
CA THR D 75 -8.05 -24.07 -11.85
C THR D 75 -9.35 -24.73 -12.33
N SER D 76 -9.32 -25.22 -13.57
CA SER D 76 -10.49 -25.79 -14.25
C SER D 76 -10.93 -27.10 -13.59
N LYS D 77 -9.96 -27.99 -13.34
CA LYS D 77 -10.22 -29.29 -12.68
C LYS D 77 -10.39 -29.06 -11.16
N ASN D 78 -9.75 -28.03 -10.63
CA ASN D 78 -9.86 -27.57 -9.23
C ASN D 78 -8.91 -28.40 -8.37
N GLN D 79 -7.67 -28.47 -8.84
CA GLN D 79 -6.64 -29.30 -8.28
C GLN D 79 -5.37 -28.46 -8.18
N PHE D 80 -4.34 -29.08 -7.59
CA PHE D 80 -3.00 -28.58 -7.66
C PHE D 80 -2.02 -29.72 -7.39
N PHE D 81 -0.76 -29.48 -7.75
CA PHE D 81 0.16 -30.53 -8.08
C PHE D 81 1.51 -30.19 -7.47
N LEU D 82 2.16 -31.22 -6.90
CA LEU D 82 3.52 -31.13 -6.40
C LEU D 82 4.42 -31.96 -7.29
N GLN D 83 5.60 -31.40 -7.60
CA GLN D 83 6.73 -32.16 -8.13
C GLN D 83 7.93 -32.00 -7.19
N LEU D 84 8.80 -33.01 -7.18
CA LEU D 84 10.08 -32.93 -6.52
C LEU D 84 11.08 -33.81 -7.27
N ASN D 85 12.17 -33.17 -7.73
CA ASN D 85 13.13 -33.79 -8.64
C ASN D 85 14.27 -34.40 -7.83
N THR D 86 15.05 -35.28 -8.49
CA THR D 86 16.25 -35.91 -7.94
C THR D 86 15.95 -36.40 -6.51
N VAL D 87 14.91 -37.25 -6.42
CA VAL D 87 14.42 -37.84 -5.18
C VAL D 87 15.50 -38.80 -4.66
N THR D 88 15.63 -38.89 -3.33
CA THR D 88 16.49 -39.88 -2.66
C THR D 88 15.70 -40.56 -1.52
N THR D 89 16.35 -41.52 -0.85
CA THR D 89 15.73 -42.29 0.24
C THR D 89 15.35 -41.38 1.40
N GLU D 90 16.01 -40.22 1.50
CA GLU D 90 15.71 -39.23 2.52
C GLU D 90 14.25 -38.81 2.39
N ASP D 91 13.76 -38.64 1.15
CA ASP D 91 12.51 -37.92 0.83
C ASP D 91 11.28 -38.82 1.01
N THR D 92 11.52 -40.09 1.37
CA THR D 92 10.48 -41.00 1.83
C THR D 92 9.71 -40.34 2.98
N ALA D 93 8.41 -40.08 2.77
CA ALA D 93 7.55 -39.53 3.81
C ALA D 93 6.07 -39.58 3.39
N THR D 94 5.20 -39.18 4.32
CA THR D 94 3.77 -39.14 4.13
C THR D 94 3.37 -37.72 3.75
N HIS D 95 3.03 -37.49 2.48
CA HIS D 95 2.80 -36.15 1.96
C HIS D 95 1.34 -35.77 2.20
N TYR D 96 1.13 -34.53 2.65
CA TYR D 96 -0.19 -34.02 3.05
C TYR D 96 -0.56 -32.75 2.26
N CYS D 97 -1.82 -32.69 1.84
CA CYS D 97 -2.41 -31.61 1.12
C CYS D 97 -3.24 -30.80 2.11
N ALA D 98 -3.10 -29.47 2.14
CA ALA D 98 -3.79 -28.62 3.11
C ALA D 98 -4.10 -27.23 2.55
N ARG D 99 -5.17 -26.61 3.08
CA ARG D 99 -5.54 -25.20 2.81
C ARG D 99 -4.87 -24.28 3.84
N VAL D 100 -4.57 -23.04 3.44
CA VAL D 100 -3.91 -22.08 4.31
C VAL D 100 -4.83 -20.90 4.55
N GLN D 101 -4.71 -20.33 5.76
CA GLN D 101 -5.38 -19.12 6.10
C GLN D 101 -4.40 -18.23 6.86
N TYR D 102 -4.78 -16.96 7.00
CA TYR D 102 -3.99 -15.96 7.65
C TYR D 102 -4.67 -15.48 8.93
N SER D 103 -3.82 -15.15 9.92
CA SER D 103 -4.19 -14.25 11.01
C SER D 103 -3.35 -12.97 10.90
N GLY D 104 -3.82 -12.09 10.01
CA GLY D 104 -3.07 -10.97 9.48
C GLY D 104 -2.12 -11.43 8.39
N TYR D 105 -1.93 -10.60 7.36
CA TYR D 105 -1.29 -11.09 6.15
C TYR D 105 0.10 -11.65 6.50
N GLY D 106 0.33 -12.90 6.10
CA GLY D 106 1.65 -13.56 6.18
C GLY D 106 1.65 -14.73 7.16
N ASN D 107 0.95 -14.53 8.28
CA ASN D 107 0.88 -15.46 9.38
C ASN D 107 0.08 -16.69 8.96
N ALA D 108 0.80 -17.75 8.58
CA ALA D 108 0.25 -18.87 7.85
C ALA D 108 -0.12 -19.96 8.85
N TYR D 109 -1.40 -20.34 8.84
CA TYR D 109 -1.84 -21.48 9.64
C TYR D 109 -2.75 -22.38 8.80
N PHE D 110 -2.50 -23.69 8.88
CA PHE D 110 -3.13 -24.66 8.01
C PHE D 110 -4.36 -25.23 8.69
N ASP D 111 -5.55 -24.92 8.17
CA ASP D 111 -6.79 -25.12 8.93
C ASP D 111 -7.45 -26.44 8.52
N VAL D 112 -7.48 -26.73 7.22
CA VAL D 112 -8.12 -27.93 6.72
C VAL D 112 -7.09 -28.77 5.96
N TRP D 113 -7.05 -30.06 6.28
CA TRP D 113 -5.97 -30.97 5.86
C TRP D 113 -6.56 -32.08 4.98
N GLY D 114 -5.63 -32.84 4.37
CA GLY D 114 -5.96 -33.94 3.48
C GLY D 114 -5.87 -35.27 4.20
N GLN D 115 -6.22 -36.34 3.48
CA GLN D 115 -6.20 -37.69 4.00
C GLN D 115 -4.75 -38.05 4.41
N GLY D 116 -3.82 -37.87 3.47
CA GLY D 116 -2.43 -38.26 3.62
C GLY D 116 -2.09 -39.33 2.63
N ILE D 117 -0.94 -39.20 1.97
CA ILE D 117 -0.48 -40.21 1.03
C ILE D 117 0.96 -40.60 1.38
N GLN D 118 1.23 -41.89 1.47
CA GLN D 118 2.56 -42.41 1.77
C GLN D 118 3.32 -42.56 0.45
N VAL D 119 4.45 -41.86 0.35
CA VAL D 119 5.38 -42.04 -0.74
C VAL D 119 6.70 -42.62 -0.21
N THR D 120 7.16 -43.69 -0.87
CA THR D 120 8.38 -44.41 -0.53
C THR D 120 9.37 -44.26 -1.68
N VAL D 121 10.68 -44.21 -1.34
CA VAL D 121 11.75 -44.00 -2.32
C VAL D 121 12.78 -45.15 -2.21
N SER D 122 12.64 -46.14 -3.11
CA SER D 122 13.38 -47.43 -3.06
C SER D 122 13.50 -48.03 -4.47
N SER D 123 14.51 -48.90 -4.63
CA SER D 123 14.87 -49.54 -5.90
C SER D 123 14.03 -50.81 -6.11
N ALA D 124 13.60 -51.46 -5.03
CA ALA D 124 12.97 -52.79 -5.08
C ALA D 124 11.52 -52.69 -5.60
N THR D 125 11.01 -53.83 -6.07
CA THR D 125 9.71 -53.92 -6.76
C THR D 125 8.56 -53.87 -5.75
N THR D 126 7.38 -53.42 -6.20
CA THR D 126 6.15 -53.64 -5.43
C THR D 126 5.85 -55.14 -5.40
N THR D 127 5.38 -55.60 -4.24
CA THR D 127 4.97 -56.98 -4.04
C THR D 127 3.55 -56.97 -3.47
N ALA D 128 2.67 -57.78 -4.07
CA ALA D 128 1.33 -57.94 -3.54
C ALA D 128 1.41 -58.76 -2.24
N PRO D 129 0.59 -58.40 -1.23
CA PRO D 129 0.42 -59.25 -0.05
C PRO D 129 -0.29 -60.56 -0.38
N SER D 130 0.10 -61.65 0.31
CA SER D 130 -0.78 -62.79 0.53
C SER D 130 -1.64 -62.51 1.78
N VAL D 131 -2.96 -62.64 1.63
CA VAL D 131 -3.87 -62.49 2.75
C VAL D 131 -4.41 -63.87 3.15
N TYR D 132 -4.47 -64.12 4.47
CA TYR D 132 -4.88 -65.40 5.08
C TYR D 132 -5.79 -65.16 6.28
N PRO D 133 -6.88 -65.95 6.43
CA PRO D 133 -7.81 -65.77 7.55
C PRO D 133 -7.19 -66.23 8.88
N LEU D 134 -7.84 -65.87 9.98
CA LEU D 134 -7.53 -66.37 11.32
C LEU D 134 -8.84 -66.69 12.04
N ALA D 135 -9.13 -67.99 12.19
CA ALA D 135 -10.17 -68.53 13.10
C ALA D 135 -9.55 -69.57 14.03
N PRO D 136 -10.06 -69.70 15.30
CA PRO D 136 -9.49 -70.64 16.27
C PRO D 136 -9.63 -72.11 15.84
N ASN D 146 -16.69 -65.48 26.37
CA ASN D 146 -17.71 -64.45 26.55
C ASN D 146 -18.03 -63.80 25.22
N THR D 147 -17.02 -63.69 24.33
CA THR D 147 -17.12 -63.10 22.98
C THR D 147 -15.87 -63.46 22.14
N VAL D 148 -16.05 -63.61 20.83
CA VAL D 148 -15.05 -64.20 19.93
C VAL D 148 -14.12 -63.10 19.37
N THR D 149 -12.93 -63.51 18.93
CA THR D 149 -11.99 -62.66 18.17
C THR D 149 -11.54 -63.40 16.90
N LEU D 150 -11.42 -62.65 15.80
CA LEU D 150 -10.88 -63.13 14.51
C LEU D 150 -9.86 -62.13 13.97
N GLY D 151 -9.16 -62.54 12.91
CA GLY D 151 -8.16 -61.69 12.29
C GLY D 151 -7.88 -62.03 10.85
N CYS D 152 -7.14 -61.13 10.19
CA CYS D 152 -6.54 -61.37 8.89
C CYS D 152 -5.04 -61.10 8.99
N LEU D 153 -4.25 -62.01 8.42
CA LEU D 153 -2.82 -61.81 8.27
C LEU D 153 -2.54 -61.31 6.85
N VAL D 154 -1.96 -60.12 6.74
CA VAL D 154 -1.45 -59.58 5.48
C VAL D 154 0.07 -59.73 5.49
N LYS D 155 0.55 -60.59 4.58
CA LYS D 155 1.90 -61.11 4.64
C LYS D 155 2.59 -60.80 3.32
N GLY D 156 3.71 -60.09 3.41
CA GLY D 156 4.70 -60.00 2.34
C GLY D 156 4.28 -59.01 1.28
N TYR D 157 4.23 -57.74 1.65
CA TYR D 157 3.80 -56.67 0.77
C TYR D 157 4.81 -55.52 0.80
N PHE D 158 4.94 -54.86 -0.36
CA PHE D 158 5.83 -53.72 -0.52
C PHE D 158 5.25 -52.76 -1.56
N PRO D 159 5.39 -51.43 -1.37
CA PRO D 159 5.79 -50.83 -0.10
C PRO D 159 4.57 -50.60 0.80
N GLU D 160 4.76 -49.75 1.81
CA GLU D 160 3.68 -49.32 2.69
C GLU D 160 2.60 -48.62 1.86
N PRO D 161 1.40 -48.42 2.43
CA PRO D 161 0.82 -49.32 3.43
C PRO D 161 -0.15 -50.30 2.77
N VAL D 162 -0.86 -51.05 3.61
CA VAL D 162 -2.13 -51.66 3.27
C VAL D 162 -3.18 -51.06 4.21
N THR D 163 -4.45 -51.32 3.92
CA THR D 163 -5.53 -50.86 4.74
C THR D 163 -6.57 -51.97 4.84
N VAL D 164 -7.09 -52.16 6.05
CA VAL D 164 -7.97 -53.26 6.33
C VAL D 164 -9.27 -52.68 6.89
N SER D 165 -10.39 -53.27 6.45
CA SER D 165 -11.69 -52.92 6.94
C SER D 165 -12.54 -54.18 7.06
N TRP D 166 -13.44 -54.16 8.04
CA TRP D 166 -14.27 -55.30 8.34
C TRP D 166 -15.72 -54.98 7.95
N ASN D 167 -16.21 -55.65 6.89
CA ASN D 167 -17.51 -55.37 6.31
C ASN D 167 -17.56 -53.91 5.85
N SER D 168 -16.45 -53.44 5.25
CA SER D 168 -16.36 -52.15 4.57
C SER D 168 -16.84 -51.00 5.46
N GLY D 169 -16.46 -51.05 6.74
CA GLY D 169 -16.66 -49.95 7.69
C GLY D 169 -17.97 -50.06 8.46
N ALA D 170 -18.64 -51.23 8.35
CA ALA D 170 -19.82 -51.56 9.14
C ALA D 170 -19.39 -51.91 10.56
N LEU D 171 -18.30 -52.69 10.64
CA LEU D 171 -17.72 -53.19 11.86
C LEU D 171 -16.45 -52.38 12.18
N THR D 172 -16.59 -51.48 13.15
CA THR D 172 -15.55 -50.50 13.50
C THR D 172 -14.99 -50.84 14.89
N SER D 173 -15.87 -50.91 15.89
CA SER D 173 -15.46 -51.03 17.30
C SER D 173 -14.95 -52.44 17.59
N GLY D 174 -13.82 -52.52 18.30
CA GLY D 174 -13.17 -53.79 18.66
C GLY D 174 -12.36 -54.37 17.52
N VAL D 175 -11.88 -53.48 16.62
CA VAL D 175 -10.87 -53.83 15.63
C VAL D 175 -9.53 -53.22 16.05
N HIS D 176 -8.45 -53.98 15.83
CA HIS D 176 -7.10 -53.57 16.14
C HIS D 176 -6.23 -53.93 14.93
N THR D 177 -5.95 -52.92 14.10
CA THR D 177 -4.99 -53.05 13.01
C THR D 177 -3.62 -52.60 13.49
N PHE D 178 -2.64 -53.48 13.31
CA PHE D 178 -1.39 -53.41 14.01
C PHE D 178 -0.38 -52.77 13.07
N PRO D 179 0.60 -52.02 13.61
CA PRO D 179 1.73 -51.55 12.83
C PRO D 179 2.41 -52.64 11.99
N SER D 180 2.91 -52.24 10.83
CA SER D 180 3.68 -53.10 9.97
C SER D 180 4.96 -53.53 10.71
N VAL D 181 5.45 -54.70 10.30
CA VAL D 181 6.71 -55.22 10.73
C VAL D 181 7.50 -55.63 9.48
N LEU D 182 8.79 -55.30 9.46
CA LEU D 182 9.66 -55.55 8.32
C LEU D 182 10.46 -56.85 8.55
N HIS D 183 10.22 -57.85 7.69
CA HIS D 183 11.06 -59.07 7.60
C HIS D 183 11.84 -59.05 6.28
N SER D 184 13.06 -58.49 6.35
CA SER D 184 14.11 -58.60 5.33
C SER D 184 13.58 -58.15 3.95
N GLY D 185 12.88 -57.01 3.93
CA GLY D 185 12.53 -56.31 2.71
C GLY D 185 11.09 -56.53 2.28
N LEU D 186 10.28 -57.19 3.13
CA LEU D 186 8.83 -57.17 2.99
C LEU D 186 8.18 -56.72 4.30
N TYR D 187 6.98 -56.15 4.19
CA TYR D 187 6.18 -55.77 5.32
C TYR D 187 5.16 -56.88 5.59
N SER D 188 4.66 -56.88 6.82
CA SER D 188 3.52 -57.67 7.24
C SER D 188 2.84 -56.99 8.41
N LEU D 189 1.53 -57.08 8.44
CA LEU D 189 0.74 -56.71 9.59
C LEU D 189 -0.51 -57.59 9.61
N SER D 190 -1.37 -57.33 10.59
CA SER D 190 -2.57 -58.11 10.80
C SER D 190 -3.60 -57.22 11.48
N SER D 191 -4.86 -57.68 11.48
CA SER D 191 -5.93 -56.98 12.17
C SER D 191 -6.76 -57.98 12.96
N SER D 192 -7.53 -57.44 13.91
CA SER D 192 -7.99 -58.17 15.06
C SER D 192 -9.38 -57.66 15.44
N VAL D 193 -10.37 -58.09 14.66
CA VAL D 193 -11.76 -57.79 14.96
C VAL D 193 -12.24 -58.68 16.11
N THR D 194 -12.99 -58.06 17.03
CA THR D 194 -13.59 -58.72 18.19
C THR D 194 -15.09 -58.43 18.15
N VAL D 195 -15.91 -59.48 18.26
CA VAL D 195 -17.38 -59.36 18.17
C VAL D 195 -18.01 -60.29 19.20
N PRO D 196 -19.31 -60.13 19.56
CA PRO D 196 -19.97 -61.07 20.46
C PRO D 196 -20.00 -62.49 19.89
N SER D 197 -19.76 -63.51 20.74
CA SER D 197 -19.48 -64.89 20.27
C SER D 197 -20.78 -65.55 19.76
N SER D 198 -21.92 -64.91 20.06
CA SER D 198 -23.21 -65.21 19.43
C SER D 198 -23.21 -64.78 17.96
N THR D 199 -22.78 -63.54 17.70
CA THR D 199 -22.90 -62.87 16.38
C THR D 199 -22.35 -63.77 15.27
N TRP D 200 -21.17 -64.35 15.51
CA TRP D 200 -20.48 -65.23 14.56
C TRP D 200 -20.77 -66.69 14.92
N PRO D 201 -21.07 -67.59 13.95
CA PRO D 201 -20.96 -67.30 12.51
C PRO D 201 -22.26 -66.97 11.76
N SER D 202 -23.31 -66.57 12.50
CA SER D 202 -24.61 -66.22 11.90
C SER D 202 -24.45 -65.01 10.97
N GLN D 203 -23.73 -63.99 11.46
CA GLN D 203 -23.42 -62.77 10.69
C GLN D 203 -22.05 -62.94 9.99
N THR D 204 -22.07 -62.84 8.65
CA THR D 204 -20.87 -62.85 7.81
C THR D 204 -19.85 -61.84 8.33
N VAL D 205 -18.57 -62.25 8.39
CA VAL D 205 -17.48 -61.36 8.77
C VAL D 205 -16.35 -61.55 7.75
N THR D 206 -16.07 -60.45 7.04
CA THR D 206 -15.13 -60.42 5.94
C THR D 206 -14.22 -59.19 6.11
N CYS D 207 -12.90 -59.44 6.12
CA CYS D 207 -11.91 -58.37 6.13
C CYS D 207 -11.56 -57.97 4.69
N ASN D 208 -11.93 -56.73 4.35
CA ASN D 208 -11.65 -56.18 3.06
C ASN D 208 -10.25 -55.54 3.14
N VAL D 209 -9.28 -56.16 2.47
CA VAL D 209 -7.88 -55.68 2.42
C VAL D 209 -7.67 -54.89 1.13
N ALA D 210 -6.78 -53.89 1.20
CA ALA D 210 -6.41 -53.05 0.05
C ALA D 210 -4.91 -52.74 0.11
N HIS D 211 -4.17 -53.18 -0.93
CA HIS D 211 -2.81 -52.71 -1.24
C HIS D 211 -2.80 -51.98 -2.58
N PRO D 212 -2.61 -50.65 -2.59
CA PRO D 212 -2.85 -49.85 -3.78
C PRO D 212 -1.67 -49.85 -4.77
N ALA D 213 -0.44 -50.04 -4.25
CA ALA D 213 0.79 -49.89 -5.04
C ALA D 213 1.00 -51.08 -5.99
N SER D 214 0.30 -52.19 -5.73
CA SER D 214 0.24 -53.35 -6.65
C SER D 214 -1.20 -53.59 -7.13
N SER D 215 -2.11 -52.64 -6.86
CA SER D 215 -3.49 -52.67 -7.31
C SER D 215 -4.20 -53.94 -6.81
N THR D 216 -3.81 -54.45 -5.63
CA THR D 216 -4.40 -55.65 -5.04
C THR D 216 -5.50 -55.23 -4.04
N LYS D 217 -6.69 -55.82 -4.19
CA LYS D 217 -7.83 -55.52 -3.30
C LYS D 217 -8.68 -56.78 -3.13
N VAL D 218 -8.38 -57.53 -2.05
CA VAL D 218 -8.86 -58.88 -1.81
C VAL D 218 -9.74 -58.87 -0.54
N ASP D 219 -10.86 -59.58 -0.62
CA ASP D 219 -11.68 -59.93 0.54
C ASP D 219 -11.24 -61.32 1.04
N LYS D 220 -11.44 -61.54 2.35
CA LYS D 220 -11.38 -62.87 2.94
C LYS D 220 -12.50 -62.98 3.99
N LYS D 221 -13.36 -63.99 3.83
CA LYS D 221 -14.27 -64.38 4.89
C LYS D 221 -13.56 -65.36 5.81
N ILE D 222 -14.09 -65.50 7.03
CA ILE D 222 -13.56 -66.37 8.08
C ILE D 222 -14.49 -67.59 8.22
N VAL D 223 -13.91 -68.79 8.17
CA VAL D 223 -14.65 -70.08 8.25
C VAL D 223 -14.00 -70.98 9.29
N PRO D 224 -14.79 -71.69 10.14
CA PRO D 224 -14.25 -72.73 11.02
C PRO D 224 -13.52 -73.85 10.27
N GLN E 1 14.03 6.39 -26.81
CA GLN E 1 13.11 7.19 -25.94
C GLN E 1 11.72 6.58 -26.03
N LEU E 2 10.82 7.00 -25.11
CA LEU E 2 9.44 6.54 -25.12
C LEU E 2 8.68 7.28 -26.23
N GLN E 3 8.02 6.50 -27.09
CA GLN E 3 7.18 7.01 -28.17
C GLN E 3 5.89 6.20 -28.24
N LEU E 4 4.78 6.89 -28.51
CA LEU E 4 3.47 6.32 -28.73
C LEU E 4 2.98 6.77 -30.11
N GLN E 5 2.40 5.85 -30.89
CA GLN E 5 1.93 6.17 -32.23
C GLN E 5 0.64 5.38 -32.52
N GLU E 6 -0.44 6.14 -32.74
CA GLU E 6 -1.78 5.62 -32.98
C GLU E 6 -1.86 5.04 -34.40
N SER E 7 -2.91 4.25 -34.64
CA SER E 7 -3.07 3.52 -35.87
C SER E 7 -4.54 3.18 -36.04
N GLY E 8 -5.01 3.24 -37.30
CA GLY E 8 -6.20 2.54 -37.73
C GLY E 8 -6.94 3.33 -38.81
N PRO E 9 -8.22 3.00 -39.09
CA PRO E 9 -8.99 3.64 -40.15
C PRO E 9 -9.39 5.09 -39.82
N GLY E 10 -9.19 5.99 -40.79
CA GLY E 10 -9.54 7.40 -40.72
C GLY E 10 -11.04 7.66 -40.79
N LEU E 11 -11.79 6.71 -41.38
CA LEU E 11 -13.23 6.87 -41.59
C LEU E 11 -13.95 5.64 -41.04
N VAL E 12 -15.12 5.88 -40.43
CA VAL E 12 -15.98 4.83 -39.89
C VAL E 12 -17.42 5.17 -40.23
N LYS E 13 -18.19 4.14 -40.56
CA LYS E 13 -19.56 4.29 -40.96
C LYS E 13 -20.46 4.13 -39.74
N PRO E 14 -21.55 4.92 -39.62
CA PRO E 14 -22.43 4.86 -38.46
C PRO E 14 -22.91 3.44 -38.16
N SER E 15 -23.18 3.17 -36.87
CA SER E 15 -23.62 1.86 -36.39
C SER E 15 -22.61 0.78 -36.78
N GLN E 16 -21.32 1.13 -36.74
CA GLN E 16 -20.22 0.18 -36.87
C GLN E 16 -19.31 0.32 -35.65
N SER E 17 -18.24 -0.47 -35.63
CA SER E 17 -17.28 -0.45 -34.54
C SER E 17 -16.01 0.25 -35.02
N LEU E 18 -15.63 1.30 -34.30
CA LEU E 18 -14.34 1.95 -34.49
C LEU E 18 -13.30 1.11 -33.77
N SER E 19 -12.16 0.88 -34.42
CA SER E 19 -11.08 0.15 -33.77
C SER E 19 -9.74 0.79 -34.15
N LEU E 20 -8.94 1.10 -33.12
CA LEU E 20 -7.65 1.74 -33.28
C LEU E 20 -6.61 0.95 -32.48
N ALA E 21 -5.34 1.31 -32.68
CA ALA E 21 -4.23 0.62 -32.04
C ALA E 21 -3.07 1.60 -31.82
N CYS E 22 -2.33 1.37 -30.74
CA CYS E 22 -1.24 2.23 -30.38
C CYS E 22 0.04 1.41 -30.20
N SER E 23 1.13 1.92 -30.75
CA SER E 23 2.40 1.23 -30.75
C SER E 23 3.42 1.96 -29.89
N VAL E 24 3.82 1.29 -28.80
CA VAL E 24 4.77 1.82 -27.86
C VAL E 24 6.16 1.34 -28.25
N THR E 25 7.12 2.27 -28.28
CA THR E 25 8.52 1.98 -28.49
C THR E 25 9.31 2.66 -27.36
N GLY E 26 10.40 2.02 -26.94
CA GLY E 26 11.30 2.54 -25.91
C GLY E 26 10.79 2.31 -24.50
N PHE E 27 9.75 1.46 -24.35
CA PHE E 27 9.12 1.20 -23.05
C PHE E 27 8.16 0.01 -23.12
N SER E 28 7.92 -0.61 -21.96
CA SER E 28 7.17 -1.84 -21.85
C SER E 28 5.75 -1.56 -21.34
N LEU E 29 4.75 -2.11 -22.02
CA LEU E 29 3.35 -2.10 -21.55
C LEU E 29 3.29 -2.54 -20.09
N SER E 30 3.88 -3.72 -19.85
CA SER E 30 3.76 -4.45 -18.59
C SER E 30 4.98 -4.13 -17.70
N THR E 31 5.06 -2.87 -17.28
CA THR E 31 6.05 -2.40 -16.35
C THR E 31 5.33 -1.63 -15.25
N GLY E 32 5.74 -1.87 -14.02
CA GLY E 32 4.94 -1.56 -12.84
C GLY E 32 5.01 -0.09 -12.51
N GLY E 33 3.84 0.55 -12.54
CA GLY E 33 3.63 1.92 -12.06
C GLY E 33 3.00 2.81 -13.12
N TYR E 34 3.11 2.40 -14.38
CA TYR E 34 2.58 3.16 -15.50
C TYR E 34 1.44 2.37 -16.15
N GLN E 35 0.30 3.06 -16.33
CA GLN E 35 -0.90 2.54 -17.01
C GLN E 35 -1.01 3.19 -18.40
N TRP E 36 -2.01 2.78 -19.20
CA TRP E 36 -2.13 3.29 -20.58
C TRP E 36 -3.60 3.58 -20.92
N THR E 37 -3.82 4.60 -21.75
CA THR E 37 -5.14 5.27 -21.86
C THR E 37 -5.41 5.73 -23.29
N TRP E 38 -6.71 5.92 -23.58
CA TRP E 38 -7.18 6.53 -24.80
C TRP E 38 -8.06 7.72 -24.44
N ILE E 39 -7.76 8.86 -25.07
CA ILE E 39 -8.43 10.14 -24.89
C ILE E 39 -8.76 10.70 -26.27
N ARG E 40 -9.92 11.36 -26.38
CA ARG E 40 -10.35 11.89 -27.65
C ARG E 40 -10.66 13.38 -27.47
N GLN E 41 -10.44 14.14 -28.55
CA GLN E 41 -10.68 15.58 -28.64
C GLN E 41 -11.68 15.85 -29.76
N PHE E 42 -12.83 16.41 -29.39
CA PHE E 42 -13.89 16.69 -30.35
C PHE E 42 -13.49 17.86 -31.24
N PRO E 43 -14.15 18.06 -32.39
CA PRO E 43 -14.17 19.36 -33.04
C PRO E 43 -14.79 20.41 -32.10
N GLY E 44 -14.03 21.48 -31.86
CA GLY E 44 -14.26 22.39 -30.77
C GLY E 44 -13.28 22.16 -29.62
N LYS E 45 -12.40 21.17 -29.78
CA LYS E 45 -11.23 21.00 -28.94
C LYS E 45 -11.63 20.81 -27.48
N LYS E 46 -12.61 19.94 -27.23
CA LYS E 46 -13.01 19.56 -25.87
C LYS E 46 -12.64 18.09 -25.68
N LEU E 47 -11.93 17.81 -24.59
CA LEU E 47 -11.28 16.52 -24.35
C LEU E 47 -12.17 15.66 -23.44
N GLU E 48 -12.36 14.40 -23.83
CA GLU E 48 -13.00 13.39 -23.01
C GLU E 48 -12.03 12.22 -22.90
N TRP E 49 -11.67 11.88 -21.66
CA TRP E 49 -11.01 10.61 -21.32
C TRP E 49 -12.00 9.45 -21.45
N MET E 50 -11.63 8.45 -22.25
CA MET E 50 -12.52 7.34 -22.58
C MET E 50 -12.26 6.18 -21.63
N GLY E 51 -11.04 5.63 -21.69
CA GLY E 51 -10.67 4.40 -21.01
C GLY E 51 -9.18 4.35 -20.72
N TYR E 52 -8.71 3.22 -20.19
CA TYR E 52 -7.55 3.19 -19.33
C TYR E 52 -7.29 1.74 -18.91
N ILE E 53 -6.05 1.27 -19.12
CA ILE E 53 -5.67 -0.11 -18.89
C ILE E 53 -4.32 -0.11 -18.19
N SER E 54 -4.17 -1.07 -17.27
CA SER E 54 -3.03 -1.13 -16.38
C SER E 54 -1.84 -1.79 -17.09
N TYR E 55 -0.70 -1.79 -16.42
CA TYR E 55 0.41 -2.61 -16.86
C TYR E 55 0.01 -4.07 -16.69
N ALA E 56 -0.78 -4.36 -15.65
CA ALA E 56 -1.16 -5.72 -15.28
C ALA E 56 -2.36 -6.19 -16.09
N GLY E 57 -3.09 -5.29 -16.72
CA GLY E 57 -4.17 -5.64 -17.68
C GLY E 57 -5.57 -5.39 -17.13
N GLY E 58 -5.63 -4.63 -16.02
CA GLY E 58 -6.86 -4.18 -15.44
C GLY E 58 -7.34 -2.88 -16.09
N ILE E 59 -8.67 -2.76 -16.16
CA ILE E 59 -9.34 -1.85 -17.04
C ILE E 59 -10.20 -0.94 -16.18
N THR E 60 -10.23 0.33 -16.57
CA THR E 60 -11.18 1.29 -16.07
C THR E 60 -11.72 2.11 -17.24
N TYR E 61 -13.01 2.43 -17.17
CA TYR E 61 -13.79 3.03 -18.26
C TYR E 61 -14.54 4.27 -17.75
N ASN E 62 -14.69 5.26 -18.64
CA ASN E 62 -15.65 6.34 -18.47
C ASN E 62 -17.06 5.77 -18.55
N PRO E 63 -17.83 5.77 -17.44
CA PRO E 63 -19.14 5.15 -17.42
C PRO E 63 -20.11 5.77 -18.44
N SER E 64 -19.93 7.06 -18.74
CA SER E 64 -20.67 7.77 -19.80
C SER E 64 -20.60 6.98 -21.11
N LEU E 65 -19.46 6.28 -21.32
CA LEU E 65 -19.12 5.71 -22.59
C LEU E 65 -18.92 4.20 -22.45
N LYS E 66 -19.40 3.63 -21.36
CA LYS E 66 -19.30 2.20 -21.12
C LYS E 66 -20.29 1.48 -22.04
N SER E 67 -20.15 0.15 -22.13
CA SER E 67 -21.13 -0.69 -22.81
C SER E 67 -21.05 -0.46 -24.33
N ARG E 68 -20.01 0.26 -24.77
CA ARG E 68 -19.65 0.31 -26.16
C ARG E 68 -18.13 0.12 -26.31
N ILE E 69 -17.35 0.53 -25.30
CA ILE E 69 -15.90 0.48 -25.39
C ILE E 69 -15.43 -0.89 -24.91
N SER E 70 -14.36 -1.37 -25.55
CA SER E 70 -13.50 -2.37 -24.99
C SER E 70 -12.05 -2.06 -25.38
N ILE E 71 -11.22 -1.90 -24.37
CA ILE E 71 -9.79 -1.77 -24.53
C ILE E 71 -9.14 -3.10 -24.22
N THR E 72 -8.15 -3.45 -25.06
CA THR E 72 -7.42 -4.69 -24.98
C THR E 72 -5.94 -4.36 -25.18
N ARG E 73 -5.08 -5.36 -25.00
CA ARG E 73 -3.67 -5.15 -25.22
C ARG E 73 -3.02 -6.45 -25.67
N ASP E 74 -1.81 -6.29 -26.20
CA ASP E 74 -0.99 -7.38 -26.66
C ASP E 74 0.44 -7.10 -26.21
N THR E 75 0.85 -7.80 -25.16
CA THR E 75 2.08 -7.52 -24.45
C THR E 75 3.28 -7.86 -25.34
N SER E 76 3.10 -8.90 -26.17
CA SER E 76 4.16 -9.46 -27.00
C SER E 76 4.59 -8.46 -28.09
N LYS E 77 3.60 -7.87 -28.78
CA LYS E 77 3.84 -6.88 -29.83
C LYS E 77 4.16 -5.52 -29.19
N ASN E 78 3.63 -5.27 -27.98
CA ASN E 78 3.92 -4.09 -27.15
C ASN E 78 2.99 -2.95 -27.58
N GLN E 79 1.70 -3.29 -27.68
CA GLN E 79 0.69 -2.41 -28.21
C GLN E 79 -0.52 -2.49 -27.28
N PHE E 80 -1.53 -1.66 -27.60
CA PHE E 80 -2.85 -1.79 -27.03
C PHE E 80 -3.87 -1.10 -27.95
N PHE E 81 -5.14 -1.43 -27.72
CA PHE E 81 -6.15 -1.36 -28.75
C PHE E 81 -7.43 -0.79 -28.12
N LEU E 82 -8.10 0.08 -28.87
CA LEU E 82 -9.41 0.59 -28.50
C LEU E 82 -10.43 0.07 -29.49
N GLN E 83 -11.60 -0.33 -28.97
CA GLN E 83 -12.80 -0.53 -29.76
C GLN E 83 -13.91 0.37 -29.23
N LEU E 84 -14.83 0.74 -30.11
CA LEU E 84 -16.03 1.44 -29.73
C LEU E 84 -17.14 1.08 -30.72
N ASN E 85 -18.21 0.49 -30.18
CA ASN E 85 -19.29 -0.11 -30.99
C ASN E 85 -20.39 0.93 -31.20
N THR E 86 -21.26 0.67 -32.17
CA THR E 86 -22.42 1.51 -32.50
C THR E 86 -22.00 2.99 -32.48
N VAL E 87 -20.99 3.30 -33.31
CA VAL E 87 -20.45 4.63 -33.52
C VAL E 87 -21.53 5.48 -34.18
N THR E 88 -21.57 6.79 -33.84
CA THR E 88 -22.44 7.78 -34.52
C THR E 88 -21.61 9.03 -34.83
N THR E 89 -22.23 10.03 -35.46
CA THR E 89 -21.55 11.27 -35.87
C THR E 89 -21.05 12.04 -34.64
N GLU E 90 -21.66 11.77 -33.47
CA GLU E 90 -21.22 12.34 -32.20
C GLU E 90 -19.74 12.00 -31.97
N ASP E 91 -19.35 10.75 -32.29
CA ASP E 91 -18.09 10.14 -31.83
C ASP E 91 -16.93 10.54 -32.75
N THR E 92 -17.22 11.31 -33.79
CA THR E 92 -16.24 12.00 -34.63
C THR E 92 -15.28 12.79 -33.73
N ALA E 93 -14.01 12.41 -33.70
CA ALA E 93 -13.00 13.15 -32.92
C ALA E 93 -11.58 12.69 -33.24
N THR E 94 -10.59 13.38 -32.67
CA THR E 94 -9.19 13.08 -32.80
C THR E 94 -8.75 12.24 -31.60
N HIS E 95 -8.51 10.95 -31.82
CA HIS E 95 -8.24 10.02 -30.73
C HIS E 95 -6.73 10.05 -30.43
N TYR E 96 -6.41 10.07 -29.13
CA TYR E 96 -5.04 10.20 -28.63
C TYR E 96 -4.69 9.03 -27.72
N CYS E 97 -3.47 8.52 -27.91
CA CYS E 97 -2.87 7.46 -27.15
C CYS E 97 -1.91 8.11 -26.15
N ALA E 98 -1.97 7.71 -24.87
CA ALA E 98 -1.13 8.34 -23.83
C ALA E 98 -0.80 7.34 -22.71
N ARG E 99 0.34 7.57 -22.06
CA ARG E 99 0.78 6.86 -20.83
C ARG E 99 0.27 7.58 -19.59
N VAL E 100 -0.01 6.81 -18.53
CA VAL E 100 -0.53 7.36 -17.28
C VAL E 100 0.48 7.16 -16.15
N GLN E 101 0.52 8.16 -15.25
CA GLN E 101 1.32 8.11 -14.07
C GLN E 101 0.48 8.62 -12.89
N TYR E 102 0.97 8.34 -11.67
CA TYR E 102 0.30 8.69 -10.46
C TYR E 102 1.07 9.76 -9.68
N SER E 103 0.30 10.64 -9.05
CA SER E 103 0.72 11.54 -8.00
C SER E 103 0.07 11.11 -6.66
N GLY E 104 0.58 10.00 -6.11
CA GLY E 104 -0.12 9.17 -5.13
C GLY E 104 -1.15 8.30 -5.80
N TYR E 105 -1.31 7.06 -5.31
CA TYR E 105 -2.12 6.08 -6.03
C TYR E 105 -3.52 6.67 -6.31
N GLY E 106 -3.91 6.64 -7.59
CA GLY E 106 -5.27 6.98 -8.05
C GLY E 106 -5.28 8.25 -8.89
N ASN E 107 -4.49 9.22 -8.45
CA ASN E 107 -4.40 10.53 -9.06
C ASN E 107 -3.72 10.41 -10.42
N ALA E 108 -4.54 10.37 -11.47
CA ALA E 108 -4.14 10.00 -12.79
C ALA E 108 -3.75 11.25 -13.59
N TYR E 109 -2.50 11.29 -14.05
CA TYR E 109 -2.06 12.37 -14.93
C TYR E 109 -1.28 11.79 -16.12
N PHE E 110 -1.58 12.28 -17.32
CA PHE E 110 -1.07 11.75 -18.56
C PHE E 110 0.19 12.51 -18.95
N ASP E 111 1.35 11.85 -18.90
CA ASP E 111 2.64 12.53 -18.97
C ASP E 111 3.17 12.52 -20.41
N VAL E 112 3.04 11.37 -21.09
CA VAL E 112 3.55 11.22 -22.44
C VAL E 112 2.41 10.81 -23.36
N TRP E 113 2.29 11.52 -24.50
CA TRP E 113 1.14 11.48 -25.39
C TRP E 113 1.57 10.96 -26.76
N GLY E 114 0.56 10.67 -27.60
CA GLY E 114 0.76 10.18 -28.94
C GLY E 114 0.64 11.29 -29.97
N GLN E 115 0.87 10.93 -31.23
CA GLN E 115 0.82 11.84 -32.37
C GLN E 115 -0.60 12.42 -32.48
N GLY E 116 -1.61 11.53 -32.51
CA GLY E 116 -3.01 11.88 -32.71
C GLY E 116 -3.49 11.27 -34.01
N ILE E 117 -4.70 10.70 -33.97
CA ILE E 117 -5.32 10.14 -35.17
C ILE E 117 -6.74 10.70 -35.29
N GLN E 118 -7.04 11.23 -36.48
CA GLN E 118 -8.34 11.85 -36.77
C GLN E 118 -9.28 10.76 -37.28
N VAL E 119 -10.37 10.53 -36.55
CA VAL E 119 -11.40 9.59 -36.96
C VAL E 119 -12.69 10.36 -37.24
N THR E 120 -13.26 10.09 -38.41
CA THR E 120 -14.48 10.71 -38.89
C THR E 120 -15.58 9.63 -38.96
N VAL E 121 -16.82 10.03 -38.66
CA VAL E 121 -17.97 9.11 -38.69
C VAL E 121 -19.04 9.64 -39.66
N SER E 122 -19.05 9.08 -40.89
CA SER E 122 -19.83 9.60 -42.02
C SER E 122 -20.16 8.48 -43.02
N SER E 123 -21.23 8.73 -43.80
CA SER E 123 -21.73 7.80 -44.82
C SER E 123 -21.01 8.00 -46.15
N ALA E 124 -20.49 9.22 -46.41
CA ALA E 124 -19.95 9.59 -47.73
C ALA E 124 -18.58 8.95 -47.96
N THR E 125 -18.20 8.81 -49.24
CA THR E 125 -17.01 8.05 -49.66
C THR E 125 -15.75 8.88 -49.43
N THR E 126 -14.60 8.22 -49.27
CA THR E 126 -13.32 8.91 -49.37
C THR E 126 -13.13 9.40 -50.81
N THR E 127 -12.61 10.62 -50.93
CA THR E 127 -12.32 11.24 -52.19
C THR E 127 -10.87 11.69 -52.17
N ALA E 128 -10.13 11.33 -53.23
CA ALA E 128 -8.76 11.80 -53.39
C ALA E 128 -8.80 13.29 -53.72
N PRO E 129 -7.86 14.08 -53.16
CA PRO E 129 -7.68 15.46 -53.60
C PRO E 129 -7.15 15.54 -55.04
N SER E 130 -7.59 16.57 -55.78
CA SER E 130 -6.82 17.10 -56.90
C SER E 130 -5.82 18.15 -56.35
N VAL E 131 -4.54 17.96 -56.68
CA VAL E 131 -3.52 18.91 -56.30
C VAL E 131 -3.09 19.69 -57.54
N TYR E 132 -2.92 21.01 -57.37
CA TYR E 132 -2.58 21.97 -58.45
C TYR E 132 -1.53 22.96 -57.96
N PRO E 133 -0.51 23.29 -58.78
CA PRO E 133 0.55 24.21 -58.36
C PRO E 133 0.04 25.66 -58.32
N LEU E 134 0.83 26.53 -57.67
CA LEU E 134 0.60 27.96 -57.68
C LEU E 134 1.94 28.68 -57.89
N ALA E 135 2.11 29.24 -59.10
CA ALA E 135 3.13 30.24 -59.45
C ALA E 135 2.46 31.50 -60.01
N PRO E 136 3.04 32.70 -59.78
CA PRO E 136 2.32 33.96 -60.06
C PRO E 136 2.00 34.19 -61.54
N THR E 147 11.49 38.71 -52.18
CA THR E 147 11.53 37.24 -52.06
C THR E 147 10.19 36.63 -52.48
N VAL E 148 10.23 35.43 -53.08
CA VAL E 148 9.09 34.84 -53.80
C VAL E 148 8.24 33.99 -52.85
N THR E 149 6.96 33.83 -53.21
CA THR E 149 6.02 32.93 -52.52
C THR E 149 5.35 32.02 -53.56
N LEU E 150 5.21 30.75 -53.21
CA LEU E 150 4.52 29.73 -54.02
C LEU E 150 3.56 28.95 -53.13
N GLY E 151 2.72 28.12 -53.76
CA GLY E 151 1.74 27.32 -53.04
C GLY E 151 1.30 26.07 -53.79
N CYS E 152 0.59 25.21 -53.06
CA CYS E 152 -0.15 24.10 -53.62
C CYS E 152 -1.59 24.20 -53.15
N LEU E 153 -2.52 24.01 -54.08
CA LEU E 153 -3.94 23.93 -53.77
C LEU E 153 -4.35 22.46 -53.74
N VAL E 154 -4.82 22.02 -52.56
CA VAL E 154 -5.37 20.68 -52.38
C VAL E 154 -6.89 20.81 -52.32
N LYS E 155 -7.54 20.26 -53.34
CA LYS E 155 -8.92 20.57 -53.65
C LYS E 155 -9.70 19.26 -53.70
N GLY E 156 -10.72 19.17 -52.85
CA GLY E 156 -11.77 18.19 -52.99
C GLY E 156 -11.34 16.84 -52.45
N TYR E 157 -11.13 16.78 -51.13
CA TYR E 157 -10.67 15.58 -50.46
C TYR E 157 -11.57 15.29 -49.25
N PHE E 158 -11.75 13.99 -48.99
CA PHE E 158 -12.54 13.52 -47.88
C PHE E 158 -11.99 12.18 -47.38
N PRO E 159 -12.01 11.94 -46.07
CA PRO E 159 -12.21 12.95 -45.05
C PRO E 159 -10.88 13.62 -44.67
N GLU E 160 -10.89 14.32 -43.52
CA GLU E 160 -9.70 14.91 -42.96
C GLU E 160 -8.66 13.84 -42.67
N PRO E 161 -7.39 14.21 -42.43
CA PRO E 161 -6.79 15.42 -43.01
C PRO E 161 -5.99 15.07 -44.26
N VAL E 162 -5.29 16.07 -44.79
CA VAL E 162 -4.13 15.89 -45.62
C VAL E 162 -2.95 16.51 -44.90
N THR E 163 -1.76 16.27 -45.43
CA THR E 163 -0.56 16.87 -44.91
C THR E 163 0.33 17.28 -46.08
N VAL E 164 0.95 18.45 -45.96
CA VAL E 164 1.74 19.00 -47.02
C VAL E 164 3.14 19.26 -46.47
N SER E 165 4.15 18.94 -47.27
CA SER E 165 5.53 19.18 -46.93
C SER E 165 6.29 19.62 -48.18
N TRP E 166 7.28 20.50 -47.98
CA TRP E 166 8.02 21.12 -49.06
C TRP E 166 9.45 20.58 -49.07
N ASN E 167 9.76 19.76 -50.09
CA ASN E 167 11.02 19.01 -50.15
C ASN E 167 11.13 18.12 -48.91
N SER E 168 10.02 17.49 -48.53
CA SER E 168 9.95 16.45 -47.51
C SER E 168 10.59 16.92 -46.19
N GLY E 169 10.34 18.18 -45.81
CA GLY E 169 10.73 18.74 -44.51
C GLY E 169 12.12 19.38 -44.53
N ALA E 170 12.67 19.58 -45.74
CA ALA E 170 13.89 20.36 -45.94
C ALA E 170 13.56 21.85 -45.82
N LEU E 171 12.41 22.22 -46.40
CA LEU E 171 11.85 23.56 -46.33
C LEU E 171 10.73 23.58 -45.29
N THR E 172 11.05 24.18 -44.14
CA THR E 172 10.17 24.28 -43.00
C THR E 172 9.75 25.74 -42.81
N SER E 173 10.74 26.63 -42.67
CA SER E 173 10.50 28.04 -42.34
C SER E 173 9.90 28.77 -43.55
N GLY E 174 8.87 29.57 -43.27
CA GLY E 174 8.15 30.34 -44.28
C GLY E 174 7.15 29.50 -45.05
N VAL E 175 6.66 28.41 -44.43
CA VAL E 175 5.52 27.63 -44.95
C VAL E 175 4.30 27.90 -44.05
N HIS E 176 3.15 28.03 -44.70
CA HIS E 176 1.88 28.28 -44.05
C HIS E 176 0.84 27.33 -44.64
N THR E 177 0.57 26.23 -43.92
CA THR E 177 -0.50 25.33 -44.26
C THR E 177 -1.76 25.75 -43.50
N PHE E 178 -2.84 25.93 -44.27
CA PHE E 178 -4.00 26.65 -43.83
C PHE E 178 -5.03 25.62 -43.39
N PRO E 179 -5.90 25.95 -42.40
CA PRO E 179 -7.05 25.12 -42.08
C PRO E 179 -7.89 24.72 -43.30
N SER E 180 -8.46 23.51 -43.25
CA SER E 180 -9.39 23.04 -44.26
C SER E 180 -10.62 23.93 -44.23
N VAL E 181 -11.28 23.98 -45.39
CA VAL E 181 -12.55 24.62 -45.57
C VAL E 181 -13.49 23.64 -46.27
N LEU E 182 -14.74 23.59 -45.79
CA LEU E 182 -15.74 22.66 -46.30
C LEU E 182 -16.63 23.34 -47.35
N HIS E 183 -16.57 22.83 -48.60
CA HIS E 183 -17.52 23.19 -49.66
C HIS E 183 -18.42 21.98 -49.97
N SER E 184 -19.56 21.92 -49.27
CA SER E 184 -20.71 21.06 -49.59
C SER E 184 -20.28 19.58 -49.69
N GLY E 185 -19.49 19.15 -48.72
CA GLY E 185 -19.18 17.74 -48.52
C GLY E 185 -17.81 17.33 -49.04
N LEU E 186 -16.98 18.32 -49.45
CA LEU E 186 -15.54 18.09 -49.64
C LEU E 186 -14.75 19.15 -48.86
N TYR E 187 -13.51 18.79 -48.52
CA TYR E 187 -12.57 19.71 -47.89
C TYR E 187 -11.63 20.26 -48.97
N SER E 188 -11.03 21.41 -48.64
CA SER E 188 -9.96 22.00 -49.39
C SER E 188 -9.11 22.87 -48.47
N LEU E 189 -7.80 22.86 -48.72
CA LEU E 189 -6.87 23.77 -48.10
C LEU E 189 -5.72 24.00 -49.08
N SER E 190 -4.73 24.78 -48.64
CA SER E 190 -3.58 25.11 -49.42
C SER E 190 -2.40 25.36 -48.49
N SER E 191 -1.20 25.40 -49.08
CA SER E 191 -0.02 25.77 -48.35
C SER E 191 0.79 26.79 -49.14
N SER E 192 1.70 27.46 -48.43
CA SER E 192 2.20 28.76 -48.81
C SER E 192 3.67 28.85 -48.41
N VAL E 193 4.53 28.19 -49.18
CA VAL E 193 5.96 28.29 -48.99
C VAL E 193 6.47 29.63 -49.51
N THR E 194 7.38 30.23 -48.75
CA THR E 194 8.05 31.49 -49.06
C THR E 194 9.56 31.23 -49.01
N VAL E 195 10.28 31.63 -50.06
CA VAL E 195 11.73 31.44 -50.17
C VAL E 195 12.37 32.69 -50.78
N PRO E 196 13.71 32.89 -50.69
CA PRO E 196 14.36 34.02 -51.37
C PRO E 196 14.17 33.97 -52.88
N SER E 197 13.90 35.13 -53.51
CA SER E 197 13.44 35.19 -54.92
C SER E 197 14.60 34.87 -55.88
N SER E 198 15.83 34.91 -55.34
CA SER E 198 17.03 34.41 -56.00
C SER E 198 16.98 32.88 -56.10
N THR E 199 16.67 32.23 -54.97
CA THR E 199 16.78 30.78 -54.82
C THR E 199 15.99 30.07 -55.93
N TRP E 200 14.78 30.56 -56.25
CA TRP E 200 13.90 30.00 -57.28
C TRP E 200 14.09 30.78 -58.59
N PRO E 201 14.18 30.12 -59.77
CA PRO E 201 13.95 28.67 -59.91
C PRO E 201 15.20 27.78 -60.01
N SER E 202 16.35 28.28 -59.56
CA SER E 202 17.60 27.51 -59.56
C SER E 202 17.47 26.27 -58.67
N GLN E 203 16.92 26.46 -57.47
CA GLN E 203 16.63 25.37 -56.50
C GLN E 203 15.19 24.86 -56.71
N THR E 204 15.06 23.57 -57.03
CA THR E 204 13.78 22.88 -57.18
C THR E 204 12.94 23.08 -55.92
N VAL E 205 11.64 23.31 -56.11
CA VAL E 205 10.67 23.41 -55.01
C VAL E 205 9.46 22.54 -55.35
N THR E 206 9.20 21.53 -54.50
CA THR E 206 8.17 20.52 -54.71
C THR E 206 7.40 20.31 -53.40
N CYS E 207 6.07 20.47 -53.47
CA CYS E 207 5.17 20.19 -52.35
C CYS E 207 4.73 18.73 -52.40
N ASN E 208 5.16 17.98 -51.39
CA ASN E 208 4.80 16.59 -51.23
C ASN E 208 3.49 16.57 -50.44
N VAL E 209 2.39 16.23 -51.12
CA VAL E 209 1.05 16.12 -50.52
C VAL E 209 0.76 14.67 -50.16
N ALA E 210 0.00 14.45 -49.08
CA ALA E 210 -0.37 13.13 -48.59
C ALA E 210 -1.81 13.14 -48.07
N HIS E 211 -2.67 12.33 -48.71
CA HIS E 211 -4.00 11.96 -48.21
C HIS E 211 -4.07 10.46 -47.97
N PRO E 212 -4.12 10.02 -46.69
CA PRO E 212 -3.97 8.61 -46.35
C PRO E 212 -5.22 7.76 -46.54
N ALA E 213 -6.40 8.36 -46.43
CA ALA E 213 -7.69 7.65 -46.40
C ALA E 213 -8.09 7.16 -47.80
N SER E 214 -7.46 7.73 -48.84
CA SER E 214 -7.59 7.26 -50.23
C SER E 214 -6.23 6.79 -50.79
N SER E 215 -5.23 6.68 -49.90
CA SER E 215 -3.89 6.20 -50.24
C SER E 215 -3.26 7.04 -51.36
N THR E 216 -3.60 8.34 -51.40
CA THR E 216 -3.09 9.26 -52.42
C THR E 216 -1.89 10.02 -51.85
N LYS E 217 -0.78 10.02 -52.59
CA LYS E 217 0.44 10.71 -52.19
C LYS E 217 1.13 11.27 -53.45
N VAL E 218 0.80 12.54 -53.76
CA VAL E 218 1.19 13.20 -55.00
C VAL E 218 2.21 14.31 -54.70
N ASP E 219 3.27 14.36 -55.51
CA ASP E 219 4.19 15.48 -55.57
C ASP E 219 3.74 16.45 -56.66
N LYS E 220 4.05 17.73 -56.47
CA LYS E 220 3.93 18.76 -57.50
C LYS E 220 5.13 19.70 -57.41
N LYS E 221 5.87 19.84 -58.51
CA LYS E 221 6.85 20.91 -58.66
C LYS E 221 6.14 22.16 -59.18
N ILE E 222 6.78 23.31 -58.98
CA ILE E 222 6.30 24.62 -59.41
C ILE E 222 7.14 25.07 -60.63
N VAL E 223 6.45 25.43 -61.72
CA VAL E 223 7.07 25.85 -63.00
C VAL E 223 6.41 27.15 -63.45
N PRO E 224 7.18 28.14 -63.99
CA PRO E 224 6.58 29.23 -64.75
C PRO E 224 5.80 28.75 -65.97
N ASP F 1 -19.64 12.52 -12.40
CA ASP F 1 -18.79 13.38 -13.27
C ASP F 1 -18.53 14.68 -12.53
N ILE F 2 -17.24 15.01 -12.36
CA ILE F 2 -16.82 16.23 -11.72
C ILE F 2 -16.57 17.25 -12.82
N GLN F 3 -17.23 18.41 -12.70
CA GLN F 3 -17.22 19.47 -13.71
C GLN F 3 -16.12 20.48 -13.38
N LEU F 4 -15.27 20.73 -14.38
CA LEU F 4 -14.19 21.69 -14.29
C LEU F 4 -14.51 22.88 -15.17
N THR F 5 -14.75 24.02 -14.50
CA THR F 5 -14.96 25.33 -15.12
C THR F 5 -13.66 26.12 -15.03
N GLN F 6 -13.23 26.64 -16.17
CA GLN F 6 -11.95 27.23 -16.31
C GLN F 6 -12.16 28.63 -16.87
N LEU F 7 -11.67 29.63 -16.12
CA LEU F 7 -11.75 31.04 -16.52
C LEU F 7 -10.37 31.68 -16.36
N PRO F 8 -10.03 32.69 -17.20
CA PRO F 8 -10.91 33.20 -18.24
C PRO F 8 -10.93 32.37 -19.53
N SER F 9 -11.91 32.67 -20.40
CA SER F 9 -12.14 31.96 -21.65
C SER F 9 -11.03 32.27 -22.66
N PHE F 10 -10.81 33.56 -22.87
CA PHE F 10 -9.79 34.05 -23.77
C PHE F 10 -8.98 35.15 -23.06
N LEU F 11 -7.75 35.37 -23.52
CA LEU F 11 -7.00 36.57 -23.15
C LEU F 11 -5.75 36.70 -24.04
N SER F 12 -5.23 37.93 -24.13
CA SER F 12 -3.97 38.21 -24.83
C SER F 12 -3.07 39.09 -23.96
N VAL F 13 -1.77 38.81 -23.98
CA VAL F 13 -0.81 39.43 -23.06
C VAL F 13 0.52 39.62 -23.79
N SER F 14 1.24 40.68 -23.42
CA SER F 14 2.51 41.03 -24.05
C SER F 14 3.62 40.17 -23.47
N PRO F 15 4.63 39.81 -24.28
CA PRO F 15 5.74 38.98 -23.79
C PRO F 15 6.56 39.73 -22.71
N GLY F 16 7.12 38.95 -21.77
CA GLY F 16 7.78 39.49 -20.57
C GLY F 16 6.84 39.55 -19.36
N ASP F 17 5.53 39.62 -19.66
CA ASP F 17 4.51 39.82 -18.65
C ASP F 17 4.27 38.50 -17.90
N LYS F 18 3.56 38.61 -16.77
CA LYS F 18 3.11 37.49 -15.95
C LYS F 18 1.61 37.27 -16.19
N VAL F 19 1.18 36.01 -16.12
CA VAL F 19 -0.17 35.57 -16.47
C VAL F 19 -0.62 34.47 -15.50
N THR F 20 -1.93 34.46 -15.20
CA THR F 20 -2.51 33.53 -14.23
C THR F 20 -3.91 33.08 -14.70
N ILE F 21 -4.13 31.75 -14.74
CA ILE F 21 -5.40 31.15 -15.16
C ILE F 21 -6.02 30.40 -13.98
N THR F 22 -7.36 30.33 -13.99
CA THR F 22 -8.14 29.64 -12.98
C THR F 22 -8.74 28.36 -13.55
N CYS F 23 -8.77 27.32 -12.71
CA CYS F 23 -9.63 26.16 -12.84
C CYS F 23 -10.42 25.99 -11.53
N LYS F 24 -11.73 25.87 -11.67
CA LYS F 24 -12.64 25.73 -10.55
C LYS F 24 -13.41 24.41 -10.71
N ALA F 25 -13.43 23.62 -9.64
CA ALA F 25 -13.97 22.27 -9.66
C ALA F 25 -15.29 22.25 -8.89
N SER F 26 -16.21 21.37 -9.36
CA SER F 26 -17.56 21.30 -8.82
C SER F 26 -17.59 20.55 -7.48
N GLN F 27 -16.65 19.63 -7.26
CA GLN F 27 -16.48 18.98 -5.95
C GLN F 27 -15.07 19.29 -5.41
N ASN F 28 -14.80 18.81 -4.20
CA ASN F 28 -13.52 18.99 -3.55
C ASN F 28 -12.54 17.93 -4.06
N ILE F 29 -11.42 18.38 -4.64
CA ILE F 29 -10.55 17.56 -5.48
C ILE F 29 -9.24 17.27 -4.75
N ASN F 30 -8.96 17.97 -3.66
CA ASN F 30 -8.01 17.45 -2.67
C ASN F 30 -6.58 17.54 -3.23
N GLN F 31 -6.36 18.40 -4.24
CA GLN F 31 -5.06 18.72 -4.84
C GLN F 31 -4.68 17.68 -5.90
N TYR F 32 -5.69 17.11 -6.57
CA TYR F 32 -5.50 16.09 -7.60
C TYR F 32 -5.84 16.67 -8.98
N LEU F 33 -5.21 17.80 -9.33
CA LEU F 33 -5.55 18.53 -10.53
C LEU F 33 -4.27 18.77 -11.32
N HIS F 34 -4.35 18.62 -12.65
CA HIS F 34 -3.20 18.76 -13.54
C HIS F 34 -3.51 19.73 -14.68
N TRP F 35 -2.42 20.34 -15.19
CA TRP F 35 -2.48 21.40 -16.16
C TRP F 35 -1.67 21.00 -17.39
N TYR F 36 -2.23 21.29 -18.57
CA TYR F 36 -1.67 20.95 -19.87
C TYR F 36 -1.65 22.19 -20.78
N GLN F 37 -0.65 22.27 -21.66
CA GLN F 37 -0.58 23.26 -22.75
C GLN F 37 -0.64 22.54 -24.10
N GLN F 38 -1.66 22.85 -24.91
CA GLN F 38 -1.76 22.33 -26.26
C GLN F 38 -1.50 23.46 -27.24
N LYS F 39 -0.53 23.28 -28.14
CA LYS F 39 -0.32 24.18 -29.27
C LYS F 39 -1.11 23.64 -30.46
N PRO F 40 -1.33 24.46 -31.51
CA PRO F 40 -2.06 24.01 -32.69
C PRO F 40 -1.39 22.83 -33.40
N GLU F 41 -2.22 21.87 -33.83
CA GLU F 41 -1.86 20.71 -34.66
C GLU F 41 -0.89 19.80 -33.88
N GLU F 42 -1.15 19.67 -32.58
CA GLU F 42 -0.30 18.95 -31.63
C GLU F 42 -1.19 18.35 -30.54
N ALA F 43 -0.70 17.30 -29.86
CA ALA F 43 -1.35 16.82 -28.65
C ALA F 43 -0.89 17.65 -27.46
N PRO F 44 -1.65 17.65 -26.34
CA PRO F 44 -1.24 18.37 -25.14
C PRO F 44 0.12 17.95 -24.59
N LYS F 45 0.76 18.88 -23.86
CA LYS F 45 1.93 18.61 -23.03
C LYS F 45 1.56 18.77 -21.55
N LEU F 46 2.16 17.93 -20.72
CA LEU F 46 2.01 18.03 -19.29
C LEU F 46 2.91 19.13 -18.74
N LEU F 47 2.29 20.14 -18.11
CA LEU F 47 3.00 21.22 -17.43
C LEU F 47 3.18 20.88 -15.94
N ILE F 48 2.04 20.74 -15.27
CA ILE F 48 1.97 20.66 -13.82
C ILE F 48 1.17 19.41 -13.45
N TYR F 49 1.74 18.61 -12.55
CA TYR F 49 1.09 17.47 -11.99
C TYR F 49 0.96 17.71 -10.48
N GLY F 50 -0.11 17.15 -9.93
CA GLY F 50 -0.41 17.26 -8.52
C GLY F 50 -0.51 18.71 -8.07
N ALA F 51 -1.17 19.52 -8.91
CA ALA F 51 -1.59 20.89 -8.59
C ALA F 51 -0.41 21.88 -8.66
N SER F 52 0.72 21.51 -8.04
CA SER F 52 1.84 22.44 -7.82
C SER F 52 3.18 21.90 -8.34
N ASN F 53 3.31 20.58 -8.51
CA ASN F 53 4.60 20.01 -8.89
C ASN F 53 4.86 20.29 -10.36
N LEU F 54 6.05 20.80 -10.66
CA LEU F 54 6.43 21.16 -12.00
C LEU F 54 7.00 19.93 -12.70
N GLN F 55 6.46 19.61 -13.87
CA GLN F 55 6.96 18.52 -14.68
C GLN F 55 8.40 18.83 -15.07
N THR F 56 9.23 17.79 -15.05
CA THR F 56 10.62 17.86 -15.49
C THR F 56 10.66 18.38 -16.93
N GLY F 57 11.68 19.20 -17.22
CA GLY F 57 11.97 19.66 -18.57
C GLY F 57 11.00 20.74 -19.03
N ILE F 58 10.35 21.41 -18.08
CA ILE F 58 9.49 22.55 -18.37
C ILE F 58 9.91 23.71 -17.49
N PRO F 59 10.14 24.90 -18.07
CA PRO F 59 10.87 25.98 -17.39
C PRO F 59 10.12 26.53 -16.17
N SER F 60 10.90 27.09 -15.25
CA SER F 60 10.45 27.38 -13.91
C SER F 60 9.42 28.52 -13.92
N ARG F 61 9.36 29.26 -15.05
CA ARG F 61 8.44 30.38 -15.19
C ARG F 61 6.99 29.89 -15.06
N PHE F 62 6.75 28.61 -15.40
CA PHE F 62 5.49 27.92 -15.07
C PHE F 62 5.49 27.50 -13.60
N SER F 63 4.37 27.78 -12.93
CA SER F 63 4.14 27.32 -11.58
C SER F 63 2.65 27.35 -11.26
N GLY F 64 2.17 26.29 -10.61
CA GLY F 64 0.77 26.12 -10.25
C GLY F 64 0.60 26.06 -8.75
N SER F 65 -0.64 26.31 -8.32
CA SER F 65 -1.01 26.22 -6.92
C SER F 65 -2.52 26.08 -6.79
N GLY F 66 -2.97 25.90 -5.55
CA GLY F 66 -4.37 25.65 -5.21
C GLY F 66 -4.52 24.39 -4.37
N TYR F 67 -5.72 24.21 -3.83
CA TYR F 67 -6.09 23.04 -3.05
C TYR F 67 -7.62 22.97 -2.97
N GLY F 68 -8.19 21.78 -3.15
CA GLY F 68 -9.63 21.58 -2.98
C GLY F 68 -10.40 21.79 -4.27
N THR F 69 -10.99 22.98 -4.43
CA THR F 69 -11.85 23.30 -5.57
C THR F 69 -11.15 24.28 -6.52
N ASP F 70 -10.43 25.26 -5.97
CA ASP F 70 -9.94 26.44 -6.71
C ASP F 70 -8.41 26.39 -6.88
N PHE F 71 -7.98 26.30 -8.14
CA PHE F 71 -6.57 26.23 -8.50
C PHE F 71 -6.24 27.33 -9.51
N SER F 72 -4.95 27.50 -9.77
CA SER F 72 -4.44 28.56 -10.60
C SER F 72 -3.04 28.22 -11.10
N LEU F 73 -2.83 28.45 -12.40
CA LEU F 73 -1.55 28.27 -13.06
C LEU F 73 -1.00 29.63 -13.46
N THR F 74 0.29 29.87 -13.16
CA THR F 74 0.95 31.16 -13.38
C THR F 74 2.18 31.00 -14.28
N ILE F 75 2.25 31.83 -15.32
CA ILE F 75 3.43 31.95 -16.18
C ILE F 75 4.11 33.29 -15.90
N ASN F 76 5.39 33.26 -15.51
CA ASN F 76 6.09 34.42 -14.95
C ASN F 76 6.46 35.41 -16.07
N SER F 77 6.99 34.89 -17.18
CA SER F 77 7.70 35.71 -18.17
C SER F 77 7.45 35.17 -19.59
N LEU F 78 6.33 35.58 -20.20
CA LEU F 78 5.83 34.98 -21.44
C LEU F 78 6.88 35.10 -22.53
N ASP F 79 7.31 33.96 -23.07
CA ASP F 79 7.92 33.92 -24.38
C ASP F 79 6.81 33.75 -25.41
N SER F 80 7.19 33.95 -26.67
CA SER F 80 6.31 33.88 -27.82
C SER F 80 5.78 32.45 -28.00
N GLU F 81 6.50 31.47 -27.42
CA GLU F 81 6.28 30.04 -27.60
C GLU F 81 5.13 29.54 -26.71
N ASP F 82 4.67 30.39 -25.78
CA ASP F 82 3.72 30.03 -24.74
C ASP F 82 2.28 30.07 -25.27
N VAL F 83 2.11 30.48 -26.53
CA VAL F 83 0.81 30.46 -27.20
C VAL F 83 0.23 29.05 -27.10
N GLY F 84 -1.09 28.98 -27.00
CA GLY F 84 -1.85 27.75 -27.07
C GLY F 84 -3.15 27.84 -26.28
N THR F 85 -3.91 26.75 -26.27
CA THR F 85 -5.06 26.56 -25.38
C THR F 85 -4.60 25.73 -24.17
N TYR F 86 -5.07 26.09 -22.97
CA TYR F 86 -4.66 25.41 -21.75
C TYR F 86 -5.86 24.66 -21.16
N PHE F 87 -5.59 23.50 -20.55
CA PHE F 87 -6.64 22.67 -19.93
C PHE F 87 -6.21 22.26 -18.51
N CYS F 88 -7.22 22.09 -17.66
CA CYS F 88 -7.04 21.42 -16.40
C CYS F 88 -7.80 20.09 -16.44
N GLN F 89 -7.24 19.05 -15.80
CA GLN F 89 -7.94 17.77 -15.67
C GLN F 89 -7.77 17.23 -14.25
N GLN F 90 -8.81 16.53 -13.77
CA GLN F 90 -8.88 16.06 -12.38
C GLN F 90 -8.66 14.55 -12.34
N GLY F 91 -8.26 14.06 -11.17
CA GLY F 91 -7.62 12.75 -11.01
C GLY F 91 -8.62 11.64 -10.79
N TYR F 92 -9.71 11.96 -10.08
CA TYR F 92 -10.73 11.02 -9.69
C TYR F 92 -11.51 10.59 -10.94
N THR F 93 -12.03 9.36 -10.92
CA THR F 93 -12.82 8.82 -12.00
C THR F 93 -14.25 9.33 -11.90
N PRO F 94 -14.94 9.50 -13.06
CA PRO F 94 -14.26 9.61 -14.34
C PRO F 94 -13.42 10.89 -14.40
N ARG F 95 -12.25 10.79 -15.04
CA ARG F 95 -11.33 11.89 -15.16
C ARG F 95 -11.87 12.83 -16.23
N THR F 96 -12.08 14.09 -15.84
CA THR F 96 -12.66 15.11 -16.68
C THR F 96 -11.61 16.19 -16.93
N PHE F 97 -11.81 16.95 -18.00
CA PHE F 97 -10.92 18.05 -18.38
C PHE F 97 -11.65 19.39 -18.24
N GLY F 98 -10.88 20.47 -18.32
CA GLY F 98 -11.42 21.81 -18.46
C GLY F 98 -11.93 22.06 -19.87
N PRO F 99 -12.71 23.13 -20.10
CA PRO F 99 -13.25 23.43 -21.42
C PRO F 99 -12.19 24.05 -22.35
N GLY F 100 -11.09 24.54 -21.77
CA GLY F 100 -10.01 25.19 -22.51
C GLY F 100 -9.90 26.68 -22.20
N THR F 101 -8.70 27.24 -22.39
CA THR F 101 -8.41 28.64 -22.09
C THR F 101 -7.31 29.12 -23.04
N LYS F 102 -7.70 29.95 -24.02
CA LYS F 102 -6.83 30.31 -25.13
C LYS F 102 -6.05 31.56 -24.75
N LEU F 103 -4.74 31.50 -25.00
CA LEU F 103 -3.79 32.51 -24.65
C LEU F 103 -3.14 33.04 -25.94
N GLU F 104 -3.54 34.26 -26.34
CA GLU F 104 -2.89 34.98 -27.41
C GLU F 104 -1.75 35.82 -26.81
N ILE F 105 -0.66 35.93 -27.57
CA ILE F 105 0.45 36.76 -27.20
C ILE F 105 0.45 37.98 -28.11
N LYS F 106 0.32 39.15 -27.48
CA LYS F 106 0.34 40.43 -28.15
C LYS F 106 1.76 40.78 -28.56
N ARG F 107 1.85 41.63 -29.57
CA ARG F 107 3.11 42.08 -30.14
C ARG F 107 2.88 43.39 -30.90
N ALA F 108 3.98 44.00 -31.35
CA ALA F 108 3.95 45.13 -32.27
C ALA F 108 3.19 44.71 -33.54
N ASP F 109 2.26 45.56 -33.98
CA ASP F 109 1.52 45.34 -35.22
C ASP F 109 2.52 45.02 -36.35
N ALA F 110 2.13 44.08 -37.22
CA ALA F 110 2.94 43.67 -38.35
C ALA F 110 2.11 43.76 -39.62
N LYS F 111 2.78 44.09 -40.73
CA LYS F 111 2.13 44.35 -42.02
C LYS F 111 1.99 43.03 -42.79
N PRO F 112 0.80 42.70 -43.33
CA PRO F 112 0.60 41.45 -44.08
C PRO F 112 1.48 41.43 -45.34
N THR F 113 1.50 40.30 -46.04
CA THR F 113 2.23 40.15 -47.28
C THR F 113 1.35 39.43 -48.30
N VAL F 114 0.66 40.23 -49.12
CA VAL F 114 -0.31 39.72 -50.05
C VAL F 114 0.45 39.27 -51.31
N SER F 115 0.11 38.05 -51.76
CA SER F 115 0.54 37.52 -53.03
C SER F 115 -0.64 36.74 -53.62
N ILE F 116 -0.94 37.07 -54.88
CA ILE F 116 -2.10 36.55 -55.56
C ILE F 116 -1.62 35.56 -56.64
N PHE F 117 -2.47 34.57 -56.92
CA PHE F 117 -2.15 33.47 -57.80
C PHE F 117 -3.31 33.24 -58.76
N PRO F 118 -3.00 32.88 -60.01
CA PRO F 118 -4.01 32.41 -60.97
C PRO F 118 -4.47 30.98 -60.74
N PRO F 119 -5.50 30.50 -61.48
CA PRO F 119 -5.77 29.07 -61.57
C PRO F 119 -4.68 28.40 -62.42
N SER F 120 -4.22 27.24 -61.96
CA SER F 120 -3.22 26.44 -62.66
C SER F 120 -3.75 26.05 -64.05
N SER F 121 -2.82 25.79 -64.97
CA SER F 121 -3.14 25.18 -66.25
C SER F 121 -3.91 23.87 -66.03
N GLU F 122 -3.41 23.04 -65.11
CA GLU F 122 -3.90 21.69 -64.86
C GLU F 122 -5.37 21.75 -64.43
N GLN F 123 -5.63 22.64 -63.46
CA GLN F 123 -6.97 22.93 -63.01
C GLN F 123 -7.84 23.31 -64.21
N LEU F 124 -7.41 24.36 -64.93
CA LEU F 124 -8.15 24.87 -66.08
C LEU F 124 -8.53 23.70 -67.00
N GLY F 125 -7.64 22.70 -67.12
CA GLY F 125 -7.90 21.43 -67.81
C GLY F 125 -9.24 20.81 -67.42
N THR F 126 -9.51 20.77 -66.11
CA THR F 126 -10.67 20.07 -65.55
C THR F 126 -11.98 20.82 -65.84
N GLY F 127 -11.88 22.10 -66.21
CA GLY F 127 -13.03 22.95 -66.49
C GLY F 127 -13.41 23.85 -65.31
N SER F 128 -12.55 23.87 -64.28
CA SER F 128 -12.73 24.74 -63.11
C SER F 128 -11.59 25.76 -63.04
N ALA F 129 -11.81 26.85 -62.30
CA ALA F 129 -10.85 27.95 -62.19
C ALA F 129 -11.00 28.63 -60.81
N THR F 130 -10.01 28.40 -59.95
CA THR F 130 -9.98 28.88 -58.58
C THR F 130 -8.70 29.71 -58.38
N LEU F 131 -8.89 30.93 -57.86
CA LEU F 131 -7.81 31.87 -57.65
C LEU F 131 -7.56 31.99 -56.14
N VAL F 132 -6.28 32.12 -55.77
CA VAL F 132 -5.86 32.02 -54.39
C VAL F 132 -5.13 33.30 -54.03
N CYS F 133 -5.27 33.70 -52.76
CA CYS F 133 -4.67 34.90 -52.25
C CYS F 133 -4.19 34.63 -50.82
N PHE F 134 -2.88 34.69 -50.63
CA PHE F 134 -2.25 34.50 -49.34
C PHE F 134 -1.92 35.86 -48.71
N VAL F 135 -2.50 36.10 -47.53
CA VAL F 135 -2.19 37.25 -46.71
C VAL F 135 -1.50 36.76 -45.42
N ASN F 136 -0.17 36.82 -45.41
CA ASN F 136 0.65 36.09 -44.44
C ASN F 136 1.30 37.07 -43.47
N ASN F 137 1.23 36.75 -42.18
CA ASN F 137 2.15 37.24 -41.15
C ASN F 137 1.81 38.69 -40.84
N PHE F 138 0.75 38.89 -40.07
CA PHE F 138 0.27 40.20 -39.71
C PHE F 138 -0.16 40.19 -38.25
N TYR F 139 -0.52 41.37 -37.74
CA TYR F 139 -1.04 41.52 -36.41
C TYR F 139 -1.67 42.91 -36.29
N PRO F 140 -2.87 43.07 -35.70
CA PRO F 140 -3.53 42.02 -34.93
C PRO F 140 -4.26 41.01 -35.81
N LYS F 141 -4.99 40.11 -35.17
CA LYS F 141 -5.78 39.10 -35.85
C LYS F 141 -6.77 39.80 -36.80
N ASP F 142 -7.41 40.87 -36.33
CA ASP F 142 -8.56 41.46 -37.02
C ASP F 142 -8.11 42.00 -38.38
N ILE F 143 -8.86 41.59 -39.42
CA ILE F 143 -8.54 41.88 -40.84
C ILE F 143 -9.76 41.53 -41.71
N ASN F 144 -9.88 42.21 -42.86
CA ASN F 144 -10.89 41.92 -43.86
C ASN F 144 -10.23 41.81 -45.23
N VAL F 145 -10.71 40.84 -46.01
CA VAL F 145 -10.27 40.62 -47.38
C VAL F 145 -11.50 40.61 -48.28
N LYS F 146 -11.36 41.20 -49.47
CA LYS F 146 -12.41 41.26 -50.48
C LYS F 146 -11.83 40.90 -51.84
N TRP F 147 -12.66 40.24 -52.65
CA TRP F 147 -12.33 39.97 -54.02
C TRP F 147 -12.99 41.01 -54.92
N LYS F 148 -12.38 41.28 -56.07
CA LYS F 148 -12.89 42.22 -57.04
C LYS F 148 -12.63 41.71 -58.45
N VAL F 149 -13.71 41.51 -59.20
CA VAL F 149 -13.67 41.22 -60.61
C VAL F 149 -14.01 42.50 -61.38
N ASP F 150 -13.02 43.00 -62.13
CA ASP F 150 -13.17 44.19 -62.99
C ASP F 150 -13.63 45.38 -62.12
N GLY F 151 -12.99 45.50 -60.95
CA GLY F 151 -13.19 46.61 -60.03
C GLY F 151 -14.51 46.53 -59.28
N SER F 152 -15.17 45.37 -59.33
CA SER F 152 -16.49 45.18 -58.78
C SER F 152 -16.47 44.04 -57.77
N GLU F 153 -16.91 44.35 -56.54
CA GLU F 153 -16.80 43.42 -55.44
C GLU F 153 -17.50 42.11 -55.81
N LYS F 154 -16.93 41.01 -55.30
CA LYS F 154 -17.39 39.65 -55.57
C LYS F 154 -17.35 38.89 -54.23
N ARG F 155 -18.44 38.15 -53.92
CA ARG F 155 -18.51 37.34 -52.70
C ARG F 155 -19.15 35.96 -52.97
N ASP F 156 -19.12 35.52 -54.23
CA ASP F 156 -19.75 34.27 -54.67
C ASP F 156 -18.67 33.25 -55.05
N GLY F 157 -18.51 32.21 -54.23
CA GLY F 157 -17.42 31.27 -54.33
C GLY F 157 -16.13 31.86 -53.77
N VAL F 158 -16.29 32.72 -52.75
CA VAL F 158 -15.19 33.15 -51.88
C VAL F 158 -15.17 32.27 -50.63
N LEU F 159 -14.01 31.72 -50.28
CA LEU F 159 -13.83 31.00 -49.01
C LEU F 159 -12.41 31.21 -48.48
N GLN F 160 -12.28 31.37 -47.16
CA GLN F 160 -11.00 31.62 -46.51
C GLN F 160 -10.93 30.84 -45.20
N SER F 161 -9.70 30.52 -44.79
CA SER F 161 -9.41 30.18 -43.42
C SER F 161 -8.20 30.99 -42.97
N VAL F 162 -7.84 30.83 -41.70
CA VAL F 162 -6.78 31.58 -41.06
C VAL F 162 -6.08 30.69 -40.02
N THR F 163 -4.74 30.77 -39.99
CA THR F 163 -3.95 29.98 -39.07
C THR F 163 -4.03 30.59 -37.67
N ASP F 164 -3.67 29.76 -36.70
CA ASP F 164 -3.57 30.15 -35.30
C ASP F 164 -2.23 30.88 -35.08
N GLN F 165 -2.18 31.69 -34.03
CA GLN F 165 -1.06 32.57 -33.75
C GLN F 165 0.21 31.72 -33.75
N ASP F 166 1.14 32.02 -34.67
CA ASP F 166 2.35 31.24 -34.80
C ASP F 166 3.15 31.29 -33.48
N SER F 167 3.78 30.16 -33.16
CA SER F 167 4.53 29.96 -31.92
C SER F 167 5.74 30.91 -31.90
N LYS F 168 6.42 31.03 -33.05
CA LYS F 168 7.69 31.74 -33.14
C LYS F 168 7.45 33.25 -33.04
N ASP F 169 6.66 33.79 -33.98
CA ASP F 169 6.61 35.25 -34.23
C ASP F 169 5.23 35.82 -33.87
N SER F 170 4.38 35.00 -33.22
CA SER F 170 3.01 35.37 -32.86
C SER F 170 2.37 36.28 -33.92
N THR F 171 2.35 35.79 -35.16
CA THR F 171 1.56 36.37 -36.25
C THR F 171 0.47 35.39 -36.71
N TYR F 172 -0.50 35.93 -37.46
CA TYR F 172 -1.56 35.16 -38.11
C TYR F 172 -1.32 35.17 -39.62
N SER F 173 -2.04 34.29 -40.34
CA SER F 173 -2.09 34.28 -41.79
C SER F 173 -3.49 33.90 -42.26
N LEU F 174 -3.83 34.32 -43.49
CA LEU F 174 -5.13 34.07 -44.09
C LEU F 174 -4.93 33.50 -45.50
N SER F 175 -5.90 32.72 -45.95
CA SER F 175 -5.95 32.26 -47.33
C SER F 175 -7.39 32.33 -47.85
N SER F 176 -7.66 33.36 -48.67
CA SER F 176 -8.94 33.51 -49.35
C SER F 176 -8.79 33.01 -50.79
N THR F 177 -9.82 32.31 -51.25
CA THR F 177 -9.90 31.73 -52.57
C THR F 177 -11.16 32.23 -53.27
N LEU F 178 -11.13 32.14 -54.61
CA LEU F 178 -12.24 32.51 -55.45
C LEU F 178 -12.47 31.41 -56.48
N SER F 179 -13.60 30.71 -56.35
CA SER F 179 -13.89 29.55 -57.17
C SER F 179 -14.88 29.93 -58.26
N LEU F 180 -14.52 29.61 -59.51
CA LEU F 180 -15.31 29.94 -60.70
C LEU F 180 -15.28 28.75 -61.66
N THR F 181 -16.24 28.73 -62.59
CA THR F 181 -16.19 27.91 -63.80
C THR F 181 -15.10 28.50 -64.73
N LYS F 182 -14.52 27.64 -65.57
CA LYS F 182 -13.59 28.08 -66.60
C LYS F 182 -14.24 29.17 -67.46
N ALA F 183 -15.53 28.99 -67.79
CA ALA F 183 -16.29 29.87 -68.68
C ALA F 183 -16.42 31.28 -68.07
N ASP F 184 -16.79 31.34 -66.78
CA ASP F 184 -17.04 32.60 -66.05
C ASP F 184 -15.73 33.31 -65.70
N TYR F 185 -14.65 32.53 -65.64
CA TYR F 185 -13.31 33.07 -65.49
C TYR F 185 -12.91 33.79 -66.78
N GLU F 186 -13.10 33.12 -67.92
CA GLU F 186 -12.65 33.63 -69.21
C GLU F 186 -13.44 34.90 -69.56
N ARG F 187 -14.71 34.94 -69.15
CA ARG F 187 -15.60 36.05 -69.49
C ARG F 187 -15.02 37.39 -69.03
N HIS F 188 -14.56 37.47 -67.78
CA HIS F 188 -14.01 38.71 -67.19
C HIS F 188 -12.48 38.74 -67.33
N ASN F 189 -11.90 39.90 -67.01
CA ASN F 189 -10.52 40.25 -67.34
C ASN F 189 -9.69 40.25 -66.05
N LEU F 190 -9.93 41.25 -65.18
CA LEU F 190 -8.97 41.70 -64.13
C LEU F 190 -9.50 41.34 -62.73
N TYR F 191 -8.67 40.60 -61.98
CA TYR F 191 -9.04 39.96 -60.72
C TYR F 191 -8.15 40.52 -59.60
N THR F 192 -8.81 40.90 -58.48
CA THR F 192 -8.24 41.83 -57.50
C THR F 192 -8.54 41.34 -56.09
N CYS F 193 -7.47 41.33 -55.27
CA CYS F 193 -7.49 40.79 -53.92
C CYS F 193 -7.23 41.95 -52.95
N GLU F 194 -8.30 42.44 -52.32
CA GLU F 194 -8.28 43.72 -51.64
C GLU F 194 -8.39 43.48 -50.14
N VAL F 195 -7.42 44.03 -49.40
CA VAL F 195 -7.14 43.64 -48.02
C VAL F 195 -7.16 44.90 -47.15
N THR F 196 -8.02 44.87 -46.13
CA THR F 196 -8.16 45.95 -45.16
C THR F 196 -7.52 45.55 -43.83
N HIS F 197 -6.45 46.24 -43.42
CA HIS F 197 -5.78 45.96 -42.15
C HIS F 197 -5.42 47.27 -41.43
N LYS F 198 -5.27 47.15 -40.10
CA LYS F 198 -4.95 48.24 -39.18
C LYS F 198 -3.64 48.95 -39.57
N THR F 199 -2.71 48.22 -40.18
CA THR F 199 -1.31 48.67 -40.35
C THR F 199 -1.21 49.76 -41.43
N SER F 200 -1.63 49.42 -42.66
CA SER F 200 -1.71 50.39 -43.74
C SER F 200 -3.03 51.17 -43.65
N THR F 201 -3.01 52.43 -44.12
CA THR F 201 -4.14 53.37 -44.06
C THR F 201 -5.13 53.08 -45.19
N ALA F 202 -4.59 52.85 -46.41
CA ALA F 202 -5.35 52.36 -47.57
C ALA F 202 -5.18 50.84 -47.72
N ALA F 203 -6.13 50.24 -48.44
CA ALA F 203 -6.24 48.78 -48.60
C ALA F 203 -5.10 48.25 -49.47
N ILE F 204 -4.46 47.16 -49.03
CA ILE F 204 -3.35 46.49 -49.72
C ILE F 204 -3.95 45.59 -50.80
N VAL F 205 -3.53 45.82 -52.04
CA VAL F 205 -4.18 45.28 -53.22
C VAL F 205 -3.10 44.67 -54.12
N LYS F 206 -3.30 43.41 -54.50
CA LYS F 206 -2.66 42.83 -55.67
C LYS F 206 -3.72 42.48 -56.70
N THR F 207 -3.32 42.55 -57.97
CA THR F 207 -4.21 42.38 -59.10
C THR F 207 -3.61 41.35 -60.06
N LEU F 208 -4.49 40.74 -60.84
CA LEU F 208 -4.13 39.74 -61.82
C LEU F 208 -4.61 40.19 -63.21
N ASN F 209 -3.66 40.48 -64.10
CA ASN F 209 -3.96 40.61 -65.51
C ASN F 209 -4.03 39.20 -66.11
N ARG F 210 -5.26 38.74 -66.35
CA ARG F 210 -5.53 37.47 -67.02
C ARG F 210 -5.06 37.51 -68.48
N ASN F 211 -5.27 38.68 -69.12
CA ASN F 211 -4.92 38.96 -70.51
C ASN F 211 -3.55 39.67 -70.55
K K G . 0.78 12.42 13.68
K K H . 2.67 16.87 18.20
K K I . 3.84 19.03 20.26
K K J . 4.66 21.31 22.06
K K K . 5.98 23.83 24.49
K K L . 7.74 27.85 28.29
#